data_8WR5
# 
_entry.id   8WR5 
# 
_audit_conform.dict_name       mmcif_pdbx.dic 
_audit_conform.dict_version    5.380 
_audit_conform.dict_location   http://mmcif.pdb.org/dictionaries/ascii/mmcif_pdbx.dic 
# 
loop_
_database_2.database_id 
_database_2.database_code 
_database_2.pdbx_database_accession 
_database_2.pdbx_DOI 
PDB   8WR5         pdb_00008wr5 10.2210/pdb8wr5/pdb 
WWPDB D_1300041853 ?            ?                   
# 
_pdbx_database_status.status_code                     REL 
_pdbx_database_status.status_code_sf                  REL 
_pdbx_database_status.status_code_mr                  ? 
_pdbx_database_status.entry_id                        8WR5 
_pdbx_database_status.recvd_initial_deposition_date   2023-10-13 
_pdbx_database_status.SG_entry                        N 
_pdbx_database_status.deposit_site                    PDBJ 
_pdbx_database_status.process_site                    PDBC 
_pdbx_database_status.status_code_cs                  ? 
_pdbx_database_status.status_code_nmr_data            ? 
_pdbx_database_status.methods_development_category    ? 
_pdbx_database_status.pdb_format_compatible           Y 
# 
loop_
_audit_author.name 
_audit_author.pdbx_ordinal 
_audit_author.identifier_ORCID 
'Wang, F.'  1 ? 
'Cheng, W.' 2 ? 
'Yuan, Z.'  3 ? 
'Lin, D.'   4 ? 
'Guo, S.'   5 ? 
# 
_citation.abstract                  ? 
_citation.abstract_id_CAS           ? 
_citation.book_id_ISBN              ? 
_citation.book_publisher            ? 
_citation.book_publisher_city       ? 
_citation.book_title                ? 
_citation.coordinate_linkage        ? 
_citation.country                   ? 
_citation.database_id_Medline       ? 
_citation.details                   ? 
_citation.id                        primary 
_citation.journal_abbrev            'To Be Published' 
_citation.journal_id_ASTM           ? 
_citation.journal_id_CSD            0353 
_citation.journal_id_ISSN           ? 
_citation.journal_full              ? 
_citation.journal_issue             ? 
_citation.journal_volume            ? 
_citation.language                  ? 
_citation.page_first                ? 
_citation.page_last                 ? 
_citation.title                     'The Crystal Structure of Mms2 from Biortus.' 
_citation.year                      ? 
_citation.database_id_CSD           ? 
_citation.pdbx_database_id_DOI      ? 
_citation.pdbx_database_id_PubMed   ? 
_citation.pdbx_database_id_patent   ? 
_citation.unpublished_flag          ? 
# 
loop_
_citation_author.citation_id 
_citation_author.name 
_citation_author.ordinal 
_citation_author.identifier_ORCID 
primary 'Wang, F.'  1 ? 
primary 'Cheng, W.' 2 ? 
primary 'Yuan, Z.'  3 ? 
primary 'Lin, D.'   4 ? 
primary 'Guo, S.'   5 ? 
# 
_cell.angle_alpha                  90.000 
_cell.angle_alpha_esd              ? 
_cell.angle_beta                   90.000 
_cell.angle_beta_esd               ? 
_cell.angle_gamma                  90.000 
_cell.angle_gamma_esd              ? 
_cell.entry_id                     8WR5 
_cell.details                      ? 
_cell.formula_units_Z              ? 
_cell.length_a                     41.967 
_cell.length_a_esd                 ? 
_cell.length_b                     53.686 
_cell.length_b_esd                 ? 
_cell.length_c                     108.203 
_cell.length_c_esd                 ? 
_cell.volume                       ? 
_cell.volume_esd                   ? 
_cell.Z_PDB                        8 
_cell.reciprocal_angle_alpha       ? 
_cell.reciprocal_angle_beta        ? 
_cell.reciprocal_angle_gamma       ? 
_cell.reciprocal_angle_alpha_esd   ? 
_cell.reciprocal_angle_beta_esd    ? 
_cell.reciprocal_angle_gamma_esd   ? 
_cell.reciprocal_length_a          ? 
_cell.reciprocal_length_b          ? 
_cell.reciprocal_length_c          ? 
_cell.reciprocal_length_a_esd      ? 
_cell.reciprocal_length_b_esd      ? 
_cell.reciprocal_length_c_esd      ? 
_cell.pdbx_unique_axis             ? 
_cell.pdbx_esd_method              ? 
# 
_symmetry.entry_id                         8WR5 
_symmetry.cell_setting                     ? 
_symmetry.Int_Tables_number                20 
_symmetry.space_group_name_Hall            ? 
_symmetry.space_group_name_H-M             'C 2 2 21' 
_symmetry.pdbx_full_space_group_name_H-M   ? 
# 
loop_
_entity.id 
_entity.type 
_entity.src_method 
_entity.pdbx_description 
_entity.formula_weight 
_entity.pdbx_number_of_molecules 
_entity.pdbx_ec 
_entity.pdbx_mutation 
_entity.pdbx_fragment 
_entity.details 
1 polymer     man 'Ubiquitin-conjugating enzyme E2 variant 2' 16380.731 1  ? ? ? ? 
2 non-polymer syn 'SULFATE ION'                               96.063    1  ? ? ? ? 
3 non-polymer syn 1,2-ETHANEDIOL                              62.068    2  ? ? ? ? 
4 water       nat water                                       18.015    61 ? ? ? ? 
# 
_entity_name_com.entity_id   1 
_entity_name_com.name        
;DDVit 1,Enterocyte differentiation-associated factor 1,EDAF-1,Enterocyte differentiation-promoting factor 1,EDPF-1,MMS2 homolog,Vitamin D3-inducible protein
;
# 
_entity_poly.entity_id                      1 
_entity_poly.type                           'polypeptide(L)' 
_entity_poly.nstd_linkage                   no 
_entity_poly.nstd_monomer                   no 
_entity_poly.pdbx_seq_one_letter_code       
;MAVSTGVKVPRNFRLLEELEEGQKGVGDGTVSWGLEDDEDMTLTRWTGMIIGPPRTNYENRIYSLKVECGPKYPEAPPSV
RFVTKINMNGINNSSGMVDARSIPVLAKWQNSYSIKVVLQELRRLMMSKENMKLPQPPEGQTYNN
;
_entity_poly.pdbx_seq_one_letter_code_can   
;MAVSTGVKVPRNFRLLEELEEGQKGVGDGTVSWGLEDDEDMTLTRWTGMIIGPPRTNYENRIYSLKVECGPKYPEAPPSV
RFVTKINMNGINNSSGMVDARSIPVLAKWQNSYSIKVVLQELRRLMMSKENMKLPQPPEGQTYNN
;
_entity_poly.pdbx_strand_id                 A 
_entity_poly.pdbx_target_identifier         ? 
# 
loop_
_entity_poly_seq.entity_id 
_entity_poly_seq.num 
_entity_poly_seq.mon_id 
_entity_poly_seq.hetero 
1 1   MET n 
1 2   ALA n 
1 3   VAL n 
1 4   SER n 
1 5   THR n 
1 6   GLY n 
1 7   VAL n 
1 8   LYS n 
1 9   VAL n 
1 10  PRO n 
1 11  ARG n 
1 12  ASN n 
1 13  PHE n 
1 14  ARG n 
1 15  LEU n 
1 16  LEU n 
1 17  GLU n 
1 18  GLU n 
1 19  LEU n 
1 20  GLU n 
1 21  GLU n 
1 22  GLY n 
1 23  GLN n 
1 24  LYS n 
1 25  GLY n 
1 26  VAL n 
1 27  GLY n 
1 28  ASP n 
1 29  GLY n 
1 30  THR n 
1 31  VAL n 
1 32  SER n 
1 33  TRP n 
1 34  GLY n 
1 35  LEU n 
1 36  GLU n 
1 37  ASP n 
1 38  ASP n 
1 39  GLU n 
1 40  ASP n 
1 41  MET n 
1 42  THR n 
1 43  LEU n 
1 44  THR n 
1 45  ARG n 
1 46  TRP n 
1 47  THR n 
1 48  GLY n 
1 49  MET n 
1 50  ILE n 
1 51  ILE n 
1 52  GLY n 
1 53  PRO n 
1 54  PRO n 
1 55  ARG n 
1 56  THR n 
1 57  ASN n 
1 58  TYR n 
1 59  GLU n 
1 60  ASN n 
1 61  ARG n 
1 62  ILE n 
1 63  TYR n 
1 64  SER n 
1 65  LEU n 
1 66  LYS n 
1 67  VAL n 
1 68  GLU n 
1 69  CYS n 
1 70  GLY n 
1 71  PRO n 
1 72  LYS n 
1 73  TYR n 
1 74  PRO n 
1 75  GLU n 
1 76  ALA n 
1 77  PRO n 
1 78  PRO n 
1 79  SER n 
1 80  VAL n 
1 81  ARG n 
1 82  PHE n 
1 83  VAL n 
1 84  THR n 
1 85  LYS n 
1 86  ILE n 
1 87  ASN n 
1 88  MET n 
1 89  ASN n 
1 90  GLY n 
1 91  ILE n 
1 92  ASN n 
1 93  ASN n 
1 94  SER n 
1 95  SER n 
1 96  GLY n 
1 97  MET n 
1 98  VAL n 
1 99  ASP n 
1 100 ALA n 
1 101 ARG n 
1 102 SER n 
1 103 ILE n 
1 104 PRO n 
1 105 VAL n 
1 106 LEU n 
1 107 ALA n 
1 108 LYS n 
1 109 TRP n 
1 110 GLN n 
1 111 ASN n 
1 112 SER n 
1 113 TYR n 
1 114 SER n 
1 115 ILE n 
1 116 LYS n 
1 117 VAL n 
1 118 VAL n 
1 119 LEU n 
1 120 GLN n 
1 121 GLU n 
1 122 LEU n 
1 123 ARG n 
1 124 ARG n 
1 125 LEU n 
1 126 MET n 
1 127 MET n 
1 128 SER n 
1 129 LYS n 
1 130 GLU n 
1 131 ASN n 
1 132 MET n 
1 133 LYS n 
1 134 LEU n 
1 135 PRO n 
1 136 GLN n 
1 137 PRO n 
1 138 PRO n 
1 139 GLU n 
1 140 GLY n 
1 141 GLN n 
1 142 THR n 
1 143 TYR n 
1 144 ASN n 
1 145 ASN n 
# 
_entity_src_gen.entity_id                          1 
_entity_src_gen.pdbx_src_id                        1 
_entity_src_gen.pdbx_alt_source_flag               sample 
_entity_src_gen.pdbx_seq_type                      'Biological sequence' 
_entity_src_gen.pdbx_beg_seq_num                   1 
_entity_src_gen.pdbx_end_seq_num                   145 
_entity_src_gen.gene_src_common_name               human 
_entity_src_gen.gene_src_genus                     ? 
_entity_src_gen.pdbx_gene_src_gene                 'UBE2V2, MMS2, UEV2' 
_entity_src_gen.gene_src_species                   ? 
_entity_src_gen.gene_src_strain                    ? 
_entity_src_gen.gene_src_tissue                    ? 
_entity_src_gen.gene_src_tissue_fraction           ? 
_entity_src_gen.gene_src_details                   ? 
_entity_src_gen.pdbx_gene_src_fragment             ? 
_entity_src_gen.pdbx_gene_src_scientific_name      'Homo sapiens' 
_entity_src_gen.pdbx_gene_src_ncbi_taxonomy_id     9606 
_entity_src_gen.pdbx_gene_src_variant              ? 
_entity_src_gen.pdbx_gene_src_cell_line            ? 
_entity_src_gen.pdbx_gene_src_atcc                 ? 
_entity_src_gen.pdbx_gene_src_organ                ? 
_entity_src_gen.pdbx_gene_src_organelle            ? 
_entity_src_gen.pdbx_gene_src_cell                 ? 
_entity_src_gen.pdbx_gene_src_cellular_location    ? 
_entity_src_gen.host_org_common_name               ? 
_entity_src_gen.pdbx_host_org_scientific_name      'Escherichia coli' 
_entity_src_gen.pdbx_host_org_ncbi_taxonomy_id     562 
_entity_src_gen.host_org_genus                     ? 
_entity_src_gen.pdbx_host_org_gene                 ? 
_entity_src_gen.pdbx_host_org_organ                ? 
_entity_src_gen.host_org_species                   ? 
_entity_src_gen.pdbx_host_org_tissue               ? 
_entity_src_gen.pdbx_host_org_tissue_fraction      ? 
_entity_src_gen.pdbx_host_org_strain               ? 
_entity_src_gen.pdbx_host_org_variant              ? 
_entity_src_gen.pdbx_host_org_cell_line            ? 
_entity_src_gen.pdbx_host_org_atcc                 ? 
_entity_src_gen.pdbx_host_org_culture_collection   ? 
_entity_src_gen.pdbx_host_org_cell                 ? 
_entity_src_gen.pdbx_host_org_organelle            ? 
_entity_src_gen.pdbx_host_org_cellular_location    ? 
_entity_src_gen.pdbx_host_org_vector_type          ? 
_entity_src_gen.pdbx_host_org_vector               ? 
_entity_src_gen.host_org_details                   ? 
_entity_src_gen.expression_system_id               ? 
_entity_src_gen.plasmid_name                       ? 
_entity_src_gen.plasmid_details                    ? 
_entity_src_gen.pdbx_description                   ? 
# 
_struct_ref.id                         1 
_struct_ref.db_name                    UNP 
_struct_ref.db_code                    UB2V2_HUMAN 
_struct_ref.pdbx_db_accession          Q15819 
_struct_ref.pdbx_db_isoform            ? 
_struct_ref.entity_id                  1 
_struct_ref.pdbx_seq_one_letter_code   
;MAVSTGVKVPRNFRLLEELEEGQKGVGDGTVSWGLEDDEDMTLTRWTGMIIGPPRTNYENRIYSLKVECGPKYPEAPPSV
RFVTKINMNGINNSSGMVDARSIPVLAKWQNSYSIKVVLQELRRLMMSKENMKLPQPPEGQTYNN
;
_struct_ref.pdbx_align_begin           1 
# 
_struct_ref_seq.align_id                      1 
_struct_ref_seq.ref_id                        1 
_struct_ref_seq.pdbx_PDB_id_code              8WR5 
_struct_ref_seq.pdbx_strand_id                A 
_struct_ref_seq.seq_align_beg                 1 
_struct_ref_seq.pdbx_seq_align_beg_ins_code   ? 
_struct_ref_seq.seq_align_end                 145 
_struct_ref_seq.pdbx_seq_align_end_ins_code   ? 
_struct_ref_seq.pdbx_db_accession             Q15819 
_struct_ref_seq.db_align_beg                  1 
_struct_ref_seq.pdbx_db_align_beg_ins_code    ? 
_struct_ref_seq.db_align_end                  145 
_struct_ref_seq.pdbx_db_align_end_ins_code    ? 
_struct_ref_seq.pdbx_auth_seq_align_beg       1 
_struct_ref_seq.pdbx_auth_seq_align_end       145 
# 
loop_
_chem_comp.id 
_chem_comp.type 
_chem_comp.mon_nstd_flag 
_chem_comp.name 
_chem_comp.pdbx_synonyms 
_chem_comp.formula 
_chem_comp.formula_weight 
ALA 'L-peptide linking' y ALANINE         ?                 'C3 H7 N O2'     89.093  
ARG 'L-peptide linking' y ARGININE        ?                 'C6 H15 N4 O2 1' 175.209 
ASN 'L-peptide linking' y ASPARAGINE      ?                 'C4 H8 N2 O3'    132.118 
ASP 'L-peptide linking' y 'ASPARTIC ACID' ?                 'C4 H7 N O4'     133.103 
CYS 'L-peptide linking' y CYSTEINE        ?                 'C3 H7 N O2 S'   121.158 
EDO non-polymer         . 1,2-ETHANEDIOL  'ETHYLENE GLYCOL' 'C2 H6 O2'       62.068  
GLN 'L-peptide linking' y GLUTAMINE       ?                 'C5 H10 N2 O3'   146.144 
GLU 'L-peptide linking' y 'GLUTAMIC ACID' ?                 'C5 H9 N O4'     147.129 
GLY 'peptide linking'   y GLYCINE         ?                 'C2 H5 N O2'     75.067  
HOH non-polymer         . WATER           ?                 'H2 O'           18.015  
ILE 'L-peptide linking' y ISOLEUCINE      ?                 'C6 H13 N O2'    131.173 
LEU 'L-peptide linking' y LEUCINE         ?                 'C6 H13 N O2'    131.173 
LYS 'L-peptide linking' y LYSINE          ?                 'C6 H15 N2 O2 1' 147.195 
MET 'L-peptide linking' y METHIONINE      ?                 'C5 H11 N O2 S'  149.211 
PHE 'L-peptide linking' y PHENYLALANINE   ?                 'C9 H11 N O2'    165.189 
PRO 'L-peptide linking' y PROLINE         ?                 'C5 H9 N O2'     115.130 
SER 'L-peptide linking' y SERINE          ?                 'C3 H7 N O3'     105.093 
SO4 non-polymer         . 'SULFATE ION'   ?                 'O4 S -2'        96.063  
THR 'L-peptide linking' y THREONINE       ?                 'C4 H9 N O3'     119.119 
TRP 'L-peptide linking' y TRYPTOPHAN      ?                 'C11 H12 N2 O2'  204.225 
TYR 'L-peptide linking' y TYROSINE        ?                 'C9 H11 N O3'    181.189 
VAL 'L-peptide linking' y VALINE          ?                 'C5 H11 N O2'    117.146 
# 
_exptl.absorpt_coefficient_mu     ? 
_exptl.absorpt_correction_T_max   ? 
_exptl.absorpt_correction_T_min   ? 
_exptl.absorpt_correction_type    ? 
_exptl.absorpt_process_details    ? 
_exptl.entry_id                   8WR5 
_exptl.crystals_number            1 
_exptl.details                    ? 
_exptl.method                     'X-RAY DIFFRACTION' 
_exptl.method_details             ? 
# 
_exptl_crystal.colour                       ? 
_exptl_crystal.density_diffrn               ? 
_exptl_crystal.density_Matthews             1.86 
_exptl_crystal.density_method               ? 
_exptl_crystal.density_percent_sol          33.88 
_exptl_crystal.description                  ? 
_exptl_crystal.F_000                        ? 
_exptl_crystal.id                           1 
_exptl_crystal.preparation                  ? 
_exptl_crystal.size_max                     ? 
_exptl_crystal.size_mid                     ? 
_exptl_crystal.size_min                     ? 
_exptl_crystal.size_rad                     ? 
_exptl_crystal.colour_lustre                ? 
_exptl_crystal.colour_modifier              ? 
_exptl_crystal.colour_primary               ? 
_exptl_crystal.density_meas                 ? 
_exptl_crystal.density_meas_esd             ? 
_exptl_crystal.density_meas_gt              ? 
_exptl_crystal.density_meas_lt              ? 
_exptl_crystal.density_meas_temp            ? 
_exptl_crystal.density_meas_temp_esd        ? 
_exptl_crystal.density_meas_temp_gt         ? 
_exptl_crystal.density_meas_temp_lt         ? 
_exptl_crystal.pdbx_crystal_image_url       ? 
_exptl_crystal.pdbx_crystal_image_format    ? 
_exptl_crystal.pdbx_mosaicity               ? 
_exptl_crystal.pdbx_mosaicity_esd           ? 
_exptl_crystal.pdbx_mosaic_method           ? 
_exptl_crystal.pdbx_mosaic_block_size       ? 
_exptl_crystal.pdbx_mosaic_block_size_esd   ? 
# 
_exptl_crystal_grow.apparatus       ? 
_exptl_crystal_grow.atmosphere      ? 
_exptl_crystal_grow.crystal_id      1 
_exptl_crystal_grow.details         ? 
_exptl_crystal_grow.method          'VAPOR DIFFUSION, SITTING DROP' 
_exptl_crystal_grow.method_ref      ? 
_exptl_crystal_grow.pH              ? 
_exptl_crystal_grow.pressure        ? 
_exptl_crystal_grow.pressure_esd    ? 
_exptl_crystal_grow.seeding         ? 
_exptl_crystal_grow.seeding_ref     ? 
_exptl_crystal_grow.temp_details    ? 
_exptl_crystal_grow.temp_esd        ? 
_exptl_crystal_grow.time            ? 
_exptl_crystal_grow.pdbx_details    '0.2 M Li2SO4,0.1 M NaAC pH5.5,10% PEG 1000,10% PEG 8000' 
_exptl_crystal_grow.pdbx_pH_range   ? 
_exptl_crystal_grow.temp            293 
# 
_diffrn.ambient_environment              ? 
_diffrn.ambient_temp                     100 
_diffrn.ambient_temp_details             ? 
_diffrn.ambient_temp_esd                 ? 
_diffrn.crystal_id                       1 
_diffrn.crystal_support                  ? 
_diffrn.crystal_treatment                ? 
_diffrn.details                          ? 
_diffrn.id                               1 
_diffrn.ambient_pressure                 ? 
_diffrn.ambient_pressure_esd             ? 
_diffrn.ambient_pressure_gt              ? 
_diffrn.ambient_pressure_lt              ? 
_diffrn.ambient_temp_gt                  ? 
_diffrn.ambient_temp_lt                  ? 
_diffrn.pdbx_serial_crystal_experiment   N 
# 
_diffrn_detector.details                      ? 
_diffrn_detector.detector                     PIXEL 
_diffrn_detector.diffrn_id                    1 
_diffrn_detector.type                         'DECTRIS EIGER X 9M' 
_diffrn_detector.area_resol_mean              ? 
_diffrn_detector.dtime                        ? 
_diffrn_detector.pdbx_frames_total            ? 
_diffrn_detector.pdbx_collection_time_total   ? 
_diffrn_detector.pdbx_collection_date         2023-04-22 
_diffrn_detector.pdbx_frequency               ? 
_diffrn_detector.id                           ? 
_diffrn_detector.number_of_axes               ? 
# 
_diffrn_radiation.collimation                      ? 
_diffrn_radiation.diffrn_id                        1 
_diffrn_radiation.filter_edge                      ? 
_diffrn_radiation.inhomogeneity                    ? 
_diffrn_radiation.monochromator                    ? 
_diffrn_radiation.polarisn_norm                    ? 
_diffrn_radiation.polarisn_ratio                   ? 
_diffrn_radiation.probe                            ? 
_diffrn_radiation.type                             ? 
_diffrn_radiation.xray_symbol                      ? 
_diffrn_radiation.wavelength_id                    1 
_diffrn_radiation.pdbx_monochromatic_or_laue_m_l   M 
_diffrn_radiation.pdbx_wavelength_list             ? 
_diffrn_radiation.pdbx_wavelength                  ? 
_diffrn_radiation.pdbx_diffrn_protocol             'SINGLE WAVELENGTH' 
_diffrn_radiation.pdbx_analyzer                    ? 
_diffrn_radiation.pdbx_scattering_type             x-ray 
# 
_diffrn_radiation_wavelength.id           1 
_diffrn_radiation_wavelength.wavelength   0.953685 
_diffrn_radiation_wavelength.wt           1.0 
# 
_diffrn_source.current                     ? 
_diffrn_source.details                     ? 
_diffrn_source.diffrn_id                   1 
_diffrn_source.power                       ? 
_diffrn_source.size                        ? 
_diffrn_source.source                      SYNCHROTRON 
_diffrn_source.target                      ? 
_diffrn_source.type                        'CLSI BEAMLINE 08ID-1' 
_diffrn_source.voltage                     ? 
_diffrn_source.take-off_angle              ? 
_diffrn_source.pdbx_wavelength_list        0.953685 
_diffrn_source.pdbx_wavelength             ? 
_diffrn_source.pdbx_synchrotron_beamline   08ID-1 
_diffrn_source.pdbx_synchrotron_site       CLSI 
# 
_reflns.B_iso_Wilson_estimate                          ? 
_reflns.entry_id                                       8WR5 
_reflns.data_reduction_details                         ? 
_reflns.data_reduction_method                          ? 
_reflns.d_resolution_high                              1.70 
_reflns.d_resolution_low                               36.07 
_reflns.details                                        ? 
_reflns.limit_h_max                                    ? 
_reflns.limit_h_min                                    ? 
_reflns.limit_k_max                                    ? 
_reflns.limit_k_min                                    ? 
_reflns.limit_l_max                                    ? 
_reflns.limit_l_min                                    ? 
_reflns.number_all                                     ? 
_reflns.number_obs                                     13856 
_reflns.observed_criterion                             ? 
_reflns.observed_criterion_F_max                       ? 
_reflns.observed_criterion_F_min                       ? 
_reflns.observed_criterion_I_max                       ? 
_reflns.observed_criterion_I_min                       ? 
_reflns.observed_criterion_sigma_F                     ? 
_reflns.observed_criterion_sigma_I                     ? 
_reflns.percent_possible_obs                           100 
_reflns.R_free_details                                 ? 
_reflns.Rmerge_F_all                                   ? 
_reflns.Rmerge_F_obs                                   ? 
_reflns.Friedel_coverage                               ? 
_reflns.number_gt                                      ? 
_reflns.threshold_expression                           ? 
_reflns.pdbx_redundancy                                12.9 
_reflns.pdbx_netI_over_av_sigmaI                       ? 
_reflns.pdbx_netI_over_sigmaI                          22.5 
_reflns.pdbx_res_netI_over_av_sigmaI_2                 ? 
_reflns.pdbx_res_netI_over_sigmaI_2                    ? 
_reflns.pdbx_chi_squared                               ? 
_reflns.pdbx_scaling_rejects                           ? 
_reflns.pdbx_d_res_high_opt                            ? 
_reflns.pdbx_d_res_low_opt                             ? 
_reflns.pdbx_d_res_opt_method                          ? 
_reflns.phase_calculation_details                      ? 
_reflns.pdbx_Rrim_I_all                                ? 
_reflns.pdbx_Rpim_I_all                                ? 
_reflns.pdbx_d_opt                                     ? 
_reflns.pdbx_number_measured_all                       ? 
_reflns.pdbx_diffrn_id                                 1 
_reflns.pdbx_ordinal                                   1 
_reflns.pdbx_CC_half                                   ? 
_reflns.pdbx_CC_star                                   ? 
_reflns.pdbx_R_split                                   ? 
_reflns.pdbx_Rmerge_I_obs                              0.058 
_reflns.pdbx_Rmerge_I_all                              ? 
_reflns.pdbx_Rsym_value                                ? 
_reflns.pdbx_CC_split_method                           ? 
_reflns.pdbx_aniso_diffraction_limit_axis_1_ortho[1]   ? 
_reflns.pdbx_aniso_diffraction_limit_axis_1_ortho[2]   ? 
_reflns.pdbx_aniso_diffraction_limit_axis_1_ortho[3]   ? 
_reflns.pdbx_aniso_diffraction_limit_axis_2_ortho[1]   ? 
_reflns.pdbx_aniso_diffraction_limit_axis_2_ortho[2]   ? 
_reflns.pdbx_aniso_diffraction_limit_axis_2_ortho[3]   ? 
_reflns.pdbx_aniso_diffraction_limit_axis_3_ortho[1]   ? 
_reflns.pdbx_aniso_diffraction_limit_axis_3_ortho[2]   ? 
_reflns.pdbx_aniso_diffraction_limit_axis_3_ortho[3]   ? 
_reflns.pdbx_aniso_diffraction_limit_1                 ? 
_reflns.pdbx_aniso_diffraction_limit_2                 ? 
_reflns.pdbx_aniso_diffraction_limit_3                 ? 
_reflns.pdbx_aniso_B_tensor_eigenvector_1_ortho[1]     ? 
_reflns.pdbx_aniso_B_tensor_eigenvector_1_ortho[2]     ? 
_reflns.pdbx_aniso_B_tensor_eigenvector_1_ortho[3]     ? 
_reflns.pdbx_aniso_B_tensor_eigenvector_2_ortho[1]     ? 
_reflns.pdbx_aniso_B_tensor_eigenvector_2_ortho[2]     ? 
_reflns.pdbx_aniso_B_tensor_eigenvector_2_ortho[3]     ? 
_reflns.pdbx_aniso_B_tensor_eigenvector_3_ortho[1]     ? 
_reflns.pdbx_aniso_B_tensor_eigenvector_3_ortho[2]     ? 
_reflns.pdbx_aniso_B_tensor_eigenvector_3_ortho[3]     ? 
_reflns.pdbx_aniso_B_tensor_eigenvalue_1               ? 
_reflns.pdbx_aniso_B_tensor_eigenvalue_2               ? 
_reflns.pdbx_aniso_B_tensor_eigenvalue_3               ? 
_reflns.pdbx_orthogonalization_convention              ? 
_reflns.pdbx_percent_possible_ellipsoidal              ? 
_reflns.pdbx_percent_possible_spherical                ? 
_reflns.pdbx_percent_possible_ellipsoidal_anomalous    ? 
_reflns.pdbx_percent_possible_spherical_anomalous      ? 
_reflns.pdbx_redundancy_anomalous                      ? 
_reflns.pdbx_CC_half_anomalous                         ? 
_reflns.pdbx_absDiff_over_sigma_anomalous              ? 
_reflns.pdbx_percent_possible_anomalous                ? 
_reflns.pdbx_observed_signal_threshold                 ? 
_reflns.pdbx_signal_type                               ? 
_reflns.pdbx_signal_details                            ? 
_reflns.pdbx_signal_software_id                        ? 
# 
_reflns_shell.d_res_high                                    1.70 
_reflns_shell.d_res_low                                     1.73 
_reflns_shell.meanI_over_sigI_all                           ? 
_reflns_shell.meanI_over_sigI_obs                           3.1 
_reflns_shell.number_measured_all                           ? 
_reflns_shell.number_measured_obs                           ? 
_reflns_shell.number_possible                               ? 
_reflns_shell.number_unique_all                             ? 
_reflns_shell.number_unique_obs                             713 
_reflns_shell.percent_possible_obs                          ? 
_reflns_shell.Rmerge_F_all                                  ? 
_reflns_shell.Rmerge_F_obs                                  ? 
_reflns_shell.meanI_over_sigI_gt                            ? 
_reflns_shell.meanI_over_uI_all                             ? 
_reflns_shell.meanI_over_uI_gt                              ? 
_reflns_shell.number_measured_gt                            ? 
_reflns_shell.number_unique_gt                              ? 
_reflns_shell.percent_possible_gt                           ? 
_reflns_shell.Rmerge_F_gt                                   ? 
_reflns_shell.Rmerge_I_gt                                   ? 
_reflns_shell.pdbx_redundancy                               ? 
_reflns_shell.pdbx_chi_squared                              ? 
_reflns_shell.pdbx_netI_over_sigmaI_all                     ? 
_reflns_shell.pdbx_netI_over_sigmaI_obs                     ? 
_reflns_shell.pdbx_Rrim_I_all                               ? 
_reflns_shell.pdbx_Rpim_I_all                               ? 
_reflns_shell.pdbx_rejects                                  ? 
_reflns_shell.pdbx_ordinal                                  1 
_reflns_shell.pdbx_diffrn_id                                1 
_reflns_shell.pdbx_CC_half                                  ? 
_reflns_shell.pdbx_CC_star                                  ? 
_reflns_shell.pdbx_R_split                                  ? 
_reflns_shell.percent_possible_all                          ? 
_reflns_shell.Rmerge_I_all                                  ? 
_reflns_shell.Rmerge_I_obs                                  0.949 
_reflns_shell.pdbx_Rsym_value                               ? 
_reflns_shell.pdbx_percent_possible_ellipsoidal             ? 
_reflns_shell.pdbx_percent_possible_spherical               ? 
_reflns_shell.pdbx_percent_possible_ellipsoidal_anomalous   ? 
_reflns_shell.pdbx_percent_possible_spherical_anomalous     ? 
_reflns_shell.pdbx_redundancy_anomalous                     ? 
_reflns_shell.pdbx_CC_half_anomalous                        ? 
_reflns_shell.pdbx_absDiff_over_sigma_anomalous             ? 
_reflns_shell.pdbx_percent_possible_anomalous               ? 
# 
_refine.aniso_B[1][1]                            -1.737 
_refine.aniso_B[1][2]                            -0.000 
_refine.aniso_B[1][3]                            0.000 
_refine.aniso_B[2][2]                            0.289 
_refine.aniso_B[2][3]                            -0.000 
_refine.aniso_B[3][3]                            1.449 
_refine.B_iso_max                                ? 
_refine.B_iso_mean                               30.777 
_refine.B_iso_min                                ? 
_refine.correlation_coeff_Fo_to_Fc               0.969 
_refine.correlation_coeff_Fo_to_Fc_free          0.962 
_refine.details                                  'Hydrogens have been added in their riding positions' 
_refine.diff_density_max                         ? 
_refine.diff_density_max_esd                     ? 
_refine.diff_density_min                         ? 
_refine.diff_density_min_esd                     ? 
_refine.diff_density_rms                         ? 
_refine.diff_density_rms_esd                     ? 
_refine.entry_id                                 8WR5 
_refine.pdbx_refine_id                           'X-RAY DIFFRACTION' 
_refine.ls_abs_structure_details                 ? 
_refine.ls_abs_structure_Flack                   ? 
_refine.ls_abs_structure_Flack_esd               ? 
_refine.ls_abs_structure_Rogers                  ? 
_refine.ls_abs_structure_Rogers_esd              ? 
_refine.ls_d_res_high                            1.700 
_refine.ls_d_res_low                             33.085 
_refine.ls_extinction_coef                       ? 
_refine.ls_extinction_coef_esd                   ? 
_refine.ls_extinction_expression                 ? 
_refine.ls_extinction_method                     ? 
_refine.ls_goodness_of_fit_all                   ? 
_refine.ls_goodness_of_fit_all_esd               ? 
_refine.ls_goodness_of_fit_obs                   ? 
_refine.ls_goodness_of_fit_obs_esd               ? 
_refine.ls_hydrogen_treatment                    ? 
_refine.ls_matrix_type                           ? 
_refine.ls_number_constraints                    ? 
_refine.ls_number_parameters                     ? 
_refine.ls_number_reflns_all                     ? 
_refine.ls_number_reflns_obs                     13824 
_refine.ls_number_reflns_R_free                  704 
_refine.ls_number_reflns_R_work                  13120 
_refine.ls_number_restraints                     ? 
_refine.ls_percent_reflns_obs                    99.971 
_refine.ls_percent_reflns_R_free                 5.093 
_refine.ls_R_factor_all                          0.179 
_refine.ls_R_factor_obs                          ? 
_refine.ls_R_factor_R_free                       0.2101 
_refine.ls_R_factor_R_free_error                 ? 
_refine.ls_R_factor_R_free_error_details         ? 
_refine.ls_R_factor_R_work                       0.1777 
_refine.ls_R_Fsqd_factor_obs                     ? 
_refine.ls_R_I_factor_obs                        ? 
_refine.ls_redundancy_reflns_all                 ? 
_refine.ls_redundancy_reflns_obs                 ? 
_refine.ls_restrained_S_all                      ? 
_refine.ls_restrained_S_obs                      ? 
_refine.ls_shift_over_esd_max                    ? 
_refine.ls_shift_over_esd_mean                   ? 
_refine.ls_structure_factor_coef                 ? 
_refine.ls_weighting_details                     ? 
_refine.ls_weighting_scheme                      ? 
_refine.ls_wR_factor_all                         ? 
_refine.ls_wR_factor_obs                         ? 
_refine.ls_wR_factor_R_free                      ? 
_refine.ls_wR_factor_R_work                      ? 
_refine.occupancy_max                            ? 
_refine.occupancy_min                            ? 
_refine.solvent_model_details                    'MASK BULK SOLVENT' 
_refine.solvent_model_param_bsol                 ? 
_refine.solvent_model_param_ksol                 ? 
_refine.pdbx_R_complete                          ? 
_refine.ls_R_factor_gt                           ? 
_refine.ls_goodness_of_fit_gt                    ? 
_refine.ls_goodness_of_fit_ref                   ? 
_refine.ls_shift_over_su_max                     ? 
_refine.ls_shift_over_su_max_lt                  ? 
_refine.ls_shift_over_su_mean                    ? 
_refine.ls_shift_over_su_mean_lt                 ? 
_refine.pdbx_ls_sigma_I                          ? 
_refine.pdbx_ls_sigma_F                          ? 
_refine.pdbx_ls_sigma_Fsqd                       ? 
_refine.pdbx_data_cutoff_high_absF               ? 
_refine.pdbx_data_cutoff_high_rms_absF           ? 
_refine.pdbx_data_cutoff_low_absF                ? 
_refine.pdbx_isotropic_thermal_model             ? 
_refine.pdbx_ls_cross_valid_method               'FREE R-VALUE' 
_refine.pdbx_method_to_determine_struct          'MOLECULAR REPLACEMENT' 
_refine.pdbx_starting_model                      ? 
_refine.pdbx_stereochemistry_target_values       ? 
_refine.pdbx_R_Free_selection_details            ? 
_refine.pdbx_stereochem_target_val_spec_case     ? 
_refine.pdbx_overall_ESU_R                       0.115 
_refine.pdbx_overall_ESU_R_Free                  0.109 
_refine.pdbx_solvent_vdw_probe_radii             1.200 
_refine.pdbx_solvent_ion_probe_radii             0.800 
_refine.pdbx_solvent_shrinkage_radii             0.800 
_refine.pdbx_real_space_R                        ? 
_refine.pdbx_density_correlation                 ? 
_refine.pdbx_pd_number_of_powder_patterns        ? 
_refine.pdbx_pd_number_of_points                 ? 
_refine.pdbx_pd_meas_number_of_points            ? 
_refine.pdbx_pd_proc_ls_prof_R_factor            ? 
_refine.pdbx_pd_proc_ls_prof_wR_factor           ? 
_refine.pdbx_pd_Marquardt_correlation_coeff      ? 
_refine.pdbx_pd_Fsqrd_R_factor                   ? 
_refine.pdbx_pd_ls_matrix_band_width             ? 
_refine.pdbx_overall_phase_error                 ? 
_refine.pdbx_overall_SU_R_free_Cruickshank_DPI   ? 
_refine.pdbx_overall_SU_R_free_Blow_DPI          ? 
_refine.pdbx_overall_SU_R_Blow_DPI               ? 
_refine.pdbx_TLS_residual_ADP_flag               ? 
_refine.pdbx_diffrn_id                           1 
_refine.overall_SU_B                             2.464 
_refine.overall_SU_ML                            0.081 
_refine.overall_SU_R_Cruickshank_DPI             ? 
_refine.overall_SU_R_free                        ? 
_refine.overall_FOM_free_R_set                   ? 
_refine.overall_FOM_work_R_set                   ? 
_refine.pdbx_average_fsc_overall                 ? 
_refine.pdbx_average_fsc_work                    ? 
_refine.pdbx_average_fsc_free                    ? 
# 
_refine_hist.pdbx_refine_id                   'X-RAY DIFFRACTION' 
_refine_hist.cycle_id                         LAST 
_refine_hist.pdbx_number_atoms_protein        1091 
_refine_hist.pdbx_number_atoms_nucleic_acid   0 
_refine_hist.pdbx_number_atoms_ligand         13 
_refine_hist.number_atoms_solvent             61 
_refine_hist.number_atoms_total               1165 
_refine_hist.d_res_high                       1.700 
_refine_hist.d_res_low                        33.085 
# 
loop_
_refine_ls_restr.pdbx_refine_id 
_refine_ls_restr.criterion 
_refine_ls_restr.dev_ideal 
_refine_ls_restr.dev_ideal_target 
_refine_ls_restr.number 
_refine_ls_restr.rejects 
_refine_ls_restr.type 
_refine_ls_restr.weight 
_refine_ls_restr.pdbx_restraint_function 
'X-RAY DIFFRACTION' ? 0.006  0.012  1145 ? r_bond_refined_d               ? ? 
'X-RAY DIFFRACTION' ? 0.001  0.016  1107 ? r_bond_other_d                 ? ? 
'X-RAY DIFFRACTION' ? 1.240  1.666  1552 ? r_angle_refined_deg            ? ? 
'X-RAY DIFFRACTION' ? 0.426  1.569  2567 ? r_angle_other_deg              ? ? 
'X-RAY DIFFRACTION' ? 5.974  5.000  144  ? r_dihedral_angle_1_deg         ? ? 
'X-RAY DIFFRACTION' ? 4.585  5.000  9    ? r_dihedral_angle_2_deg         ? ? 
'X-RAY DIFFRACTION' ? 14.373 10.000 212  ? r_dihedral_angle_3_deg         ? ? 
'X-RAY DIFFRACTION' ? 15.730 10.000 51   ? r_dihedral_angle_6_deg         ? ? 
'X-RAY DIFFRACTION' ? 0.060  0.200  168  ? r_chiral_restr                 ? ? 
'X-RAY DIFFRACTION' ? 0.006  0.020  1345 ? r_gen_planes_refined           ? ? 
'X-RAY DIFFRACTION' ? 0.001  0.020  249  ? r_gen_planes_other             ? ? 
'X-RAY DIFFRACTION' ? 0.202  0.200  228  ? r_nbd_refined                  ? ? 
'X-RAY DIFFRACTION' ? 0.192  0.200  993  ? r_symmetry_nbd_other           ? ? 
'X-RAY DIFFRACTION' ? 0.178  0.200  556  ? r_nbtor_refined                ? ? 
'X-RAY DIFFRACTION' ? 0.078  0.200  588  ? r_symmetry_nbtor_other         ? ? 
'X-RAY DIFFRACTION' ? 0.185  0.200  51   ? r_xyhbond_nbd_refined          ? ? 
'X-RAY DIFFRACTION' ? 0.238  0.200  13   ? r_symmetry_nbd_refined         ? ? 
'X-RAY DIFFRACTION' ? 0.239  0.200  70   ? r_nbd_other                    ? ? 
'X-RAY DIFFRACTION' ? 0.155  0.200  17   ? r_symmetry_xyhbond_nbd_refined ? ? 
'X-RAY DIFFRACTION' ? 2.375  2.928  555  ? r_mcbond_it                    ? ? 
'X-RAY DIFFRACTION' ? 2.349  2.926  555  ? r_mcbond_other                 ? ? 
'X-RAY DIFFRACTION' ? 3.232  5.257  694  ? r_mcangle_it                   ? ? 
'X-RAY DIFFRACTION' ? 3.235  5.260  695  ? r_mcangle_other                ? ? 
'X-RAY DIFFRACTION' ? 3.535  3.410  590  ? r_scbond_it                    ? ? 
'X-RAY DIFFRACTION' ? 3.534  3.410  591  ? r_scbond_other                 ? ? 
'X-RAY DIFFRACTION' ? 5.674  6.037  854  ? r_scangle_it                   ? ? 
'X-RAY DIFFRACTION' ? 5.671  6.036  855  ? r_scangle_other                ? ? 
'X-RAY DIFFRACTION' ? 7.213  30.238 1287 ? r_lrange_it                    ? ? 
'X-RAY DIFFRACTION' ? 7.188  29.347 1277 ? r_lrange_other                 ? ? 
# 
loop_
_refine_ls_shell.pdbx_refine_id 
_refine_ls_shell.d_res_high 
_refine_ls_shell.d_res_low 
_refine_ls_shell.number_reflns_all 
_refine_ls_shell.number_reflns_obs 
_refine_ls_shell.number_reflns_R_free 
_refine_ls_shell.number_reflns_R_work 
_refine_ls_shell.percent_reflns_obs 
_refine_ls_shell.percent_reflns_R_free 
_refine_ls_shell.R_factor_all 
_refine_ls_shell.R_factor_obs 
_refine_ls_shell.R_factor_R_free_error 
_refine_ls_shell.R_factor_R_work 
_refine_ls_shell.redundancy_reflns_all 
_refine_ls_shell.redundancy_reflns_obs 
_refine_ls_shell.wR_factor_all 
_refine_ls_shell.wR_factor_obs 
_refine_ls_shell.wR_factor_R_free 
_refine_ls_shell.wR_factor_R_work 
_refine_ls_shell.pdbx_R_complete 
_refine_ls_shell.pdbx_total_number_of_bins_used 
_refine_ls_shell.pdbx_phase_error 
_refine_ls_shell.pdbx_fsc_work 
_refine_ls_shell.pdbx_fsc_free 
_refine_ls_shell.R_factor_R_free 
'X-RAY DIFFRACTION' 1.700 1.744  . . 50 942 100.0000 . . . . 0.253 . . . . . . . . . . . 0.261 
'X-RAY DIFFRACTION' 1.744 1.792  . . 55 927 100.0000 . . . . 0.242 . . . . . . . . . . . 0.254 
'X-RAY DIFFRACTION' 1.792 1.843  . . 66 873 99.8936  . . . . 0.220 . . . . . . . . . . . 0.270 
'X-RAY DIFFRACTION' 1.843 1.900  . . 45 900 100.0000 . . . . 0.212 . . . . . . . . . . . 0.235 
'X-RAY DIFFRACTION' 1.900 1.962  . . 43 833 100.0000 . . . . 0.212 . . . . . . . . . . . 0.265 
'X-RAY DIFFRACTION' 1.962 2.031  . . 49 828 100.0000 . . . . 0.182 . . . . . . . . . . . 0.223 
'X-RAY DIFFRACTION' 2.031 2.107  . . 46 801 100.0000 . . . . 0.180 . . . . . . . . . . . 0.199 
'X-RAY DIFFRACTION' 2.107 2.193  . . 48 753 100.0000 . . . . 0.172 . . . . . . . . . . . 0.258 
'X-RAY DIFFRACTION' 2.193 2.290  . . 33 762 100.0000 . . . . 0.172 . . . . . . . . . . . 0.238 
'X-RAY DIFFRACTION' 2.290 2.401  . . 42 692 100.0000 . . . . 0.175 . . . . . . . . . . . 0.214 
'X-RAY DIFFRACTION' 2.401 2.530  . . 28 678 100.0000 . . . . 0.170 . . . . . . . . . . . 0.241 
'X-RAY DIFFRACTION' 2.530 2.683  . . 25 665 100.0000 . . . . 0.187 . . . . . . . . . . . 0.211 
'X-RAY DIFFRACTION' 2.683 2.867  . . 25 610 100.0000 . . . . 0.172 . . . . . . . . . . . 0.234 
'X-RAY DIFFRACTION' 2.867 3.094  . . 27 585 100.0000 . . . . 0.181 . . . . . . . . . . . 0.219 
'X-RAY DIFFRACTION' 3.094 3.387  . . 17 530 99.8175  . . . . 0.176 . . . . . . . . . . . 0.216 
'X-RAY DIFFRACTION' 3.387 3.781  . . 24 486 100.0000 . . . . 0.168 . . . . . . . . . . . 0.190 
'X-RAY DIFFRACTION' 3.781 4.357  . . 25 416 100.0000 . . . . 0.151 . . . . . . . . . . . 0.198 
'X-RAY DIFFRACTION' 4.357 5.313  . . 19 369 100.0000 . . . . 0.147 . . . . . . . . . . . 0.172 
'X-RAY DIFFRACTION' 5.313 7.419  . . 20 284 100.0000 . . . . 0.193 . . . . . . . . . . . 0.235 
'X-RAY DIFFRACTION' 7.419 33.085 . . 17 186 99.5098  . . . . 0.135 . . . . . . . . . . . 0.135 
# 
_struct.entry_id                     8WR5 
_struct.title                        'The Crystal Structure of Mms2 from Biortus' 
_struct.pdbx_model_details           ? 
_struct.pdbx_formula_weight          ? 
_struct.pdbx_formula_weight_method   ? 
_struct.pdbx_model_type_details      ? 
_struct.pdbx_CASP_flag               N 
# 
_struct_keywords.entry_id        8WR5 
_struct_keywords.text            'Ubl conjugation pathway, LIGASE' 
_struct_keywords.pdbx_keywords   LIGASE 
# 
loop_
_struct_asym.id 
_struct_asym.pdbx_blank_PDB_chainid_flag 
_struct_asym.pdbx_modified 
_struct_asym.entity_id 
_struct_asym.details 
A N N 1 ? 
B N N 2 ? 
C N N 3 ? 
D N N 3 ? 
E N N 4 ? 
# 
loop_
_struct_conf.conf_type_id 
_struct_conf.id 
_struct_conf.pdbx_PDB_helix_id 
_struct_conf.beg_label_comp_id 
_struct_conf.beg_label_asym_id 
_struct_conf.beg_label_seq_id 
_struct_conf.pdbx_beg_PDB_ins_code 
_struct_conf.end_label_comp_id 
_struct_conf.end_label_asym_id 
_struct_conf.end_label_seq_id 
_struct_conf.pdbx_end_PDB_ins_code 
_struct_conf.beg_auth_comp_id 
_struct_conf.beg_auth_asym_id 
_struct_conf.beg_auth_seq_id 
_struct_conf.end_auth_comp_id 
_struct_conf.end_auth_asym_id 
_struct_conf.end_auth_seq_id 
_struct_conf.pdbx_PDB_helix_class 
_struct_conf.details 
_struct_conf.pdbx_PDB_helix_length 
HELX_P HELX_P1 AA1 LYS A 8   ? GLY A 25  ? LYS A 8   GLY A 25  1 ? 18 
HELX_P HELX_P2 AA2 ASP A 99  ? SER A 102 ? ASP A 99  SER A 102 5 ? 4  
HELX_P HELX_P3 AA3 ILE A 103 ? LYS A 108 ? ILE A 103 LYS A 108 1 ? 6  
HELX_P HELX_P4 AA4 SER A 114 ? MET A 127 ? SER A 114 MET A 127 1 ? 14 
# 
_struct_conf_type.id          HELX_P 
_struct_conf_type.criteria    ? 
_struct_conf_type.reference   ? 
# 
_struct_mon_prot_cis.pdbx_id                1 
_struct_mon_prot_cis.label_comp_id          TYR 
_struct_mon_prot_cis.label_seq_id           73 
_struct_mon_prot_cis.label_asym_id          A 
_struct_mon_prot_cis.label_alt_id           . 
_struct_mon_prot_cis.pdbx_PDB_ins_code      ? 
_struct_mon_prot_cis.auth_comp_id           TYR 
_struct_mon_prot_cis.auth_seq_id            73 
_struct_mon_prot_cis.auth_asym_id           A 
_struct_mon_prot_cis.pdbx_label_comp_id_2   PRO 
_struct_mon_prot_cis.pdbx_label_seq_id_2    74 
_struct_mon_prot_cis.pdbx_label_asym_id_2   A 
_struct_mon_prot_cis.pdbx_PDB_ins_code_2    ? 
_struct_mon_prot_cis.pdbx_auth_comp_id_2    PRO 
_struct_mon_prot_cis.pdbx_auth_seq_id_2     74 
_struct_mon_prot_cis.pdbx_auth_asym_id_2    A 
_struct_mon_prot_cis.pdbx_PDB_model_num     1 
_struct_mon_prot_cis.pdbx_omega_angle       -1.80 
# 
_struct_sheet.id               AA1 
_struct_sheet.type             ? 
_struct_sheet.number_strands   4 
_struct_sheet.details          ? 
# 
loop_
_struct_sheet_order.sheet_id 
_struct_sheet_order.range_id_1 
_struct_sheet_order.range_id_2 
_struct_sheet_order.offset 
_struct_sheet_order.sense 
AA1 1 2 ? anti-parallel 
AA1 2 3 ? anti-parallel 
AA1 3 4 ? anti-parallel 
# 
loop_
_struct_sheet_range.sheet_id 
_struct_sheet_range.id 
_struct_sheet_range.beg_label_comp_id 
_struct_sheet_range.beg_label_asym_id 
_struct_sheet_range.beg_label_seq_id 
_struct_sheet_range.pdbx_beg_PDB_ins_code 
_struct_sheet_range.end_label_comp_id 
_struct_sheet_range.end_label_asym_id 
_struct_sheet_range.end_label_seq_id 
_struct_sheet_range.pdbx_end_PDB_ins_code 
_struct_sheet_range.beg_auth_comp_id 
_struct_sheet_range.beg_auth_asym_id 
_struct_sheet_range.beg_auth_seq_id 
_struct_sheet_range.end_auth_comp_id 
_struct_sheet_range.end_auth_asym_id 
_struct_sheet_range.end_auth_seq_id 
AA1 1 VAL A 31 ? LEU A 35 ? VAL A 31 LEU A 35 
AA1 2 ARG A 45 ? ILE A 51 ? ARG A 45 ILE A 51 
AA1 3 ILE A 62 ? GLU A 68 ? ILE A 62 GLU A 68 
AA1 4 SER A 79 ? PHE A 82 ? SER A 79 PHE A 82 
# 
loop_
_pdbx_struct_sheet_hbond.sheet_id 
_pdbx_struct_sheet_hbond.range_id_1 
_pdbx_struct_sheet_hbond.range_id_2 
_pdbx_struct_sheet_hbond.range_1_label_atom_id 
_pdbx_struct_sheet_hbond.range_1_label_comp_id 
_pdbx_struct_sheet_hbond.range_1_label_asym_id 
_pdbx_struct_sheet_hbond.range_1_label_seq_id 
_pdbx_struct_sheet_hbond.range_1_PDB_ins_code 
_pdbx_struct_sheet_hbond.range_1_auth_atom_id 
_pdbx_struct_sheet_hbond.range_1_auth_comp_id 
_pdbx_struct_sheet_hbond.range_1_auth_asym_id 
_pdbx_struct_sheet_hbond.range_1_auth_seq_id 
_pdbx_struct_sheet_hbond.range_2_label_atom_id 
_pdbx_struct_sheet_hbond.range_2_label_comp_id 
_pdbx_struct_sheet_hbond.range_2_label_asym_id 
_pdbx_struct_sheet_hbond.range_2_label_seq_id 
_pdbx_struct_sheet_hbond.range_2_PDB_ins_code 
_pdbx_struct_sheet_hbond.range_2_auth_atom_id 
_pdbx_struct_sheet_hbond.range_2_auth_comp_id 
_pdbx_struct_sheet_hbond.range_2_auth_asym_id 
_pdbx_struct_sheet_hbond.range_2_auth_seq_id 
AA1 1 2 N GLY A 34 ? N GLY A 34 O THR A 47 ? O THR A 47 
AA1 2 3 N TRP A 46 ? N TRP A 46 O VAL A 67 ? O VAL A 67 
AA1 3 4 N LYS A 66 ? N LYS A 66 O ARG A 81 ? O ARG A 81 
# 
_atom_sites.entry_id                    8WR5 
_atom_sites.Cartn_transf_matrix[1][1]   ? 
_atom_sites.Cartn_transf_matrix[1][2]   ? 
_atom_sites.Cartn_transf_matrix[1][3]   ? 
_atom_sites.Cartn_transf_matrix[2][1]   ? 
_atom_sites.Cartn_transf_matrix[2][2]   ? 
_atom_sites.Cartn_transf_matrix[2][3]   ? 
_atom_sites.Cartn_transf_matrix[3][1]   ? 
_atom_sites.Cartn_transf_matrix[3][2]   ? 
_atom_sites.Cartn_transf_matrix[3][3]   ? 
_atom_sites.Cartn_transf_vector[1]      ? 
_atom_sites.Cartn_transf_vector[2]      ? 
_atom_sites.Cartn_transf_vector[3]      ? 
_atom_sites.Cartn_transform_axes        ? 
_atom_sites.fract_transf_matrix[1][1]   -0.02186555 
_atom_sites.fract_transf_matrix[1][2]   0.00874116 
_atom_sites.fract_transf_matrix[1][3]   -0.00364191 
_atom_sites.fract_transf_matrix[2][1]   0.00690841 
_atom_sites.fract_transf_matrix[2][2]   0.01215144 
_atom_sites.fract_transf_matrix[2][3]   -0.01231185 
_atom_sites.fract_transf_matrix[3][1]   -0.00131943 
_atom_sites.fract_transf_matrix[3][2]   -0.00612945 
_atom_sites.fract_transf_matrix[3][3]   -0.00678995 
_atom_sites.fract_transf_vector[1]      0.315981 
_atom_sites.fract_transf_vector[2]      0.311693 
_atom_sites.fract_transf_vector[3]      0.094024 
_atom_sites.solution_primary            ? 
_atom_sites.solution_secondary          ? 
_atom_sites.solution_hydrogens          ? 
_atom_sites.special_details             ? 
# 
loop_
_atom_type.symbol 
_atom_type.pdbx_scat_Z 
_atom_type.pdbx_N_electrons 
_atom_type.scat_Cromer_Mann_a1 
_atom_type.scat_Cromer_Mann_b1 
_atom_type.scat_Cromer_Mann_a2 
_atom_type.scat_Cromer_Mann_b2 
_atom_type.scat_Cromer_Mann_a3 
_atom_type.scat_Cromer_Mann_b3 
_atom_type.scat_Cromer_Mann_a4 
_atom_type.scat_Cromer_Mann_b4 
_atom_type.scat_Cromer_Mann_c 
C 6  6  2.3103  20.8439 1.0201 10.2075 1.5888 0.5687  0.8651 51.6512 0.2156   
H 1  1  0.4930  10.5109 0.3229 26.1257 0.1402 3.1424  0.0408 57.7997 0.0030   
N 7  7  12.2220 0.0057  3.1346 9.8933  2.0141 28.9975 1.1672 0.5826  -11.5379 
O 8  8  3.0487  13.2771 2.2870 5.7011  1.5464 0.3239  0.8671 32.9089 0.2508   
S 16 16 6.9054  1.4679  5.2035 22.2151 1.4379 0.2536  1.5863 56.1720 1.0421   
# 
loop_
_atom_site.group_PDB 
_atom_site.id 
_atom_site.type_symbol 
_atom_site.label_atom_id 
_atom_site.label_alt_id 
_atom_site.label_comp_id 
_atom_site.label_asym_id 
_atom_site.label_entity_id 
_atom_site.label_seq_id 
_atom_site.pdbx_PDB_ins_code 
_atom_site.Cartn_x 
_atom_site.Cartn_y 
_atom_site.Cartn_z 
_atom_site.occupancy 
_atom_site.B_iso_or_equiv 
_atom_site.pdbx_formal_charge 
_atom_site.auth_seq_id 
_atom_site.auth_comp_id 
_atom_site.auth_asym_id 
_atom_site.auth_atom_id 
_atom_site.pdbx_PDB_model_num 
_atom_site.calc_flag 
ATOM   1    N N   . VAL A 1 7   ? 2.566   -21.068 -13.705 1.000 45.637 0 7   VAL A N   1 ? 
ATOM   2    C CA  . VAL A 1 7   ? 3.518   -19.918 -13.807 1.000 44.237 0 7   VAL A CA  1 ? 
ATOM   3    C C   . VAL A 1 7   ? 3.101   -19.045 -14.988 1.000 46.556 0 7   VAL A C   1 ? 
ATOM   4    O O   . VAL A 1 7   ? 3.022   -19.526 -16.116 1.000 50.024 0 7   VAL A O   1 ? 
ATOM   5    C CB  . VAL A 1 7   ? 4.981   -20.381 -13.969 1.000 40.371 0 7   VAL A CB  1 ? 
ATOM   6    C CG1 . VAL A 1 7   ? 5.913   -19.204 -14.234 1.000 40.435 0 7   VAL A CG1 1 ? 
ATOM   7    C CG2 . VAL A 1 7   ? 5.480   -21.183 -12.774 1.000 39.529 0 7   VAL A CG2 1 ? 
ATOM   8    N N   . LYS A 1 8   ? 2.832   -17.762 -14.720 1.000 42.676 0 8   LYS A N   1 ? 
ATOM   9    C CA  . LYS A 1 8   ? 2.611   -16.781 -15.770 1.000 44.633 0 8   LYS A CA  1 ? 
ATOM   10   C C   . LYS A 1 8   ? 3.871   -15.926 -15.862 1.000 45.129 0 8   LYS A C   1 ? 
ATOM   11   O O   . LYS A 1 8   ? 4.155   -15.151 -14.955 1.000 40.596 0 8   LYS A O   1 ? 
ATOM   12   C CB  . LYS A 1 8   ? 1.376   -15.930 -15.463 1.000 51.089 0 8   LYS A CB  1 ? 
ATOM   13   C CG  . LYS A 1 8   ? 0.117   -16.702 -15.085 1.000 58.419 0 8   LYS A CG  1 ? 
ATOM   14   C CD  . LYS A 1 8   ? -0.786  -17.020 -16.249 1.000 66.022 0 8   LYS A CD  1 ? 
ATOM   15   C CE  . LYS A 1 8   ? -2.005  -17.814 -15.831 1.000 72.548 0 8   LYS A CE  1 ? 
ATOM   16   N NZ  . LYS A 1 8   ? -2.886  -18.122 -16.982 1.000 78.155 0 8   LYS A NZ  1 ? 
ATOM   17   N N   . VAL A 1 9   ? 4.629   -16.100 -16.949 1.000 41.384 0 9   VAL A N   1 ? 
ATOM   18   C CA  . VAL A 1 9   ? 5.917   -15.458 -17.126 1.000 40.976 0 9   VAL A CA  1 ? 
ATOM   19   C C   . VAL A 1 9   ? 5.785   -13.936 -17.011 1.000 40.714 0 9   VAL A C   1 ? 
ATOM   20   O O   . VAL A 1 9   ? 6.562   -13.324 -16.279 1.000 35.387 0 9   VAL A O   1 ? 
ATOM   21   C CB  . VAL A 1 9   ? 6.567   -15.895 -18.453 1.000 41.381 0 9   VAL A CB  1 ? 
ATOM   22   C CG1 . VAL A 1 9   ? 7.749   -15.022 -18.832 1.000 42.186 0 9   VAL A CG1 1 ? 
ATOM   23   C CG2 . VAL A 1 9   ? 6.991   -17.351 -18.383 1.000 41.561 0 9   VAL A CG2 1 ? 
ATOM   24   N N   . PRO A 1 10  ? 4.829   -13.272 -17.711 1.000 39.318 0 10  PRO A N   1 ? 
ATOM   25   C CA  . PRO A 1 10  ? 4.698   -11.815 -17.635 1.000 38.789 0 10  PRO A CA  1 ? 
ATOM   26   C C   . PRO A 1 10  ? 4.442   -11.309 -16.215 1.000 35.625 0 10  PRO A C   1 ? 
ATOM   27   O O   . PRO A 1 10  ? 5.046   -10.329 -15.802 1.000 34.947 0 10  PRO A O   1 ? 
ATOM   28   C CB  . PRO A 1 10  ? 3.488   -11.499 -18.529 1.000 40.935 0 10  PRO A CB  1 ? 
ATOM   29   C CG  . PRO A 1 10  ? 3.417   -12.687 -19.477 1.000 41.644 0 10  PRO A CG  1 ? 
ATOM   30   C CD  . PRO A 1 10  ? 3.834   -13.867 -18.621 1.000 41.376 0 10  PRO A CD  1 ? 
ATOM   31   N N   . ARG A 1 11  ? 3.570   -12.001 -15.479 1.000 34.252 0 11  ARG A N   1 ? 
ATOM   32   C CA  . ARG A 1 11  ? 3.283   -11.655 -14.094 1.000 33.477 0 11  ARG A CA  1 ? 
ATOM   33   C C   . ARG A 1 11  ? 4.555   -11.747 -13.254 1.000 34.694 0 11  ARG A C   1 ? 
ATOM   34   O O   . ARG A 1 11  ? 4.900   -10.826 -12.509 1.000 28.840 0 11  ARG A O   1 ? 
ATOM   35   C CB  . ARG A 1 11  ? 2.217   -12.584 -13.510 1.000 33.123 0 11  ARG A CB  1 ? 
ATOM   36   C CG  . ARG A 1 11  ? 2.013   -12.439 -12.006 1.000 33.107 0 11  ARG A CG  1 ? 
ATOM   37   C CD  . ARG A 1 11  ? 1.012   -13.430 -11.440 1.000 32.523 0 11  ARG A CD  1 ? 
ATOM   38   N NE  . ARG A 1 11  ? 0.829   -13.290 -10.004 1.000 30.772 0 11  ARG A NE  1 ? 
ATOM   39   C CZ  . ARG A 1 11  ? 1.610   -13.824 -9.075  1.000 30.161 0 11  ARG A CZ  1 ? 
ATOM   40   N NH1 . ARG A 1 11  ? 2.674   -14.536 -9.408  1.000 29.540 0 11  ARG A NH1 1 ? 
ATOM   41   N NH2 . ARG A 1 11  ? 1.307   -13.680 -7.799  1.000 30.655 0 11  ARG A NH2 1 ? 
ATOM   42   N N   . ASN A 1 12  ? 5.245   -12.882 -13.384 1.000 30.247 0 12  ASN A N   1 ? 
ATOM   43   C CA  . ASN A 1 12  ? 6.397   -13.177 -12.557 1.000 31.515 0 12  ASN A CA  1 ? 
ATOM   44   C C   . ASN A 1 12  ? 7.544   -12.239 -12.892 1.000 30.878 0 12  ASN A C   1 ? 
ATOM   45   O O   . ASN A 1 12  ? 8.227   -11.798 -11.973 1.000 28.797 0 12  ASN A O   1 ? 
ATOM   46   C CB  . ASN A 1 12  ? 6.765   -14.659 -12.640 1.000 32.949 0 12  ASN A CB  1 ? 
ATOM   47   C CG  . ASN A 1 12  ? 5.855   -15.481 -11.760 1.000 39.382 0 12  ASN A CG  1 ? 
ATOM   48   O OD1 . ASN A 1 12  ? 4.661   -15.188 -11.653 1.000 41.169 0 12  ASN A OD1 1 ? 
ATOM   49   N ND2 . ASN A 1 12  ? 6.425   -16.472 -11.095 1.000 39.087 0 12  ASN A ND2 1 ? 
ATOM   50   N N   . PHE A 1 13  ? 7.737   -11.921 -14.186 1.000 29.208 0 13  PHE A N   1 ? 
ATOM   51   C CA  . PHE A 1 13  ? 8.752   -10.952 -14.576 1.000 31.427 0 13  PHE A CA  1 ? 
ATOM   52   C C   . PHE A 1 13  ? 8.465   -9.617  -13.898 1.000 27.414 0 13  PHE A C   1 ? 
ATOM   53   O O   . PHE A 1 13  ? 9.347   -8.994  -13.308 1.000 28.599 0 13  PHE A O   1 ? 
ATOM   54   C CB  . PHE A 1 13  ? 8.794   -10.740 -16.095 1.000 36.027 0 13  PHE A CB  1 ? 
ATOM   55   C CG  . PHE A 1 13  ? 9.828   -11.568 -16.815 1.000 40.976 0 13  PHE A CG  1 ? 
ATOM   56   C CD1 . PHE A 1 13  ? 11.169  -11.488 -16.471 1.000 44.192 0 13  PHE A CD1 1 ? 
ATOM   57   C CD2 . PHE A 1 13  ? 9.468   -12.393 -17.874 1.000 47.554 0 13  PHE A CD2 1 ? 
ATOM   58   C CE1 . PHE A 1 13  ? 12.119  -12.257 -17.131 1.000 46.565 0 13  PHE A CE1 1 ? 
ATOM   59   C CE2 . PHE A 1 13  ? 10.420  -13.154 -18.538 1.000 47.337 0 13  PHE A CE2 1 ? 
ATOM   60   C CZ  . PHE A 1 13  ? 11.745  -13.079 -18.172 1.000 47.557 0 13  PHE A CZ  1 ? 
ATOM   61   N N   . ARG A 1 14  ? 7.212   -9.205  -13.989 1.000 29.877 0 14  ARG A N   1 ? 
ATOM   62   C CA  . ARG A 1 14  ? 6.808   -7.930  -13.440 1.000 29.380 0 14  ARG A CA  1 ? 
ATOM   63   C C   . ARG A 1 14  ? 7.072   -7.891  -11.938 1.000 25.522 0 14  ARG A C   1 ? 
ATOM   64   O O   . ARG A 1 14  ? 7.592   -6.890  -11.451 1.000 26.107 0 14  ARG A O   1 ? 
ATOM   65   C CB  . ARG A 1 14  ? 5.335   -7.652  -13.749 1.000 31.992 0 14  ARG A CB  1 ? 
ATOM   66   C CG  . ARG A 1 14  ? 4.777   -6.484  -12.952 1.000 36.629 0 14  ARG A CG  1 ? 
ATOM   67   C CD  . ARG A 1 14  ? 5.462   -5.178  -13.307 1.000 38.702 0 14  ARG A CD  1 ? 
ATOM   68   N NE  . ARG A 1 14  ? 4.603   -4.402  -14.183 1.000 43.776 0 14  ARG A NE  1 ? 
ATOM   69   C CZ  . ARG A 1 14  ? 3.547   -3.716  -13.765 1.000 42.652 0 14  ARG A CZ  1 ? 
ATOM   70   N NH1 . ARG A 1 14  ? 3.277   -3.630  -12.470 1.000 40.002 0 14  ARG A NH1 1 ? 
ATOM   71   N NH2 . ARG A 1 14  ? 2.785   -3.087  -14.644 1.000 42.150 0 14  ARG A NH2 1 ? 
ATOM   72   N N   . LEU A 1 15  ? 6.688   -8.928  -11.187 1.000 25.481 0 15  LEU A N   1 ? 
ATOM   73   C CA  . LEU A 1 15  ? 6.798   -8.835  -9.734  1.000 25.880 0 15  LEU A CA  1 ? 
ATOM   74   C C   . LEU A 1 15  ? 8.260   -8.931  -9.270  1.000 26.781 0 15  LEU A C   1 ? 
ATOM   75   O O   . LEU A 1 15  ? 8.623   -8.382  -8.216  1.000 24.535 0 15  LEU A O   1 ? 
ATOM   76   C CB  . LEU A 1 15  ? 5.894   -9.893  -9.089  1.000 27.312 0 15  LEU A CB  1 ? 
ATOM   77   C CG  . LEU A 1 15  ? 4.392   -9.588  -9.111  1.000 29.372 0 15  LEU A CG  1 ? 
ATOM   78   C CD1 . LEU A 1 15  ? 3.582   -10.841 -8.800  1.000 30.164 0 15  LEU A CD1 1 ? 
ATOM   79   C CD2 . LEU A 1 15  ? 4.023   -8.483  -8.120  1.000 29.111 0 15  LEU A CD2 1 ? 
ATOM   80   N N   . LEU A 1 16  ? 9.121   -9.608  -10.050 1.000 24.016 0 16  LEU A N   1 ? 
ATOM   81   C CA  . LEU A 1 16  ? 10.552  -9.572  -9.820  1.000 25.164 0 16  LEU A CA  1 ? 
ATOM   82   C C   . LEU A 1 16  ? 11.113  -8.172  -10.082 1.000 24.408 0 16  LEU A C   1 ? 
ATOM   83   O O   . LEU A 1 16  ? 11.977  -7.726  -9.339  1.000 27.002 0 16  LEU A O   1 ? 
ATOM   84   C CB  . LEU A 1 16  ? 11.267  -10.601 -10.707 1.000 28.201 0 16  LEU A CB  1 ? 
ATOM   85   C CG  . LEU A 1 16  ? 11.128  -12.062 -10.275 1.000 29.190 0 16  LEU A CG  1 ? 
ATOM   86   C CD1 . LEU A 1 16  ? 11.747  -12.984 -11.314 1.000 30.716 0 16  LEU A CD1 1 ? 
ATOM   87   C CD2 . LEU A 1 16  ? 11.781  -12.304 -8.921  1.000 29.289 0 16  LEU A CD2 1 ? 
ATOM   88   N N   . GLU A 1 17  ? 10.602  -7.468  -11.095 1.000 26.306 0 17  GLU A N   1 ? 
ATOM   89   C CA  . GLU A 1 17  ? 11.026  -6.089  -11.329 1.000 27.578 0 17  GLU A CA  1 ? 
ATOM   90   C C   . GLU A 1 17  ? 10.636  -5.214  -10.133 1.000 26.799 0 17  GLU A C   1 ? 
ATOM   91   O O   . GLU A 1 17  ? 11.433  -4.413  -9.654  1.000 27.285 0 17  GLU A O   1 ? 
ATOM   92   C CB  . GLU A 1 17  ? 10.412  -5.501  -12.591 1.000 32.893 0 17  GLU A CB  1 ? 
ATOM   93   C CG  . GLU A 1 17  ? 10.830  -6.206  -13.873 1.000 36.674 0 17  GLU A CG  1 ? 
ATOM   94   C CD  . GLU A 1 17  ? 10.259  -5.556  -15.120 1.000 46.309 0 17  GLU A CD  1 ? 
ATOM   95   O OE1 . GLU A 1 17  ? 9.015   -5.575  -15.290 1.000 49.255 0 17  GLU A OE1 1 ? 
ATOM   96   O OE2 . GLU A 1 17  ? 11.057  -4.996  -15.902 1.000 53.597 0 17  GLU A OE2 1 ? 
ATOM   97   N N   . GLU A 1 18  ? 9.406   -5.381  -9.648  1.000 27.509 0 18  GLU A N   1 ? 
ATOM   98   C CA  . GLU A 1 18  ? 8.957   -4.616  -8.483  1.000 26.951 0 18  GLU A CA  1 ? 
ATOM   99   C C   . GLU A 1 18  ? 9.788   -4.955  -7.242  1.000 27.301 0 18  GLU A C   1 ? 
ATOM   100  O O   . GLU A 1 18  ? 10.053  -4.080  -6.410  1.000 25.968 0 18  GLU A O   1 ? 
ATOM   101  C CB  . GLU A 1 18  ? 7.463   -4.851  -8.253  1.000 25.349 0 18  GLU A CB  1 ? 
ATOM   102  C CG  . GLU A 1 18  ? 6.603   -4.350  -9.403  1.000 26.811 0 18  GLU A CG  1 ? 
ATOM   103  C CD  . GLU A 1 18  ? 5.143   -4.158  -9.061  1.000 28.832 0 18  GLU A CD  1 ? 
ATOM   104  O OE1 . GLU A 1 18  ? 4.856   -3.534  -7.998  1.000 27.880 0 18  GLU A OE1 1 ? 
ATOM   105  O OE2 . GLU A 1 18  ? 4.283   -4.622  -9.848  1.000 31.085 0 18  GLU A OE2 1 ? 
ATOM   106  N N   . LEU A 1 19  ? 10.157  -6.226  -7.064  1.000 24.772 0 19  LEU A N   1 ? 
ATOM   107  C CA  . LEU A 1 19  ? 10.973  -6.612  -5.922  1.000 25.930 0 19  LEU A CA  1 ? 
ATOM   108  C C   . LEU A 1 19  ? 12.306  -5.864  -5.977  1.000 27.037 0 19  LEU A C   1 ? 
ATOM   109  O O   . LEU A 1 19  ? 12.742  -5.300  -4.975  1.000 26.627 0 19  LEU A O   1 ? 
ATOM   110  C CB  . LEU A 1 19  ? 11.197  -8.129  -5.918  1.000 26.577 0 19  LEU A CB  1 ? 
ATOM   111  C CG  . LEU A 1 19  ? 11.955  -8.695  -4.717  1.000 28.585 0 19  LEU A CG  1 ? 
ATOM   112  C CD1 . LEU A 1 19  ? 11.312  -8.296  -3.400  1.000 30.081 0 19  LEU A CD1 1 ? 
ATOM   113  C CD2 . LEU A 1 19  ? 12.050  -10.214 -4.803  1.000 29.629 0 19  LEU A CD2 1 ? 
ATOM   114  N N   . GLU A 1 20  ? 12.900  -5.799  -7.176  1.000 27.062 0 20  GLU A N   1 ? 
ATOM   115  C CA  . GLU A 1 20  ? 14.192  -5.157  -7.370  1.000 30.111 0 20  GLU A CA  1 ? 
ATOM   116  C C   . GLU A 1 20  ? 14.076  -3.649  -7.110  1.000 28.372 0 20  GLU A C   1 ? 
ATOM   117  O O   . GLU A 1 20  ? 14.945  -3.074  -6.457  1.000 30.853 0 20  GLU A O   1 ? 
ATOM   118  C CB  . GLU A 1 20  ? 14.722  -5.478  -8.770  1.000 35.598 0 20  GLU A CB  1 ? 
ATOM   119  C CG  . GLU A 1 20  ? 16.174  -5.094  -8.974  1.000 42.885 0 20  GLU A CG  1 ? 
ATOM   120  C CD  . GLU A 1 20  ? 16.707  -5.281  -10.387 1.000 52.703 0 20  GLU A CD  1 ? 
ATOM   121  O OE1 . GLU A 1 20  ? 16.016  -5.929  -11.216 1.000 54.454 0 20  GLU A OE1 1 ? 
ATOM   122  O OE2 . GLU A 1 20  ? 17.805  -4.747  -10.670 1.000 61.939 0 20  GLU A OE2 1 ? 
ATOM   123  N N   . GLU A 1 21  ? 12.984  -3.031  -7.579  1.000 26.457 0 21  GLU A N   1 ? 
ATOM   124  C CA  . GLU A 1 21  ? 12.750  -1.602  -7.401  1.000 27.497 0 21  GLU A CA  1 ? 
ATOM   125  C C   . GLU A 1 21  ? 12.609  -1.311  -5.916  1.000 30.355 0 21  GLU A C   1 ? 
ATOM   126  O O   . GLU A 1 21  ? 13.126  -0.308  -5.430  1.000 30.203 0 21  GLU A O   1 ? 
ATOM   127  C CB  . GLU A 1 21  ? 11.485  -1.125  -8.110  1.000 30.146 0 21  GLU A CB  1 ? 
ATOM   128  C CG  . GLU A 1 21  ? 11.648  -0.843  -9.593  1.000 38.001 0 21  GLU A CG  1 ? 
ATOM   129  C CD  . GLU A 1 21  ? 10.609  0.118   -10.156 1.000 46.022 0 21  GLU A CD  1 ? 
ATOM   130  O OE1 . GLU A 1 21  ? 9.672   0.503   -9.420  1.000 52.584 0 21  GLU A OE1 1 ? 
ATOM   131  O OE2 . GLU A 1 21  ? 10.746  0.513   -11.328 1.000 56.144 0 21  GLU A OE2 1 ? 
ATOM   132  N N   . GLY A 1 22  ? 11.876  -2.195  -5.222  1.000 26.869 0 22  GLY A N   1 ? 
ATOM   133  C CA  . GLY A 1 22  ? 11.710  -2.131  -3.781  1.000 31.748 0 22  GLY A CA  1 ? 
ATOM   134  C C   . GLY A 1 22  ? 13.051  -2.098  -3.050  1.000 32.527 0 22  GLY A C   1 ? 
ATOM   135  O O   . GLY A 1 22  ? 13.208  -1.345  -2.098  1.000 32.468 0 22  GLY A O   1 ? 
ATOM   136  N N   . GLN A 1 23  ? 14.006  -2.920  -3.503  1.000 31.882 0 23  GLN A N   1 ? 
ATOM   137  C CA  . GLN A 1 23  ? 15.329  -3.015  -2.899  1.000 33.099 0 23  GLN A CA  1 ? 
ATOM   138  C C   . GLN A 1 23  ? 16.213  -1.826  -3.286  1.000 32.661 0 23  GLN A C   1 ? 
ATOM   139  O O   . GLN A 1 23  ? 17.008  -1.346  -2.484  1.000 35.377 0 23  GLN A O   1 ? 
ATOM   140  C CB  . GLN A 1 23  ? 15.986  -4.329  -3.331  1.000 38.230 0 23  GLN A CB  1 ? 
ATOM   141  C CG  . GLN A 1 23  ? 15.277  -5.556  -2.786  1.000 40.580 0 23  GLN A CG  1 ? 
ATOM   142  C CD  . GLN A 1 23  ? 15.717  -6.866  -3.400  1.000 47.123 0 23  GLN A CD  1 ? 
ATOM   143  O OE1 . GLN A 1 23  ? 16.367  -6.919  -4.446  1.000 49.327 0 23  GLN A OE1 1 ? 
ATOM   144  N NE2 . GLN A 1 23  ? 15.325  -7.955  -2.758  1.000 49.065 0 23  GLN A NE2 1 ? 
ATOM   145  N N   . LYS A 1 24  ? 16.111  -1.361  -4.533  1.000 32.873 0 24  LYS A N   1 ? 
ATOM   146  C CA  . LYS A 1 24  ? 16.941  -0.259  -4.983  1.000 35.531 0 24  LYS A CA  1 ? 
ATOM   147  C C   . LYS A 1 24  ? 16.514  1.046   -4.323  1.000 40.072 0 24  LYS A C   1 ? 
ATOM   148  O O   . LYS A 1 24  ? 17.314  1.977   -4.232  1.000 36.474 0 24  LYS A O   1 ? 
ATOM   149  C CB  . LYS A 1 24  ? 16.838  -0.068  -6.495  1.000 39.687 0 24  LYS A CB  1 ? 
ATOM   150  C CG  . LYS A 1 24  ? 17.536  -1.114  -7.348  1.000 45.402 0 24  LYS A CG  1 ? 
ATOM   151  C CD  . LYS A 1 24  ? 17.273  -0.910  -8.827  1.000 52.826 0 24  LYS A CD  1 ? 
ATOM   152  C CE  . LYS A 1 24  ? 17.436  0.532   -9.269  1.000 57.401 0 24  LYS A CE  1 ? 
ATOM   153  N NZ  . LYS A 1 24  ? 16.993  0.739   -10.668 1.000 62.797 0 24  LYS A NZ  1 ? 
ATOM   154  N N   . GLY A 1 25  ? 15.245  1.121   -3.900  1.000 40.038 0 25  GLY A N   1 ? 
ATOM   155  C CA  . GLY A 1 25  ? 14.656  2.406   -3.585  1.000 40.593 0 25  GLY A CA  1 ? 
ATOM   156  C C   . GLY A 1 25  ? 14.327  3.131   -4.882  1.000 41.266 0 25  GLY A C   1 ? 
ATOM   157  O O   . GLY A 1 25  ? 15.166  3.259   -5.767  1.000 48.882 0 25  GLY A O   1 ? 
ATOM   158  N N   . VAL A 1 26  ? 13.070  3.518   -5.016  1.000 35.248 0 26  VAL A N   1 ? 
ATOM   159  C CA  . VAL A 1 26  ? 12.596  4.330   -6.115  1.000 35.733 0 26  VAL A CA  1 ? 
ATOM   160  C C   . VAL A 1 26  ? 11.600  5.283   -5.471  1.000 33.899 0 26  VAL A C   1 ? 
ATOM   161  O O   . VAL A 1 26  ? 11.361  5.172   -4.269  1.000 41.654 0 26  VAL A O   1 ? 
ATOM   162  C CB  . VAL A 1 26  ? 12.007  3.479   -7.260  1.000 36.898 0 26  VAL A CB  1 ? 
ATOM   163  C CG1 . VAL A 1 26  ? 13.068  2.623   -7.939  1.000 39.144 0 26  VAL A CG1 1 ? 
ATOM   164  C CG2 . VAL A 1 26  ? 10.847  2.624   -6.796  1.000 36.440 0 26  VAL A CG2 1 ? 
ATOM   165  N N   . GLY A 1 27  ? 11.072  6.233   -6.239  1.000 32.535 0 27  GLY A N   1 ? 
ATOM   166  C CA  . GLY A 1 27  ? 10.187  7.244   -5.693  1.000 30.189 0 27  GLY A CA  1 ? 
ATOM   167  C C   . GLY A 1 27  ? 10.936  8.230   -4.797  1.000 29.361 0 27  GLY A C   1 ? 
ATOM   168  O O   . GLY A 1 27  ? 12.139  8.442   -4.978  1.000 33.293 0 27  GLY A O   1 ? 
ATOM   169  N N   . ASP A 1 28  ? 10.231  8.773   -3.791  1.000 24.337 0 28  ASP A N   1 ? 
ATOM   170  C CA  . ASP A 1 28  ? 10.759  9.829   -2.934  1.000 21.685 0 28  ASP A CA  1 ? 
ATOM   171  C C   . ASP A 1 28  ? 11.242  9.300   -1.582  1.000 20.498 0 28  ASP A C   1 ? 
ATOM   172  O O   . ASP A 1 28  ? 11.600  10.068  -0.680  1.000 23.285 0 28  ASP A O   1 ? 
ATOM   173  C CB  . ASP A 1 28  ? 9.734   10.958  -2.779  1.000 23.153 0 28  ASP A CB  1 ? 
ATOM   174  C CG  . ASP A 1 28  ? 8.502   10.628  -1.955  1.000 22.441 0 28  ASP A CG  1 ? 
ATOM   175  O OD1 . ASP A 1 28  ? 8.455   9.525   -1.362  1.000 22.875 0 28  ASP A OD1 1 ? 
ATOM   176  O OD2 . ASP A 1 28  ? 7.610   11.497  -1.897  1.000 21.944 0 28  ASP A OD2 1 ? 
ATOM   177  N N   . GLY A 1 29  ? 11.200  7.986   -1.386  1.000 22.459 0 29  GLY A N   1 ? 
ATOM   178  C CA  . GLY A 1 29  ? 11.689  7.375   -0.160  1.000 20.936 0 29  GLY A CA  1 ? 
ATOM   179  C C   . GLY A 1 29  ? 10.630  7.186   0.934   1.000 21.825 0 29  GLY A C   1 ? 
ATOM   180  O O   . GLY A 1 29  ? 10.909  6.551   1.955   1.000 24.268 0 29  GLY A O   1 ? 
ATOM   181  N N   . THR A 1 30  ? 9.415   7.702   0.731   1.000 18.921 0 30  THR A N   1 ? 
ATOM   182  C CA  . THR A 1 30  ? 8.424   7.723   1.799   1.000 19.005 0 30  THR A CA  1 ? 
ATOM   183  C C   . THR A 1 30  ? 7.504   6.508   1.783   1.000 19.674 0 30  THR A C   1 ? 
ATOM   184  O O   . THR A 1 30  ? 6.672   6.382   2.663   1.000 19.895 0 30  THR A O   1 ? 
ATOM   185  C CB  . THR A 1 30  ? 7.594   9.011   1.855   1.000 20.089 0 30  THR A CB  1 ? 
ATOM   186  O OG1 . THR A 1 30  ? 6.821   9.132   0.667   1.000 19.686 0 30  THR A OG1 1 ? 
ATOM   187  C CG2 . THR A 1 30  ? 8.457   10.226  2.104   1.000 20.830 0 30  THR A CG2 1 ? 
ATOM   188  N N   . VAL A 1 31  ? 7.598   5.668   0.755   1.000 18.655 0 31  VAL A N   1 ? 
ATOM   189  C CA  . VAL A 1 31  ? 6.926   4.377   0.777   1.000 20.242 0 31  VAL A CA  1 ? 
ATOM   190  C C   . VAL A 1 31  ? 7.944   3.301   0.398   1.000 20.283 0 31  VAL A C   1 ? 
ATOM   191  O O   . VAL A 1 31  ? 8.888   3.582   -0.341  1.000 21.928 0 31  VAL A O   1 ? 
ATOM   192  C CB  . VAL A 1 31  ? 5.700   4.341   -0.164  1.000 21.462 0 31  VAL A CB  1 ? 
ATOM   193  C CG1 . VAL A 1 31  ? 4.710   5.426   0.191   1.000 19.927 0 31  VAL A CG1 1 ? 
ATOM   194  C CG2 . VAL A 1 31  ? 6.088   4.436   -1.629  1.000 21.446 0 31  VAL A CG2 1 ? 
ATOM   195  N N   . SER A 1 32  ? 7.695   2.072   0.870   1.000 18.657 0 32  SER A N   1 ? 
ATOM   196  C CA  A SER A 1 32  ? 8.535   0.913   0.600   0.500 21.273 0 32  SER A CA  1 ? 
ATOM   197  C CA  B SER A 1 32  ? 8.519   0.921   0.529   0.500 19.172 0 32  SER A CA  1 ? 
ATOM   198  C C   . SER A 1 32  ? 7.663   -0.335  0.509   1.000 19.179 0 32  SER A C   1 ? 
ATOM   199  O O   . SER A 1 32  ? 6.531   -0.343  0.994   1.000 17.673 0 32  SER A O   1 ? 
ATOM   200  C CB  A SER A 1 32  ? 9.597   0.758   1.658   0.500 23.901 0 32  SER A CB  1 ? 
ATOM   201  C CB  B SER A 1 32  ? 9.671   0.767   1.471   0.500 18.811 0 32  SER A CB  1 ? 
ATOM   202  O OG  A SER A 1 32  ? 10.463  1.891   1.690   0.500 27.258 0 32  SER A OG  1 ? 
ATOM   203  O OG  B SER A 1 32  ? 10.701  -0.022  0.897   0.500 16.733 0 32  SER A OG  1 ? 
ATOM   204  N N   . TRP A 1 33  ? 8.204   -1.383  -0.122  1.000 19.599 0 33  TRP A N   1 ? 
ATOM   205  C CA  . TRP A 1 33  ? 7.487   -2.638  -0.265  1.000 21.790 0 33  TRP A CA  1 ? 
ATOM   206  C C   . TRP A 1 33  ? 8.483   -3.783  -0.401  1.000 19.216 0 33  TRP A C   1 ? 
ATOM   207  O O   . TRP A 1 33  ? 9.629   -3.592  -0.826  1.000 20.954 0 33  TRP A O   1 ? 
ATOM   208  C CB  . TRP A 1 33  ? 6.533   -2.608  -1.473  1.000 22.055 0 33  TRP A CB  1 ? 
ATOM   209  C CG  . TRP A 1 33  ? 7.232   -2.346  -2.771  1.000 22.511 0 33  TRP A CG  1 ? 
ATOM   210  C CD1 . TRP A 1 33  ? 7.658   -3.269  -3.683  1.000 22.121 0 33  TRP A CD1 1 ? 
ATOM   211  C CD2 . TRP A 1 33  ? 7.638   -1.057  -3.269  1.000 22.894 0 33  TRP A CD2 1 ? 
ATOM   212  N NE1 . TRP A 1 33  ? 8.296   -2.629  -4.704  1.000 22.162 0 33  TRP A NE1 1 ? 
ATOM   213  C CE2 . TRP A 1 33  ? 8.321   -1.286  -4.476  1.000 23.828 0 33  TRP A CE2 1 ? 
ATOM   214  C CE3 . TRP A 1 33  ? 7.516   0.259   -2.803  1.000 23.744 0 33  TRP A CE3 1 ? 
ATOM   215  C CZ2 . TRP A 1 33  ? 8.864   -0.254  -5.230  1.000 25.944 0 33  TRP A CZ2 1 ? 
ATOM   216  C CZ3 . TRP A 1 33  ? 8.067   1.284   -3.540  1.000 25.321 0 33  TRP A CZ3 1 ? 
ATOM   217  C CH2 . TRP A 1 33  ? 8.746   1.022   -4.733  1.000 27.729 0 33  TRP A CH2 1 ? 
ATOM   218  N N   . GLY A 1 34  ? 8.027   -4.965  0.016   1.000 20.427 0 34  GLY A N   1 ? 
ATOM   219  C CA  . GLY A 1 34  ? 8.834   -6.170  -0.029  1.000 22.675 0 34  GLY A CA  1 ? 
ATOM   220  C C   . GLY A 1 34  ? 7.953   -7.397  0.132   1.000 23.334 0 34  GLY A C   1 ? 
ATOM   221  O O   . GLY A 1 34  ? 6.749   -7.273  0.351   1.000 23.283 0 34  GLY A O   1 ? 
ATOM   222  N N   . LEU A 1 35  ? 8.547   -8.584  -0.009  1.000 24.807 0 35  LEU A N   1 ? 
ATOM   223  C CA  . LEU A 1 35  ? 7.787   -9.804  0.230   1.000 26.443 0 35  LEU A CA  1 ? 
ATOM   224  C C   . LEU A 1 35  ? 7.512   -9.979  1.718   1.000 29.415 0 35  LEU A C   1 ? 
ATOM   225  O O   . LEU A 1 35  ? 8.376   -9.689  2.536   1.000 27.782 0 35  LEU A O   1 ? 
ATOM   226  C CB  . LEU A 1 35  ? 8.594   -10.992 -0.277  1.000 28.874 0 35  LEU A CB  1 ? 
ATOM   227  C CG  . LEU A 1 35  ? 8.800   -11.033 -1.787  1.000 30.611 0 35  LEU A CG  1 ? 
ATOM   228  C CD1 . LEU A 1 35  ? 9.687   -12.206 -2.174  1.000 29.002 0 35  LEU A CD1 1 ? 
ATOM   229  C CD2 . LEU A 1 35  ? 7.468   -11.102 -2.505  1.000 31.880 0 35  LEU A CD2 1 ? 
ATOM   230  N N   . GLU A 1 36  ? 6.340   -10.538 2.029   1.000 29.461 0 36  GLU A N   1 ? 
ATOM   231  C CA  . GLU A 1 36  ? 5.945   -10.815 3.403   1.000 35.747 0 36  GLU A CA  1 ? 
ATOM   232  C C   . GLU A 1 36  ? 6.801   -11.959 3.935   1.000 37.157 0 36  GLU A C   1 ? 
ATOM   233  O O   . GLU A 1 36  ? 7.222   -11.946 5.089   1.000 35.566 0 36  GLU A O   1 ? 
ATOM   234  C CB  . GLU A 1 36  ? 4.449   -11.132 3.492   1.000 36.299 0 36  GLU A CB  1 ? 
ATOM   235  C CG  . GLU A 1 36  ? 4.019   -11.505 4.900   1.000 40.276 0 36  GLU A CG  1 ? 
ATOM   236  C CD  . GLU A 1 36  ? 2.534   -11.448 5.212   1.000 44.388 0 36  GLU A CD  1 ? 
ATOM   237  O OE1 . GLU A 1 36  ? 1.733   -11.232 4.295   1.000 46.208 0 36  GLU A OE1 1 ? 
ATOM   238  O OE2 . GLU A 1 36  ? 2.189   -11.597 6.405   1.000 53.264 0 36  GLU A OE2 1 ? 
ATOM   239  N N   . ASP A 1 37  ? 7.055   -12.944 3.074   1.000 37.272 0 37  ASP A N   1 ? 
ATOM   240  C CA  . ASP A 1 37  ? 8.004   -14.006 3.355   1.000 40.510 0 37  ASP A CA  1 ? 
ATOM   241  C C   . ASP A 1 37  ? 8.874   -14.205 2.118   1.000 38.602 0 37  ASP A C   1 ? 
ATOM   242  O O   . ASP A 1 37  ? 8.352   -14.464 1.035   1.000 39.708 0 37  ASP A O   1 ? 
ATOM   243  C CB  . ASP A 1 37  ? 7.290   -15.309 3.728   1.000 46.153 0 37  ASP A CB  1 ? 
ATOM   244  C CG  . ASP A 1 37  ? 8.206   -16.524 3.753   1.000 53.014 0 37  ASP A CG  1 ? 
ATOM   245  O OD1 . ASP A 1 37  ? 9.447   -16.341 3.706   1.000 53.132 0 37  ASP A OD1 1 ? 
ATOM   246  O OD2 . ASP A 1 37  ? 7.673   -17.649 3.796   1.000 63.795 0 37  ASP A OD2 1 ? 
ATOM   247  N N   . ASP A 1 38  ? 10.198  -14.112 2.302   1.000 41.848 0 38  ASP A N   1 ? 
ATOM   248  C CA  . ASP A 1 38  ? 11.152  -14.131 1.201   1.000 47.618 0 38  ASP A CA  1 ? 
ATOM   249  C C   . ASP A 1 38  ? 11.284  -15.517 0.574   1.000 47.325 0 38  ASP A C   1 ? 
ATOM   250  O O   . ASP A 1 38  ? 12.078  -15.673 -0.346  1.000 48.704 0 38  ASP A O   1 ? 
ATOM   251  C CB  . ASP A 1 38  ? 12.539  -13.669 1.651   1.000 54.270 0 38  ASP A CB  1 ? 
ATOM   252  C CG  . ASP A 1 38  ? 12.622  -12.169 1.853   1.000 57.831 0 38  ASP A CG  1 ? 
ATOM   253  O OD1 . ASP A 1 38  ? 12.615  -11.443 0.837   1.000 54.919 0 38  ASP A OD1 1 ? 
ATOM   254  O OD2 . ASP A 1 38  ? 12.664  -11.743 3.024   1.000 67.030 0 38  ASP A OD2 1 ? 
ATOM   255  N N   . GLU A 1 39  ? 10.529  -16.509 1.063   1.000 45.660 0 39  GLU A N   1 ? 
ATOM   256  C CA  . GLU A 1 39  ? 10.514  -17.834 0.458   1.000 50.900 0 39  GLU A CA  1 ? 
ATOM   257  C C   . GLU A 1 39  ? 9.303   -18.005 -0.462  1.000 50.212 0 39  GLU A C   1 ? 
ATOM   258  O O   . GLU A 1 39  ? 9.198   -19.009 -1.163  1.000 53.834 0 39  GLU A O   1 ? 
ATOM   259  C CB  . GLU A 1 39  ? 10.538  -18.896 1.559   1.000 55.359 0 39  GLU A CB  1 ? 
ATOM   260  C CG  . GLU A 1 39  ? 11.674  -18.703 2.554   1.000 57.570 0 39  GLU A CG  1 ? 
ATOM   261  C CD  . GLU A 1 39  ? 11.929  -19.886 3.475   1.000 66.465 0 39  GLU A CD  1 ? 
ATOM   262  O OE1 . GLU A 1 39  ? 12.716  -19.723 4.430   1.000 72.253 0 39  GLU A OE1 1 ? 
ATOM   263  O OE2 . GLU A 1 39  ? 11.358  -20.973 3.229   1.000 67.810 0 39  GLU A OE2 1 ? 
ATOM   264  N N   . ASP A 1 40  ? 8.392   -17.021 -0.471  1.000 50.891 0 40  ASP A N   1 ? 
ATOM   265  C CA  . ASP A 1 40  ? 7.211   -17.050 -1.321  1.000 47.266 0 40  ASP A CA  1 ? 
ATOM   266  C C   . ASP A 1 40  ? 7.635   -16.797 -2.764  1.000 47.264 0 40  ASP A C   1 ? 
ATOM   267  O O   . ASP A 1 40  ? 7.629   -15.656 -3.233  1.000 44.159 0 40  ASP A O   1 ? 
ATOM   268  C CB  . ASP A 1 40  ? 6.167   -16.009 -0.896  1.000 49.599 0 40  ASP A CB  1 ? 
ATOM   269  C CG  . ASP A 1 40  ? 4.880   -16.067 -1.705  1.000 52.280 0 40  ASP A CG  1 ? 
ATOM   270  O OD1 . ASP A 1 40  ? 4.702   -17.090 -2.426  1.000 50.908 0 40  ASP A OD1 1 ? 
ATOM   271  O OD2 . ASP A 1 40  ? 4.070   -15.082 -1.631  1.000 42.989 0 40  ASP A OD2 1 ? 
ATOM   272  N N   . MET A 1 41  ? 7.963   -17.880 -3.479  1.000 42.620 0 41  MET A N   1 ? 
ATOM   273  C CA  . MET A 1 41  ? 8.428   -17.756 -4.852  1.000 41.016 0 41  MET A CA  1 ? 
ATOM   274  C C   . MET A 1 41  ? 7.243   -17.414 -5.753  1.000 34.855 0 41  MET A C   1 ? 
ATOM   275  O O   . MET A 1 41  ? 7.446   -17.073 -6.918  1.000 35.315 0 41  MET A O   1 ? 
ATOM   276  C CB  . MET A 1 41  ? 9.100   -19.048 -5.338  1.000 43.506 0 41  MET A CB  1 ? 
ATOM   277  C CG  . MET A 1 41  ? 10.328  -19.459 -4.530  1.000 47.305 0 41  MET A CG  1 ? 
ATOM   278  S SD  . MET A 1 41  ? 11.919  -18.751 -5.054  1.000 54.376 0 41  MET A SD  1 ? 
ATOM   279  C CE  . MET A 1 41  ? 12.297  -19.549 -6.607  1.000 55.525 0 41  MET A CE  1 ? 
ATOM   280  N N   . THR A 1 42  ? 6.017   -17.478 -5.206  1.000 33.078 0 42  THR A N   1 ? 
ATOM   281  C CA  . THR A 1 42  ? 4.814   -17.124 -5.943  1.000 32.437 0 42  THR A CA  1 ? 
ATOM   282  C C   . THR A 1 42  ? 4.640   -15.606 -6.054  1.000 32.628 0 42  THR A C   1 ? 
ATOM   283  O O   . THR A 1 42  ? 3.865   -15.123 -6.879  1.000 31.942 0 42  THR A O   1 ? 
ATOM   284  C CB  . THR A 1 42  ? 3.544   -17.748 -5.349  1.000 37.073 0 42  THR A CB  1 ? 
ATOM   285  O OG1 . THR A 1 42  ? 3.129   -16.962 -4.231  1.000 37.095 0 42  THR A OG1 1 ? 
ATOM   286  C CG2 . THR A 1 42  ? 3.724   -19.195 -4.945  1.000 37.746 0 42  THR A CG2 1 ? 
ATOM   287  N N   . LEU A 1 43  ? 5.346   -14.859 -5.197  1.000 30.377 0 43  LEU A N   1 ? 
ATOM   288  C CA  . LEU A 1 43  ? 5.381   -13.404 -5.242  1.000 28.514 0 43  LEU A CA  1 ? 
ATOM   289  C C   . LEU A 1 43  ? 3.976   -12.826 -5.052  1.000 27.135 0 43  LEU A C   1 ? 
ATOM   290  O O   . LEU A 1 43  ? 3.651   -11.759 -5.576  1.000 26.859 0 43  LEU A O   1 ? 
ATOM   291  C CB  . LEU A 1 43  ? 6.039   -12.942 -6.550  1.000 30.343 0 43  LEU A CB  1 ? 
ATOM   292  C CG  . LEU A 1 43  ? 7.354   -13.629 -6.912  1.000 31.803 0 43  LEU A CG  1 ? 
ATOM   293  C CD1 . LEU A 1 43  ? 7.845   -13.195 -8.286  1.000 34.793 0 43  LEU A CD1 1 ? 
ATOM   294  C CD2 . LEU A 1 43  ? 8.418   -13.367 -5.857  1.000 31.568 0 43  LEU A CD2 1 ? 
ATOM   295  N N   . THR A 1 44  ? 3.181   -13.489 -4.207  1.000 26.889 0 44  THR A N   1 ? 
ATOM   296  C CA  . THR A 1 44  ? 1.792   -13.120 -4.009  1.000 26.886 0 44  THR A CA  1 ? 
ATOM   297  C C   . THR A 1 44  ? 1.614   -12.166 -2.818  1.000 26.367 0 44  THR A C   1 ? 
ATOM   298  O O   . THR A 1 44  ? 0.861   -11.204 -2.949  1.000 26.514 0 44  THR A O   1 ? 
ATOM   299  C CB  . THR A 1 44  ? 0.902   -14.353 -3.814  1.000 31.120 0 44  THR A CB  1 ? 
ATOM   300  O OG1 . THR A 1 44  ? 0.939   -15.127 -5.018  1.000 32.439 0 44  THR A OG1 1 ? 
ATOM   301  C CG2 . THR A 1 44  ? -0.520  -13.966 -3.491  1.000 30.911 0 44  THR A CG2 1 ? 
ATOM   302  N N   . ARG A 1 45  ? 2.259   -12.455 -1.681  1.000 26.401 0 45  ARG A N   1 ? 
ATOM   303  C CA  . ARG A 1 45  ? 2.051   -11.694 -0.459  1.000 28.416 0 45  ARG A CA  1 ? 
ATOM   304  C C   . ARG A 1 45  ? 3.185   -10.694 -0.219  1.000 26.306 0 45  ARG A C   1 ? 
ATOM   305  O O   . ARG A 1 45  ? 4.341   -11.057 0.019   1.000 26.729 0 45  ARG A O   1 ? 
ATOM   306  C CB  . ARG A 1 45  ? 1.879   -12.656 0.720   1.000 33.127 0 45  ARG A CB  1 ? 
ATOM   307  C CG  . ARG A 1 45  ? 0.533   -13.368 0.740   1.000 36.431 0 45  ARG A CG  1 ? 
ATOM   308  C CD  . ARG A 1 45  ? 0.555   -14.597 1.623   1.000 43.207 0 45  ARG A CD  1 ? 
ATOM   309  N NE  . ARG A 1 45  ? 1.242   -14.375 2.896   1.000 54.720 0 45  ARG A NE  1 ? 
ATOM   310  C CZ  . ARG A 1 45  ? 2.456   -14.835 3.210   1.000 59.937 0 45  ARG A CZ  1 ? 
ATOM   311  N NH1 . ARG A 1 45  ? 2.956   -14.608 4.411   1.000 66.167 0 45  ARG A NH1 1 ? 
ATOM   312  N NH2 . ARG A 1 45  ? 3.179   -15.514 2.333   1.000 62.873 0 45  ARG A NH2 1 ? 
ATOM   313  N N   . TRP A 1 46  ? 2.809   -9.409  -0.229  1.000 23.868 0 46  TRP A N   1 ? 
ATOM   314  C CA  . TRP A 1 46  ? 3.733   -8.312  0.015   1.000 22.529 0 46  TRP A CA  1 ? 
ATOM   315  C C   . TRP A 1 46  ? 3.380   -7.555  1.293   1.000 21.669 0 46  TRP A C   1 ? 
ATOM   316  O O   . TRP A 1 46  ? 2.231   -7.541  1.718   1.000 23.350 0 46  TRP A O   1 ? 
ATOM   317  C CB  . TRP A 1 46  ? 3.684   -7.363  -1.181  1.000 23.044 0 46  TRP A CB  1 ? 
ATOM   318  C CG  . TRP A 1 46  ? 4.104   -8.024  -2.460  1.000 22.900 0 46  TRP A CG  1 ? 
ATOM   319  C CD1 . TRP A 1 46  ? 3.420   -8.958  -3.175  1.000 25.515 0 46  TRP A CD1 1 ? 
ATOM   320  C CD2 . TRP A 1 46  ? 5.351   -7.808  -3.148  1.000 23.507 0 46  TRP A CD2 1 ? 
ATOM   321  N NE1 . TRP A 1 46  ? 4.143   -9.317  -4.280  1.000 23.914 0 46  TRP A NE1 1 ? 
ATOM   322  C CE2 . TRP A 1 46  ? 5.338   -8.644  -4.282  1.000 23.446 0 46  TRP A CE2 1 ? 
ATOM   323  C CE3 . TRP A 1 46  ? 6.459   -6.988  -2.922  1.000 24.842 0 46  TRP A CE3 1 ? 
ATOM   324  C CZ2 . TRP A 1 46  ? 6.396   -8.669  -5.187  1.000 25.019 0 46  TRP A CZ2 1 ? 
ATOM   325  C CZ3 . TRP A 1 46  ? 7.514   -7.023  -3.809  1.000 26.460 0 46  TRP A CZ3 1 ? 
ATOM   326  C CH2 . TRP A 1 46  ? 7.483   -7.870  -4.926  1.000 26.799 0 46  TRP A CH2 1 ? 
ATOM   327  N N   . THR A 1 47  ? 4.382   -6.877  1.862   1.000 22.869 0 47  THR A N   1 ? 
ATOM   328  C CA  . THR A 1 47  ? 4.126   -5.865  2.872   1.000 23.306 0 47  THR A CA  1 ? 
ATOM   329  C C   . THR A 1 47  ? 4.552   -4.510  2.329   1.000 21.971 0 47  THR A C   1 ? 
ATOM   330  O O   . THR A 1 47  ? 5.404   -4.420  1.453   1.000 23.684 0 47  THR A O   1 ? 
ATOM   331  C CB  . THR A 1 47  ? 4.766   -6.205  4.226   1.000 27.141 0 47  THR A CB  1 ? 
ATOM   332  O OG1 . THR A 1 47  ? 6.185   -6.095  4.210   1.000 31.283 0 47  THR A OG1 1 ? 
ATOM   333  C CG2 . THR A 1 47  ? 4.402   -7.600  4.679   1.000 31.254 0 47  THR A CG2 1 ? 
ATOM   334  N N   . GLY A 1 48  ? 3.921   -3.461  2.859   1.000 22.763 0 48  GLY A N   1 ? 
ATOM   335  C CA  . GLY A 1 48  ? 4.218   -2.101  2.435   1.000 22.137 0 48  GLY A CA  1 ? 
ATOM   336  C C   . GLY A 1 48  ? 4.408   -1.209  3.655   1.000 21.627 0 48  GLY A C   1 ? 
ATOM   337  O O   . GLY A 1 48  ? 3.981   -1.569  4.738   1.000 22.260 0 48  GLY A O   1 ? 
ATOM   338  N N   . MET A 1 49  ? 5.084   -0.082  3.449   1.000 19.592 0 49  MET A N   1 ? 
ATOM   339  C CA  . MET A 1 49  ? 5.303   0.944   4.463   1.000 22.257 0 49  MET A CA  1 ? 
ATOM   340  C C   . MET A 1 49  ? 4.913   2.284   3.852   1.000 21.089 0 49  MET A C   1 ? 
ATOM   341  O O   . MET A 1 49  ? 5.243   2.549   2.703   1.000 23.235 0 49  MET A O   1 ? 
ATOM   342  C CB  . MET A 1 49  ? 6.780   1.029   4.843   1.000 25.967 0 49  MET A CB  1 ? 
ATOM   343  C CG  . MET A 1 49  ? 7.208   2.365   5.402   1.000 34.010 0 49  MET A CG  1 ? 
ATOM   344  S SD  . MET A 1 49  ? 8.925   2.257   5.917   1.000 41.962 0 49  MET A SD  1 ? 
ATOM   345  C CE  . MET A 1 49  ? 9.661   3.335   4.689   1.000 37.356 0 49  MET A CE  1 ? 
ATOM   346  N N   . ILE A 1 50  ? 4.239   3.116   4.642   1.000 21.294 0 50  ILE A N   1 ? 
ATOM   347  C CA  . ILE A 1 50  ? 4.023   4.505   4.297   1.000 18.240 0 50  ILE A CA  1 ? 
ATOM   348  C C   . ILE A 1 50  ? 4.482   5.324   5.500   1.000 17.734 0 50  ILE A C   1 ? 
ATOM   349  O O   . ILE A 1 50  ? 4.016   5.087   6.610   1.000 19.908 0 50  ILE A O   1 ? 
ATOM   350  C CB  . ILE A 1 50  ? 2.543   4.791   3.953   1.000 16.589 0 50  ILE A CB  1 ? 
ATOM   351  C CG1 . ILE A 1 50  ? 2.034   3.956   2.772   1.000 18.435 0 50  ILE A CG1 1 ? 
ATOM   352  C CG2 . ILE A 1 50  ? 2.358   6.274   3.706   1.000 18.392 0 50  ILE A CG2 1 ? 
ATOM   353  C CD1 . ILE A 1 50  ? 0.550   4.075   2.549   1.000 19.612 0 50  ILE A CD1 1 ? 
ATOM   354  N N   . ILE A 1 51  ? 5.396   6.270   5.277   1.000 18.248 0 51  ILE A N   1 ? 
ATOM   355  C CA  A ILE A 1 51  ? 5.751   7.218   6.330   0.500 18.367 0 51  ILE A CA  1 ? 
ATOM   356  C CA  B ILE A 1 51  ? 5.764   7.228   6.318   0.500 18.449 0 51  ILE A CA  1 ? 
ATOM   357  C C   . ILE A 1 51  ? 4.625   8.232   6.460   1.000 19.414 0 51  ILE A C   1 ? 
ATOM   358  O O   . ILE A 1 51  ? 4.274   8.916   5.507   1.000 20.579 0 51  ILE A O   1 ? 
ATOM   359  C CB  A ILE A 1 51  ? 7.099   7.895   6.035   0.500 18.611 0 51  ILE A CB  1 ? 
ATOM   360  C CB  B ILE A 1 51  ? 7.088   7.948   5.985   0.500 18.842 0 51  ILE A CB  1 ? 
ATOM   361  C CG1 A ILE A 1 51  ? 8.236   6.875   6.076   0.500 19.906 0 51  ILE A CG1 1 ? 
ATOM   362  C CG1 B ILE A 1 51  ? 8.248   6.990   5.692   0.500 19.775 0 51  ILE A CG1 1 ? 
ATOM   363  C CG2 A ILE A 1 51  ? 7.338   9.072   6.981   0.500 18.919 0 51  ILE A CG2 1 ? 
ATOM   364  C CG2 B ILE A 1 51  ? 7.438   8.952   7.080   0.500 19.462 0 51  ILE A CG2 1 ? 
ATOM   365  C CD1 A ILE A 1 51  ? 9.527   7.369   5.515   0.500 20.073 0 51  ILE A CD1 1 ? 
ATOM   366  C CD1 B ILE A 1 51  ? 8.621   6.065   6.839   0.500 20.363 0 51  ILE A CD1 1 ? 
ATOM   367  N N   . GLY A 1 52  ? 4.079   8.372   7.672   1.000 20.432 0 52  GLY A N   1 ? 
ATOM   368  C CA  . GLY A 1 52  ? 2.962   9.282   7.849   1.000 20.132 0 52  GLY A CA  1 ? 
ATOM   369  C C   . GLY A 1 52  ? 3.342   10.706  7.452   1.000 21.767 0 52  GLY A C   1 ? 
ATOM   370  O O   . GLY A 1 52  ? 4.415   11.165  7.812   1.000 20.922 0 52  GLY A O   1 ? 
ATOM   371  N N   . PRO A 1 53  ? 2.548   11.398  6.611   1.000 21.959 0 53  PRO A N   1 ? 
ATOM   372  C CA  . PRO A 1 53  ? 2.938   12.718  6.125   1.000 22.184 0 53  PRO A CA  1 ? 
ATOM   373  C C   . PRO A 1 53  ? 3.014   13.790  7.212   1.000 23.050 0 53  PRO A C   1 ? 
ATOM   374  O O   . PRO A 1 53  ? 2.125   13.956  8.043   1.000 21.250 0 53  PRO A O   1 ? 
ATOM   375  C CB  . PRO A 1 53  ? 1.847   13.083  5.110   1.000 24.773 0 53  PRO A CB  1 ? 
ATOM   376  C CG  . PRO A 1 53  ? 1.257   11.764  4.686   1.000 23.154 0 53  PRO A CG  1 ? 
ATOM   377  C CD  . PRO A 1 53  ? 1.349   10.884  5.914   1.000 22.072 0 53  PRO A CD  1 ? 
ATOM   378  N N   . PRO A 1 54  ? 4.102   14.577  7.238   1.000 21.891 0 54  PRO A N   1 ? 
ATOM   379  C CA  . PRO A 1 54  ? 4.146   15.761  8.087   1.000 22.402 0 54  PRO A CA  1 ? 
ATOM   380  C C   . PRO A 1 54  ? 2.962   16.689  7.814   1.000 22.655 0 54  PRO A C   1 ? 
ATOM   381  O O   . PRO A 1 54  ? 2.489   16.792  6.689   1.000 24.545 0 54  PRO A O   1 ? 
ATOM   382  C CB  . PRO A 1 54  ? 5.475   16.416  7.649   1.000 23.298 0 54  PRO A CB  1 ? 
ATOM   383  C CG  . PRO A 1 54  ? 6.300   15.273  7.190   1.000 24.259 0 54  PRO A CG  1 ? 
ATOM   384  C CD  . PRO A 1 54  ? 5.332   14.380  6.454   1.000 25.785 0 54  PRO A CD  1 ? 
ATOM   385  N N   . ARG A 1 55  ? 2.584   17.457  8.840   1.000 25.614 0 55  ARG A N   1 ? 
ATOM   386  C CA  . ARG A 1 55  ? 1.523   18.454  8.761   1.000 26.826 0 55  ARG A CA  1 ? 
ATOM   387  C C   . ARG A 1 55  ? 0.164   17.770  8.632   1.000 28.835 0 55  ARG A C   1 ? 
ATOM   388  O O   . ARG A 1 55  ? -0.804  18.397  8.220   1.000 29.870 0 55  ARG A O   1 ? 
ATOM   389  C CB  . ARG A 1 55  ? 1.775   19.465  7.642   1.000 29.984 0 55  ARG A CB  1 ? 
ATOM   390  C CG  . ARG A 1 55  ? 3.109   20.197  7.743   1.000 30.073 0 55  ARG A CG  1 ? 
ATOM   391  C CD  . ARG A 1 55  ? 3.509   20.670  9.127   1.000 32.098 0 55  ARG A CD  1 ? 
ATOM   392  N NE  . ARG A 1 55  ? 2.638   21.739  9.595   1.000 33.100 0 55  ARG A NE  1 ? 
ATOM   393  C CZ  . ARG A 1 55  ? 2.607   22.179  10.846  1.000 37.706 0 55  ARG A CZ  1 ? 
ATOM   394  N NH1 . ARG A 1 55  ? 3.439   21.678  11.743  1.000 38.980 0 55  ARG A NH1 1 ? 
ATOM   395  N NH2 . ARG A 1 55  ? 1.731   23.103  11.204  1.000 40.006 0 55  ARG A NH2 1 ? 
ATOM   396  N N   . THR A 1 56  ? 0.088   16.494  9.024   1.000 24.672 0 56  THR A N   1 ? 
ATOM   397  C CA  . THR A 1 56  ? -1.197  15.824  9.102   1.000 23.314 0 56  THR A CA  1 ? 
ATOM   398  C C   . THR A 1 56  ? -1.234  15.081  10.419  1.000 23.391 0 56  THR A C   1 ? 
ATOM   399  O O   . THR A 1 56  ? -0.210  14.971  11.096  1.000 22.746 0 56  THR A O   1 ? 
ATOM   400  C CB  . THR A 1 56  ? -1.421  14.832  7.951   1.000 21.245 0 56  THR A CB  1 ? 
ATOM   401  O OG1 . THR A 1 56  ? -0.633  13.683  8.243   1.000 22.966 0 56  THR A OG1 1 ? 
ATOM   402  C CG2 . THR A 1 56  ? -1.073  15.401  6.600   1.000 24.493 0 56  THR A CG2 1 ? 
ATOM   403  N N   . ASN A 1 57  ? -2.391  14.495  10.735  1.000 22.274 0 57  ASN A N   1 ? 
ATOM   404  C CA  . ASN A 1 57  ? -2.525  13.709  11.951  1.000 25.415 0 57  ASN A CA  1 ? 
ATOM   405  C C   . ASN A 1 57  ? -1.901  12.315  11.804  1.000 23.256 0 57  ASN A C   1 ? 
ATOM   406  O O   . ASN A 1 57  ? -1.843  11.568  12.779  1.000 22.908 0 57  ASN A O   1 ? 
ATOM   407  C CB  . ASN A 1 57  ? -3.988  13.610  12.384  1.000 25.911 0 57  ASN A CB  1 ? 
ATOM   408  C CG  . ASN A 1 57  ? -4.469  14.809  13.167  1.000 30.190 0 57  ASN A CG  1 ? 
ATOM   409  O OD1 . ASN A 1 57  ? -3.702  15.720  13.476  1.000 30.981 0 57  ASN A OD1 1 ? 
ATOM   410  N ND2 . ASN A 1 57  ? -5.753  14.817  13.478  1.000 29.219 0 57  ASN A ND2 1 ? 
ATOM   411  N N   . TYR A 1 58  ? -1.396  11.962  10.608  1.000 22.071 0 58  TYR A N   1 ? 
ATOM   412  C CA  . TYR A 1 58  ? -0.613  10.747  10.447  1.000 22.047 0 58  TYR A CA  1 ? 
ATOM   413  C C   . TYR A 1 58  ? 0.880   10.971  10.737  1.000 22.038 0 58  TYR A C   1 ? 
ATOM   414  O O   . TYR A 1 58  ? 1.668   10.024  10.684  1.000 23.243 0 58  TYR A O   1 ? 
ATOM   415  C CB  . TYR A 1 58  ? -0.855  10.243  9.016   1.000 20.715 0 58  TYR A CB  1 ? 
ATOM   416  C CG  . TYR A 1 58  ? -2.323  10.154  8.606   1.000 20.003 0 58  TYR A CG  1 ? 
ATOM   417  C CD1 . TYR A 1 58  ? -3.147  9.132   9.085   1.000 20.969 0 58  TYR A CD1 1 ? 
ATOM   418  C CD2 . TYR A 1 58  ? -2.898  11.079  7.739   1.000 18.888 0 58  TYR A CD2 1 ? 
ATOM   419  C CE1 . TYR A 1 58  ? -4.483  9.039   8.726   1.000 21.280 0 58  TYR A CE1 1 ? 
ATOM   420  C CE2 . TYR A 1 58  ? -4.240  11.008  7.395   1.000 20.216 0 58  TYR A CE2 1 ? 
ATOM   421  C CZ  . TYR A 1 58  ? -5.026  9.958   7.852   1.000 21.185 0 58  TYR A CZ  1 ? 
ATOM   422  O OH  . TYR A 1 58  ? -6.345  9.854   7.512   1.000 21.103 0 58  TYR A OH  1 ? 
ATOM   423  N N   . GLU A 1 59  ? 1.296   12.206  11.040  1.000 22.973 0 59  GLU A N   1 ? 
ATOM   424  C CA  A GLU A 1 59  ? 2.703   12.558  11.212  0.500 25.665 0 59  GLU A CA  1 ? 
ATOM   425  C CA  B GLU A 1 59  ? 2.712   12.508  11.174  0.500 24.320 0 59  GLU A CA  1 ? 
ATOM   426  C C   . GLU A 1 59  ? 3.334   11.714  12.323  1.000 25.784 0 59  GLU A C   1 ? 
ATOM   427  O O   . GLU A 1 59  ? 2.667   11.345  13.288  1.000 27.087 0 59  GLU A O   1 ? 
ATOM   428  C CB  A GLU A 1 59  ? 2.816   14.061  11.513  0.500 27.817 0 59  GLU A CB  1 ? 
ATOM   429  C CB  B GLU A 1 59  ? 2.929   14.000  11.408  0.500 24.556 0 59  GLU A CB  1 ? 
ATOM   430  C CG  A GLU A 1 59  ? 4.239   14.618  11.546  0.500 31.075 0 59  GLU A CG  1 ? 
ATOM   431  C CG  B GLU A 1 59  ? 2.388   14.488  12.735  0.500 25.369 0 59  GLU A CG  1 ? 
ATOM   432  C CD  A GLU A 1 59  ? 4.371   16.135  11.426  0.500 33.796 0 59  GLU A CD  1 ? 
ATOM   433  C CD  B GLU A 1 59  ? 2.441   15.996  12.889  0.500 27.134 0 59  GLU A CD  1 ? 
ATOM   434  O OE1 A GLU A 1 59  ? 3.350   16.812  11.207  0.500 36.049 0 59  GLU A OE1 1 ? 
ATOM   435  O OE1 B GLU A 1 59  ? 2.941   16.642  11.979  0.500 30.491 0 59  GLU A OE1 1 ? 
ATOM   436  O OE2 A GLU A 1 59  ? 5.508   16.643  11.522  0.500 36.049 0 59  GLU A OE2 1 ? 
ATOM   437  O OE2 B GLU A 1 59  ? 1.964   16.499  13.918  0.500 30.753 0 59  GLU A OE2 1 ? 
ATOM   438  N N   . ASN A 1 60  ? 4.641   11.442  12.180  1.000 27.084 0 60  ASN A N   1 ? 
ATOM   439  C CA  . ASN A 1 60  ? 5.451   10.762  13.186  1.000 31.801 0 60  ASN A CA  1 ? 
ATOM   440  C C   . ASN A 1 60  ? 4.987   9.323   13.430  1.000 30.763 0 60  ASN A C   1 ? 
ATOM   441  O O   . ASN A 1 60  ? 5.263   8.738   14.475  1.000 34.842 0 60  ASN A O   1 ? 
ATOM   442  C CB  . ASN A 1 60  ? 5.499   11.553  14.501  1.000 37.177 0 60  ASN A CB  1 ? 
ATOM   443  C CG  . ASN A 1 60  ? 5.998   12.969  14.312  1.000 42.826 0 60  ASN A CG  1 ? 
ATOM   444  O OD1 . ASN A 1 60  ? 5.477   13.906  14.919  1.000 48.385 0 60  ASN A OD1 1 ? 
ATOM   445  N ND2 . ASN A 1 60  ? 7.013   13.139  13.478  1.000 41.318 0 60  ASN A ND2 1 ? 
ATOM   446  N N   . ARG A 1 61  ? 4.332   8.713   12.438  1.000 28.855 0 61  ARG A N   1 ? 
ATOM   447  C CA  . ARG A 1 61  ? 3.921   7.325   12.517  1.000 27.793 0 61  ARG A CA  1 ? 
ATOM   448  C C   . ARG A 1 61  ? 4.326   6.661   11.205  1.000 26.093 0 61  ARG A C   1 ? 
ATOM   449  O O   . ARG A 1 61  ? 4.402   7.343   10.183  1.000 24.984 0 61  ARG A O   1 ? 
ATOM   450  C CB  . ARG A 1 61  ? 2.407   7.173   12.693  1.000 31.476 0 61  ARG A CB  1 ? 
ATOM   451  C CG  . ARG A 1 61  ? 1.829   7.861   13.922  1.000 36.526 0 61  ARG A CG  1 ? 
ATOM   452  C CD  . ARG A 1 61  ? 0.322   7.747   13.898  1.000 37.835 0 61  ARG A CD  1 ? 
ATOM   453  N NE  . ARG A 1 61  ? -0.303  8.327   15.081  1.000 40.411 0 61  ARG A NE  1 ? 
ATOM   454  C CZ  . ARG A 1 61  ? -1.238  7.722   15.804  1.000 37.928 0 61  ARG A CZ  1 ? 
ATOM   455  N NH1 . ARG A 1 61  ? -1.703  6.542   15.438  1.000 35.579 0 61  ARG A NH1 1 ? 
ATOM   456  N NH2 . ARG A 1 61  ? -1.723  8.315   16.883  1.000 47.275 0 61  ARG A NH2 1 ? 
ATOM   457  N N   . ILE A 1 62  ? 4.667   5.375   11.277  1.000 23.690 0 62  ILE A N   1 ? 
ATOM   458  C CA  . ILE A 1 62  ? 4.975   4.565   10.109  1.000 21.764 0 62  ILE A CA  1 ? 
ATOM   459  C C   . ILE A 1 62  ? 3.928   3.472   9.988   1.000 27.353 0 62  ILE A C   1 ? 
ATOM   460  O O   . ILE A 1 62  ? 3.710   2.657   10.928  1.000 26.688 0 62  ILE A O   1 ? 
ATOM   461  C CB  . ILE A 1 62  ? 6.404   3.993   10.166  1.000 23.226 0 62  ILE A CB  1 ? 
ATOM   462  C CG1 . ILE A 1 62  ? 7.450   5.096   10.318  1.000 23.413 0 62  ILE A CG1 1 ? 
ATOM   463  C CG2 . ILE A 1 62  ? 6.681   3.145   8.938   1.000 24.434 0 62  ILE A CG2 1 ? 
ATOM   464  C CD1 . ILE A 1 62  ? 8.869   4.608   10.474  1.000 26.395 0 62  ILE A CD1 1 ? 
ATOM   465  N N   . TYR A 1 63  ? 3.248   3.477   8.838   1.000 20.326 0 63  TYR A N   1 ? 
ATOM   466  C CA  . TYR A 1 63  ? 2.128   2.589   8.581   1.000 18.924 0 63  TYR A CA  1 ? 
ATOM   467  C C   . TYR A 1 63  ? 2.638   1.336   7.880   1.000 20.849 0 63  TYR A C   1 ? 
ATOM   468  O O   . TYR A 1 63  ? 3.418   1.410   6.947   1.000 20.126 0 63  TYR A O   1 ? 
ATOM   469  C CB  . TYR A 1 63  ? 1.023   3.253   7.742   1.000 18.711 0 63  TYR A CB  1 ? 
ATOM   470  C CG  . TYR A 1 63  ? 0.371   4.335   8.588   1.000 20.347 0 63  TYR A CG  1 ? 
ATOM   471  C CD1 . TYR A 1 63  ? 0.940   5.588   8.705   1.000 22.482 0 63  TYR A CD1 1 ? 
ATOM   472  C CD2 . TYR A 1 63  ? -0.765  4.053   9.337   1.000 21.789 0 63  TYR A CD2 1 ? 
ATOM   473  C CE1 . TYR A 1 63  ? 0.380   6.555   9.529   1.000 22.353 0 63  TYR A CE1 1 ? 
ATOM   474  C CE2 . TYR A 1 63  ? -1.301  4.991   10.206  1.000 22.101 0 63  TYR A CE2 1 ? 
ATOM   475  C CZ  . TYR A 1 63  ? -0.721  6.238   10.300  1.000 21.687 0 63  TYR A CZ  1 ? 
ATOM   476  O OH  . TYR A 1 63  ? -1.228  7.179   11.129  1.000 25.871 0 63  TYR A OH  1 ? 
ATOM   477  N N   . SER A 1 64  ? 2.180   0.197   8.398   1.000 20.703 0 64  SER A N   1 ? 
ATOM   478  C CA  . SER A 1 64  ? 2.439   -1.119  7.858   1.000 20.220 0 64  SER A CA  1 ? 
ATOM   479  C C   . SER A 1 64  ? 1.189   -1.644  7.155   1.000 19.310 0 64  SER A C   1 ? 
ATOM   480  O O   . SER A 1 64  ? 0.077   -1.524  7.664   1.000 21.041 0 64  SER A O   1 ? 
ATOM   481  C CB  . SER A 1 64  ? 2.880   -2.014  9.021   1.000 22.393 0 64  SER A CB  1 ? 
ATOM   482  O OG  . SER A 1 64  ? 3.044   -3.348  8.581   1.000 23.919 0 64  SER A OG  1 ? 
ATOM   483  N N   . LEU A 1 65  ? 1.366   -2.200  5.943   1.000 18.801 0 65  LEU A N   1 ? 
ATOM   484  C CA  . LEU A 1 65  ? 0.261   -2.626  5.094   1.000 21.731 0 65  LEU A CA  1 ? 
ATOM   485  C C   . LEU A 1 65  ? 0.576   -4.013  4.550   1.000 20.083 0 65  LEU A C   1 ? 
ATOM   486  O O   . LEU A 1 65  ? 1.743   -4.392  4.483   1.000 21.264 0 65  LEU A O   1 ? 
ATOM   487  C CB  . LEU A 1 65  ? 0.052   -1.682  3.901   1.000 22.668 0 65  LEU A CB  1 ? 
ATOM   488  C CG  . LEU A 1 65  ? -0.329  -0.235  4.212   1.000 22.495 0 65  LEU A CG  1 ? 
ATOM   489  C CD1 . LEU A 1 65  ? 0.917   0.603   4.388   1.000 21.171 0 65  LEU A CD1 1 ? 
ATOM   490  C CD2 . LEU A 1 65  ? -1.241  0.342   3.134   1.000 21.655 0 65  LEU A CD2 1 ? 
ATOM   491  N N   . LYS A 1 66  ? -0.480  -4.751  4.170   1.000 22.429 0 66  LYS A N   1 ? 
ATOM   492  C CA  . LYS A 1 66  ? -0.345  -5.983  3.399   1.000 24.666 0 66  LYS A CA  1 ? 
ATOM   493  C C   . LYS A 1 66  ? -0.974  -5.793  2.025   1.000 23.309 0 66  LYS A C   1 ? 
ATOM   494  O O   . LYS A 1 66  ? -2.030  -5.169  1.897   1.000 24.642 0 66  LYS A O   1 ? 
ATOM   495  C CB  . LYS A 1 66  ? -0.979  -7.172  4.136   1.000 30.313 0 66  LYS A CB  1 ? 
ATOM   496  C CG  . LYS A 1 66  ? -0.303  -7.518  5.448   1.000 35.008 0 66  LYS A CG  1 ? 
ATOM   497  C CD  . LYS A 1 66  ? -0.757  -8.808  6.074   1.000 45.502 0 66  LYS A CD  1 ? 
ATOM   498  C CE  . LYS A 1 66  ? 0.147   -9.220  7.214   1.000 49.298 0 66  LYS A CE  1 ? 
ATOM   499  N NZ  . LYS A 1 66  ? -0.103  -10.625 7.614   1.000 54.690 0 66  LYS A NZ  1 ? 
ATOM   500  N N   . VAL A 1 67  ? -0.294  -6.313  0.986   1.000 23.452 0 67  VAL A N   1 ? 
ATOM   501  C CA  . VAL A 1 67  ? -0.710  -6.163  -0.403  1.000 25.599 0 67  VAL A CA  1 ? 
ATOM   502  C C   . VAL A 1 67  ? -0.654  -7.551  -1.038  1.000 24.250 0 67  VAL A C   1 ? 
ATOM   503  O O   . VAL A 1 67  ? 0.352   -8.240  -0.927  1.000 25.991 0 67  VAL A O   1 ? 
ATOM   504  C CB  . VAL A 1 67  ? 0.200   -5.199  -1.192  1.000 26.084 0 67  VAL A CB  1 ? 
ATOM   505  C CG1 . VAL A 1 67  ? -0.243  -5.023  -2.637  1.000 25.467 0 67  VAL A CG1 1 ? 
ATOM   506  C CG2 . VAL A 1 67  ? 0.309   -3.850  -0.505  1.000 27.427 0 67  VAL A CG2 1 ? 
ATOM   507  N N   . GLU A 1 68  ? -1.741  -7.957  -1.681  1.000 25.549 0 68  GLU A N   1 ? 
ATOM   508  C CA  . GLU A 1 68  ? -1.801  -9.272  -2.291  1.000 27.076 0 68  GLU A CA  1 ? 
ATOM   509  C C   . GLU A 1 68  ? -1.968  -9.119  -3.797  1.000 28.152 0 68  GLU A C   1 ? 
ATOM   510  O O   . GLU A 1 68  ? -2.932  -8.500  -4.249  1.000 27.752 0 68  GLU A O   1 ? 
ATOM   511  C CB  . GLU A 1 68  ? -2.953  -10.072 -1.690  1.000 33.801 0 68  GLU A CB  1 ? 
ATOM   512  C CG  . GLU A 1 68  ? -3.070  -11.467 -2.255  1.000 40.108 0 68  GLU A CG  1 ? 
ATOM   513  C CD  . GLU A 1 68  ? -4.014  -12.357 -1.471  1.000 49.743 0 68  GLU A CD  1 ? 
ATOM   514  O OE1 . GLU A 1 68  ? -3.608  -12.830 -0.383  1.000 60.976 0 68  GLU A OE1 1 ? 
ATOM   515  O OE2 . GLU A 1 68  ? -5.158  -12.538 -1.931  1.000 52.872 0 68  GLU A OE2 1 ? 
ATOM   516  N N   . CYS A 1 69  ? -1.006  -9.682  -4.541  1.000 28.710 0 69  CYS A N   1 ? 
ATOM   517  C CA  . CYS A 1 69  ? -0.994  -9.648  -5.994  1.000 26.198 0 69  CYS A CA  1 ? 
ATOM   518  C C   . CYS A 1 69  ? -1.338  -11.045 -6.474  1.000 28.598 0 69  CYS A C   1 ? 
ATOM   519  O O   . CYS A 1 69  ? -0.518  -11.949 -6.334  1.000 29.275 0 69  CYS A O   1 ? 
ATOM   520  C CB  . CYS A 1 69  ? 0.366   -9.266  -6.555  1.000 26.909 0 69  CYS A CB  1 ? 
ATOM   521  S SG  . CYS A 1 69  ? 0.944   -7.659  -5.946  1.000 28.301 0 69  CYS A SG  1 ? 
ATOM   522  N N   . GLY A 1 70  ? -2.579  -11.206 -6.926  1.000 30.254 0 70  GLY A N   1 ? 
ATOM   523  C CA  . GLY A 1 70  ? -3.065  -12.526 -7.281  1.000 33.732 0 70  GLY A CA  1 ? 
ATOM   524  C C   . GLY A 1 70  ? -2.601  -12.947 -8.670  1.000 34.822 0 70  GLY A C   1 ? 
ATOM   525  O O   . GLY A 1 70  ? -1.782  -12.286 -9.304  1.000 32.019 0 70  GLY A O   1 ? 
ATOM   526  N N   . PRO A 1 71  ? -3.181  -14.044 -9.210  1.000 37.413 0 71  PRO A N   1 ? 
ATOM   527  C CA  . PRO A 1 71  ? -2.719  -14.631 -10.469 1.000 37.038 0 71  PRO A CA  1 ? 
ATOM   528  C C   . PRO A 1 71  ? -2.946  -13.771 -11.710 1.000 36.795 0 71  PRO A C   1 ? 
ATOM   529  O O   . PRO A 1 71  ? -2.312  -14.009 -12.736 1.000 37.948 0 71  PRO A O   1 ? 
ATOM   530  C CB  . PRO A 1 71  ? -3.532  -15.938 -10.595 1.000 36.627 0 71  PRO A CB  1 ? 
ATOM   531  C CG  . PRO A 1 71  ? -4.148  -16.156 -9.231  1.000 37.893 0 71  PRO A CG  1 ? 
ATOM   532  C CD  . PRO A 1 71  ? -4.314  -14.779 -8.626  1.000 38.032 0 71  PRO A CD  1 ? 
ATOM   533  N N   . LYS A 1 72  ? -3.860  -12.794 -11.617 1.000 36.570 0 72  LYS A N   1 ? 
ATOM   534  C CA  . LYS A 1 72  ? -4.181  -11.925 -12.738 1.000 39.965 0 72  LYS A CA  1 ? 
ATOM   535  C C   . LYS A 1 72  ? -3.399  -10.609 -12.664 1.000 37.882 0 72  LYS A C   1 ? 
ATOM   536  O O   . LYS A 1 72  ? -3.464  -9.782  -13.574 1.000 36.960 0 72  LYS A O   1 ? 
ATOM   537  C CB  . LYS A 1 72  ? -5.694  -11.684 -12.760 1.000 44.994 0 72  LYS A CB  1 ? 
ATOM   538  C CG  . LYS A 1 72  ? -6.534  -12.944 -12.924 1.000 51.229 0 72  LYS A CG  1 ? 
ATOM   539  C CD  . LYS A 1 72  ? -7.997  -12.670 -13.227 1.000 58.601 0 72  LYS A CD  1 ? 
ATOM   540  C CE  . LYS A 1 72  ? -8.707  -13.837 -13.885 1.000 64.357 0 72  LYS A CE  1 ? 
ATOM   541  N NZ  . LYS A 1 72  ? -9.848  -13.381 -14.719 1.000 64.729 0 72  LYS A NZ  1 ? 
ATOM   542  N N   . TYR A 1 73  ? -2.625  -10.415 -11.594 1.000 36.384 0 73  TYR A N   1 ? 
ATOM   543  C CA  . TYR A 1 73  ? -1.802  -9.216  -11.518 1.000 34.409 0 73  TYR A CA  1 ? 
ATOM   544  C C   . TYR A 1 73  ? -0.785  -9.233  -12.653 1.000 33.505 0 73  TYR A C   1 ? 
ATOM   545  O O   . TYR A 1 73  ? -0.252  -10.295 -12.955 1.000 37.483 0 73  TYR A O   1 ? 
ATOM   546  C CB  . TYR A 1 73  ? -1.077  -9.200  -10.169 1.000 34.213 0 73  TYR A CB  1 ? 
ATOM   547  C CG  . TYR A 1 73  ? -0.309  -7.916  -9.884  1.000 29.963 0 73  TYR A CG  1 ? 
ATOM   548  C CD1 . TYR A 1 73  ? -0.924  -6.829  -9.281  1.000 28.305 0 73  TYR A CD1 1 ? 
ATOM   549  C CD2 . TYR A 1 73  ? 1.022   -7.792  -10.237 1.000 29.314 0 73  TYR A CD2 1 ? 
ATOM   550  C CE1 . TYR A 1 73  ? -0.234  -5.648  -9.031  1.000 28.310 0 73  TYR A CE1 1 ? 
ATOM   551  C CE2 . TYR A 1 73  ? 1.728   -6.624  -9.995  1.000 28.326 0 73  TYR A CE2 1 ? 
ATOM   552  C CZ  . TYR A 1 73  ? 1.103   -5.553  -9.376  1.000 28.412 0 73  TYR A CZ  1 ? 
ATOM   553  O OH  . TYR A 1 73  ? 1.814   -4.411  -9.132  1.000 28.548 0 73  TYR A OH  1 ? 
ATOM   554  N N   . PRO A 1 74  ? -0.424  -8.096  -13.299 1.000 32.320 0 74  PRO A N   1 ? 
ATOM   555  C CA  . PRO A 1 74  ? -0.977  -6.765  -13.021 1.000 32.832 0 74  PRO A CA  1 ? 
ATOM   556  C C   . PRO A 1 74  ? -2.113  -6.306  -13.936 1.000 33.581 0 74  PRO A C   1 ? 
ATOM   557  O O   . PRO A 1 74  ? -2.351  -5.105  -14.095 1.000 31.449 0 74  PRO A O   1 ? 
ATOM   558  C CB  . PRO A 1 74  ? 0.248   -5.880  -13.277 1.000 32.667 0 74  PRO A CB  1 ? 
ATOM   559  C CG  . PRO A 1 74  ? 0.914   -6.550  -14.472 1.000 34.179 0 74  PRO A CG  1 ? 
ATOM   560  C CD  . PRO A 1 74  ? 0.642   -8.032  -14.303 1.000 31.852 0 74  PRO A CD  1 ? 
ATOM   561  N N   . GLU A 1 75  ? -2.787  -7.271  -14.566 1.000 34.481 0 75  GLU A N   1 ? 
ATOM   562  C CA  . GLU A 1 75  ? -4.000  -6.980  -15.313 1.000 37.252 0 75  GLU A CA  1 ? 
ATOM   563  C C   . GLU A 1 75  ? -5.107  -6.588  -14.342 1.000 38.782 0 75  GLU A C   1 ? 
ATOM   564  O O   . GLU A 1 75  ? -5.906  -5.700  -14.635 1.000 41.648 0 75  GLU A O   1 ? 
ATOM   565  C CB  . GLU A 1 75  ? -4.383  -8.193  -16.170 1.000 38.168 0 75  GLU A CB  1 ? 
ATOM   566  C CG  . GLU A 1 75  ? -3.325  -8.537  -17.193 1.000 42.089 0 75  GLU A CG  1 ? 
ATOM   567  C CD  . GLU A 1 75  ? -2.932  -7.350  -18.050 1.000 48.244 0 75  GLU A CD  1 ? 
ATOM   568  O OE1 . GLU A 1 75  ? -3.853  -6.615  -18.465 1.000 52.800 0 75  GLU A OE1 1 ? 
ATOM   569  O OE2 . GLU A 1 75  ? -1.715  -7.151  -18.286 1.000 51.180 0 75  GLU A OE2 1 ? 
ATOM   570  N N   . ALA A 1 76  ? -5.146  -7.254  -13.185 1.000 38.258 0 76  ALA A N   1 ? 
ATOM   571  C CA  . ALA A 1 76  ? -6.111  -6.936  -12.151 1.000 37.466 0 76  ALA A CA  1 ? 
ATOM   572  C C   . ALA A 1 76  ? -5.392  -6.239  -10.999 1.000 36.324 0 76  ALA A C   1 ? 
ATOM   573  O O   . ALA A 1 76  ? -4.217  -6.506  -10.739 1.000 34.819 0 76  ALA A O   1 ? 
ATOM   574  C CB  . ALA A 1 76  ? -6.819  -8.183  -11.696 1.000 37.843 0 76  ALA A CB  1 ? 
ATOM   575  N N   . PRO A 1 77  ? -6.097  -5.353  -10.264 1.000 35.494 0 77  PRO A N   1 ? 
ATOM   576  C CA  . PRO A 1 77  ? -5.495  -4.601  -9.165  1.000 33.381 0 77  PRO A CA  1 ? 
ATOM   577  C C   . PRO A 1 77  ? -5.232  -5.528  -7.992  1.000 32.204 0 77  PRO A C   1 ? 
ATOM   578  O O   . PRO A 1 77  ? -5.911  -6.545  -7.841  1.000 32.150 0 77  PRO A O   1 ? 
ATOM   579  C CB  . PRO A 1 77  ? -6.559  -3.554  -8.816  1.000 34.135 0 77  PRO A CB  1 ? 
ATOM   580  C CG  . PRO A 1 77  ? -7.853  -4.242  -9.162  1.000 34.693 0 77  PRO A CG  1 ? 
ATOM   581  C CD  . PRO A 1 77  ? -7.543  -5.093  -10.376 1.000 36.091 0 77  PRO A CD  1 ? 
ATOM   582  N N   . PRO A 1 78  ? -4.244  -5.201  -7.123  1.000 29.715 0 78  PRO A N   1 ? 
ATOM   583  C CA  . PRO A 1 78  ? -4.013  -5.978  -5.912  1.000 27.331 0 78  PRO A CA  1 ? 
ATOM   584  C C   . PRO A 1 78  ? -5.037  -5.643  -4.837  1.000 27.959 0 78  PRO A C   1 ? 
ATOM   585  O O   . PRO A 1 78  ? -5.743  -4.642  -4.952  1.000 30.430 0 78  PRO A O   1 ? 
ATOM   586  C CB  . PRO A 1 78  ? -2.633  -5.489  -5.467  1.000 28.313 0 78  PRO A CB  1 ? 
ATOM   587  C CG  . PRO A 1 78  ? -2.631  -4.033  -5.897  1.000 27.036 0 78  PRO A CG  1 ? 
ATOM   588  C CD  . PRO A 1 78  ? -3.354  -4.035  -7.230  1.000 28.758 0 78  PRO A CD  1 ? 
ATOM   589  N N   . SER A 1 79  ? -5.104  -6.505  -3.816  1.000 30.061 0 79  SER A N   1 ? 
ATOM   590  C CA  A SER A 1 79  ? -5.877  -6.212  -2.621  0.500 31.815 0 79  SER A CA  1 ? 
ATOM   591  C CA  B SER A 1 79  ? -5.868  -6.256  -2.605  0.500 31.284 0 79  SER A CA  1 ? 
ATOM   592  C C   . SER A 1 79  ? -4.952  -5.625  -1.560  1.000 30.193 0 79  SER A C   1 ? 
ATOM   593  O O   . SER A 1 79  ? -3.805  -6.054  -1.402  1.000 32.136 0 79  SER A O   1 ? 
ATOM   594  C CB  A SER A 1 79  ? -6.602  -7.424  -2.105  0.500 34.301 0 79  SER A CB  1 ? 
ATOM   595  C CB  B SER A 1 79  ? -6.473  -7.533  -2.081  0.500 33.029 0 79  SER A CB  1 ? 
ATOM   596  O OG  A SER A 1 79  ? -5.684  -8.415  -1.692  0.500 34.657 0 79  SER A OG  1 ? 
ATOM   597  O OG  B SER A 1 79  ? -7.239  -8.182  -3.089  0.500 32.629 0 79  SER A OG  1 ? 
ATOM   598  N N   . VAL A 1 80  ? -5.469  -4.652  -0.820  1.000 27.747 0 80  VAL A N   1 ? 
ATOM   599  C CA  . VAL A 1 80  ? -4.660  -3.944  0.165   1.000 26.834 0 80  VAL A CA  1 ? 
ATOM   600  C C   . VAL A 1 80  ? -5.385  -3.887  1.506   1.000 27.019 0 80  VAL A C   1 ? 
ATOM   601  O O   . VAL A 1 80  ? -6.585  -3.632  1.545   1.000 27.769 0 80  VAL A O   1 ? 
ATOM   602  C CB  . VAL A 1 80  ? -4.333  -2.528  -0.336  1.000 28.637 0 80  VAL A CB  1 ? 
ATOM   603  C CG1 . VAL A 1 80  ? -3.403  -1.787  0.616   1.000 29.399 0 80  VAL A CG1 1 ? 
ATOM   604  C CG2 . VAL A 1 80  ? -3.760  -2.568  -1.747  1.000 28.571 0 80  VAL A CG2 1 ? 
ATOM   605  N N   . ARG A 1 81  ? -4.617  -4.050  2.589   1.000 26.239 0 81  ARG A N   1 ? 
ATOM   606  C CA  . ARG A 1 81  ? -5.120  -3.959  3.945   1.000 28.564 0 81  ARG A CA  1 ? 
ATOM   607  C C   . ARG A 1 81  ? -4.062  -3.299  4.822   1.000 26.253 0 81  ARG A C   1 ? 
ATOM   608  O O   . ARG A 1 81  ? -2.889  -3.658  4.742   1.000 27.871 0 81  ARG A O   1 ? 
ATOM   609  C CB  . ARG A 1 81  ? -5.446  -5.378  4.433   1.000 30.513 0 81  ARG A CB  1 ? 
ATOM   610  C CG  . ARG A 1 81  ? -6.236  -5.430  5.732   1.000 40.919 0 81  ARG A CG  1 ? 
ATOM   611  C CD  . ARG A 1 81  ? -6.665  -6.850  6.087   1.000 44.729 0 81  ARG A CD  1 ? 
ATOM   612  N NE  . ARG A 1 81  ? -5.634  -7.647  6.738   1.000 51.586 0 81  ARG A NE  1 ? 
ATOM   613  C CZ  . ARG A 1 81  ? -5.137  -7.384  7.943   1.000 55.444 0 81  ARG A CZ  1 ? 
ATOM   614  N NH1 . ARG A 1 81  ? -4.201  -8.164  8.458   1.000 58.302 0 81  ARG A NH1 1 ? 
ATOM   615  N NH2 . ARG A 1 81  ? -5.572  -6.332  8.619   1.000 55.566 0 81  ARG A NH2 1 ? 
ATOM   616  N N   . PHE A 1 82  ? -4.479  -2.328  5.647   1.000 24.493 0 82  PHE A N   1 ? 
ATOM   617  C CA  . PHE A 1 82  ? -3.622  -1.757  6.670   1.000 22.623 0 82  PHE A CA  1 ? 
ATOM   618  C C   . PHE A 1 82  ? -3.488  -2.728  7.841   1.000 25.561 0 82  PHE A C   1 ? 
ATOM   619  O O   . PHE A 1 82  ? -4.476  -3.337  8.234   1.000 26.966 0 82  PHE A O   1 ? 
ATOM   620  C CB  . PHE A 1 82  ? -4.170  -0.426  7.187   1.000 22.299 0 82  PHE A CB  1 ? 
ATOM   621  C CG  . PHE A 1 82  ? -3.808  0.775   6.348   1.000 24.566 0 82  PHE A CG  1 ? 
ATOM   622  C CD1 . PHE A 1 82  ? -4.476  1.038   5.161   1.000 24.478 0 82  PHE A CD1 1 ? 
ATOM   623  C CD2 . PHE A 1 82  ? -2.796  1.633   6.740   1.000 22.082 0 82  PHE A CD2 1 ? 
ATOM   624  C CE1 . PHE A 1 82  ? -4.137  2.141   4.387   1.000 24.107 0 82  PHE A CE1 1 ? 
ATOM   625  C CE2 . PHE A 1 82  ? -2.466  2.743   5.984   1.000 21.746 0 82  PHE A CE2 1 ? 
ATOM   626  C CZ  . PHE A 1 82  ? -3.138  2.997   4.802   1.000 22.939 0 82  PHE A CZ  1 ? 
ATOM   627  N N   . VAL A 1 83  ? -2.258  -2.903  8.328   1.000 24.790 0 83  VAL A N   1 ? 
ATOM   628  C CA  . VAL A 1 83  ? -1.995  -3.587  9.582   1.000 25.560 0 83  VAL A CA  1 ? 
ATOM   629  C C   . VAL A 1 83  ? -2.149  -2.574  10.704  1.000 23.780 0 83  VAL A C   1 ? 
ATOM   630  O O   . VAL A 1 83  ? -2.826  -2.850  11.691  1.000 26.765 0 83  VAL A O   1 ? 
ATOM   631  C CB  . VAL A 1 83  ? -0.609  -4.263  9.591   1.000 27.070 0 83  VAL A CB  1 ? 
ATOM   632  C CG1 . VAL A 1 83  ? -0.208  -4.731  10.984  1.000 28.420 0 83  VAL A CG1 1 ? 
ATOM   633  C CG2 . VAL A 1 83  ? -0.566  -5.418  8.594   1.000 29.270 0 83  VAL A CG2 1 ? 
ATOM   634  N N   . THR A 1 84  ? -1.469  -1.434  10.553  1.000 22.045 0 84  THR A N   1 ? 
ATOM   635  C CA  . THR A 1 84  ? -1.495  -0.334  11.509  1.000 22.465 0 84  THR A CA  1 ? 
ATOM   636  C C   . THR A 1 84  ? -2.885  0.275   11.488  1.000 22.290 0 84  THR A C   1 ? 
ATOM   637  O O   . THR A 1 84  ? -3.396  0.574   10.409  1.000 23.476 0 84  THR A O   1 ? 
ATOM   638  C CB  . THR A 1 84  ? -0.473  0.750   11.121  1.000 21.734 0 84  THR A CB  1 ? 
ATOM   639  O OG1 . THR A 1 84  ? 0.818   0.162   10.939  1.000 25.123 0 84  THR A OG1 1 ? 
ATOM   640  C CG2 . THR A 1 84  ? -0.330  1.855   12.147  1.000 21.864 0 84  THR A CG2 1 ? 
ATOM   641  N N   . LYS A 1 85  ? -3.473  0.522   12.669  1.000 23.081 0 85  LYS A N   1 ? 
ATOM   642  C CA  . LYS A 1 85  ? -4.785  1.147   12.733  1.000 25.458 0 85  LYS A CA  1 ? 
ATOM   643  C C   . LYS A 1 85  ? -4.718  2.580   12.208  1.000 22.604 0 85  LYS A C   1 ? 
ATOM   644  O O   . LYS A 1 85  ? -3.816  3.344   12.543  1.000 25.211 0 85  LYS A O   1 ? 
ATOM   645  C CB  . LYS A 1 85  ? -5.360  1.127   14.152  1.000 31.316 0 85  LYS A CB  1 ? 
ATOM   646  C CG  . LYS A 1 85  ? -6.005  -0.199  14.554  1.000 38.983 0 85  LYS A CG  1 ? 
ATOM   647  C CD  . LYS A 1 85  ? -7.201  -0.020  15.493  1.000 45.806 0 85  LYS A CD  1 ? 
ATOM   648  C CE  . LYS A 1 85  ? -8.062  -1.259  15.621  1.000 52.444 0 85  LYS A CE  1 ? 
ATOM   649  N NZ  . LYS A 1 85  ? -9.377  -0.950  16.238  1.000 54.268 0 85  LYS A NZ  1 ? 
ATOM   650  N N   . ILE A 1 86  ? -5.737  2.927   11.424  1.000 24.345 0 86  ILE A N   1 ? 
ATOM   651  C CA  . ILE A 1 86  ? -5.802  4.215   10.770  1.000 23.497 0 86  ILE A CA  1 ? 
ATOM   652  C C   . ILE A 1 86  ? -7.265  4.596   10.600  1.000 22.459 0 86  ILE A C   1 ? 
ATOM   653  O O   . ILE A 1 86  ? -8.114  3.760   10.318  1.000 24.335 0 86  ILE A O   1 ? 
ATOM   654  C CB  . ILE A 1 86  ? -5.045  4.180   9.424   1.000 23.243 0 86  ILE A CB  1 ? 
ATOM   655  C CG1 . ILE A 1 86  ? -4.805  5.587   8.878   1.000 24.257 0 86  ILE A CG1 1 ? 
ATOM   656  C CG2 . ILE A 1 86  ? -5.727  3.255   8.424   1.000 26.085 0 86  ILE A CG2 1 ? 
ATOM   657  C CD1 . ILE A 1 86  ? -4.036  5.633   7.582   1.000 25.340 0 86  ILE A CD1 1 ? 
ATOM   658  N N   . ASN A 1 87  ? -7.527  5.880   10.804  1.000 22.194 0 87  ASN A N   1 ? 
ATOM   659  C CA  . ASN A 1 87  ? -8.792  6.472   10.435  1.000 21.788 0 87  ASN A CA  1 ? 
ATOM   660  C C   . ASN A 1 87  ? -8.541  7.272   9.167   1.000 19.959 0 87  ASN A C   1 ? 
ATOM   661  O O   . ASN A 1 87  ? -7.848  8.304   9.206   1.000 20.945 0 87  ASN A O   1 ? 
ATOM   662  C CB  . ASN A 1 87  ? -9.351  7.319   11.572  1.000 22.274 0 87  ASN A CB  1 ? 
ATOM   663  C CG  . ASN A 1 87  ? -9.676  6.495   12.802  1.000 23.457 0 87  ASN A CG  1 ? 
ATOM   664  O OD1 . ASN A 1 87  ? -10.099 5.354   12.696  1.000 24.327 0 87  ASN A OD1 1 ? 
ATOM   665  N ND2 . ASN A 1 87  ? -9.483  7.072   13.973  1.000 24.285 0 87  ASN A ND2 1 ? 
ATOM   666  N N   . MET A 1 88  ? -9.057  6.731   8.063   1.000 21.603 0 88  MET A N   1 ? 
ATOM   667  C CA  . MET A 1 88  ? -8.922  7.329   6.745   1.000 21.732 0 88  MET A CA  1 ? 
ATOM   668  C C   . MET A 1 88  ? -10.035 6.837   5.826   1.000 22.713 0 88  MET A C   1 ? 
ATOM   669  O O   . MET A 1 88  ? -10.350 5.645   5.781   1.000 24.146 0 88  MET A O   1 ? 
ATOM   670  C CB  . MET A 1 88  ? -7.561  6.936   6.158   1.000 23.475 0 88  MET A CB  1 ? 
ATOM   671  C CG  . MET A 1 88  ? -7.326  7.363   4.727   1.000 22.076 0 88  MET A CG  1 ? 
ATOM   672  S SD  . MET A 1 88  ? -5.659  6.756   4.221   1.000 26.030 0 88  MET A SD  1 ? 
ATOM   673  C CE  . MET A 1 88  ? -5.665  7.267   2.501   1.000 27.885 0 88  MET A CE  1 ? 
ATOM   674  N N   . ASN A 1 89  ? -10.582 7.766   5.039   1.000 24.159 0 89  ASN A N   1 ? 
ATOM   675  C CA  . ASN A 1 89  ? -11.601 7.444   4.057   1.000 26.682 0 89  ASN A CA  1 ? 
ATOM   676  C C   . ASN A 1 89  ? -11.133 6.374   3.085   1.000 28.109 0 89  ASN A C   1 ? 
ATOM   677  O O   . ASN A 1 89  ? -10.038 6.445   2.534   1.000 28.627 0 89  ASN A O   1 ? 
ATOM   678  C CB  . ASN A 1 89  ? -12.017 8.665   3.243   1.000 28.654 0 89  ASN A CB  1 ? 
ATOM   679  C CG  . ASN A 1 89  ? -13.152 9.371   3.920   1.000 30.113 0 89  ASN A CG  1 ? 
ATOM   680  O OD1 . ASN A 1 89  ? -14.294 8.908   3.842   1.000 30.317 0 89  ASN A OD1 1 ? 
ATOM   681  N ND2 . ASN A 1 89  ? -12.810 10.422  4.656   1.000 29.450 0 89  ASN A ND2 1 ? 
ATOM   682  N N   . GLY A 1 90  ? -12.016 5.395   2.855   1.000 30.270 0 90  GLY A N   1 ? 
ATOM   683  C CA  . GLY A 1 90  ? -11.696 4.275   1.994   1.000 31.858 0 90  GLY A CA  1 ? 
ATOM   684  C C   . GLY A 1 90  ? -11.067 3.106   2.745   1.000 30.579 0 90  GLY A C   1 ? 
ATOM   685  O O   . GLY A 1 90  ? -10.871 2.057   2.143   1.000 33.905 0 90  GLY A O   1 ? 
ATOM   686  N N   . ILE A 1 91  ? -10.727 3.284   4.033   1.000 28.604 0 91  ILE A N   1 ? 
ATOM   687  C CA  . ILE A 1 91  ? -10.201 2.188   4.836   1.000 29.390 0 91  ILE A CA  1 ? 
ATOM   688  C C   . ILE A 1 91  ? -11.238 1.810   5.885   1.000 28.028 0 91  ILE A C   1 ? 
ATOM   689  O O   . ILE A 1 91  ? -11.622 2.640   6.704   1.000 29.273 0 91  ILE A O   1 ? 
ATOM   690  C CB  . ILE A 1 91  ? -8.852  2.537   5.500   1.000 28.641 0 91  ILE A CB  1 ? 
ATOM   691  C CG1 . ILE A 1 91  ? -7.743  2.709   4.463   1.000 29.590 0 91  ILE A CG1 1 ? 
ATOM   692  C CG2 . ILE A 1 91  ? -8.460  1.506   6.548   1.000 29.276 0 91  ILE A CG2 1 ? 
ATOM   693  C CD1 . ILE A 1 91  ? -7.935  3.870   3.539   1.000 31.310 0 91  ILE A CD1 1 ? 
ATOM   694  N N   . ASN A 1 92  ? -11.650 0.538   5.871   1.000 29.774 0 92  ASN A N   1 ? 
ATOM   695  C CA  . ASN A 1 92  ? -12.612 0.059   6.847   1.000 32.926 0 92  ASN A CA  1 ? 
ATOM   696  C C   . ASN A 1 92  ? -11.981 0.212   8.229   1.000 33.555 0 92  ASN A C   1 ? 
ATOM   697  O O   . ASN A 1 92  ? -10.890 -0.287  8.490   1.000 29.506 0 92  ASN A O   1 ? 
ATOM   698  C CB  . ASN A 1 92  ? -13.069 -1.379  6.594   1.000 32.232 0 92  ASN A CB  1 ? 
ATOM   699  C CG  . ASN A 1 92  ? -14.137 -1.807  7.588   1.000 37.258 0 92  ASN A CG  1 ? 
ATOM   700  O OD1 . ASN A 1 92  ? -13.844 -2.469  8.584   1.000 37.412 0 92  ASN A OD1 1 ? 
ATOM   701  N ND2 . ASN A 1 92  ? -15.372 -1.400  7.339   1.000 39.737 0 92  ASN A ND2 1 ? 
ATOM   702  N N   . ASN A 1 93  ? -12.694 0.916   9.117   1.000 38.461 0 93  ASN A N   1 ? 
ATOM   703  C CA  . ASN A 1 93  ? -12.149 1.297   10.409  1.000 43.132 0 93  ASN A CA  1 ? 
ATOM   704  C C   . ASN A 1 93  ? -12.067 0.081   11.328  1.000 38.709 0 93  ASN A C   1 ? 
ATOM   705  O O   . ASN A 1 93  ? -11.447 0.150   12.380  1.000 45.348 0 93  ASN A O   1 ? 
ATOM   706  C CB  . ASN A 1 93  ? -12.984 2.401   11.070  1.000 47.778 0 93  ASN A CB  1 ? 
ATOM   707  C CG  . ASN A 1 93  ? -14.326 1.891   11.546  1.000 56.555 0 93  ASN A CG  1 ? 
ATOM   708  O OD1 . ASN A 1 93  ? -15.198 1.566   10.739  1.000 62.818 0 93  ASN A OD1 1 ? 
ATOM   709  N ND2 . ASN A 1 93  ? -14.499 1.797   12.856  1.000 64.134 0 93  ASN A ND2 1 ? 
ATOM   710  N N   . SER A 1 94  ? -12.703 -1.025  10.931  1.000 42.303 0 94  SER A N   1 ? 
ATOM   711  C CA  . SER A 1 94  ? -12.788 -2.222  11.752  1.000 38.263 0 94  SER A CA  1 ? 
ATOM   712  C C   . SER A 1 94  ? -11.840 -3.317  11.247  1.000 36.986 0 94  SER A C   1 ? 
ATOM   713  O O   . SER A 1 94  ? -11.249 -4.012  12.063  1.000 33.438 0 94  SER A O   1 ? 
ATOM   714  C CB  . SER A 1 94  ? -14.235 -2.686  11.817  1.000 43.267 0 94  SER A CB  1 ? 
ATOM   715  O OG  . SER A 1 94  ? -14.384 -3.821  12.649  1.000 43.764 0 94  SER A OG  1 ? 
ATOM   716  N N   . SER A 1 95  ? -11.689 -3.478  9.913   1.000 36.061 0 95  SER A N   1 ? 
ATOM   717  C CA  . SER A 1 95  ? -10.870 -4.543  9.331   1.000 35.382 0 95  SER A CA  1 ? 
ATOM   718  C C   . SER A 1 95  ? -9.515  -4.056  8.803   1.000 35.167 0 95  SER A C   1 ? 
ATOM   719  O O   . SER A 1 95  ? -8.579  -4.844  8.657   1.000 33.541 0 95  SER A O   1 ? 
ATOM   720  C CB  . SER A 1 95  ? -11.610 -5.257  8.215   1.000 36.642 0 95  SER A CB  1 ? 
ATOM   721  O OG  . SER A 1 95  ? -11.697 -4.470  7.031   1.000 35.358 0 95  SER A OG  1 ? 
ATOM   722  N N   . GLY A 1 96  ? -9.422  -2.768  8.459   1.000 29.987 0 96  GLY A N   1 ? 
ATOM   723  C CA  . GLY A 1 96  ? -8.218  -2.239  7.832   1.000 27.826 0 96  GLY A CA  1 ? 
ATOM   724  C C   . GLY A 1 96  ? -8.206  -2.452  6.323   1.000 28.044 0 96  GLY A C   1 ? 
ATOM   725  O O   . GLY A 1 96  ? -7.296  -1.951  5.657   1.000 24.853 0 96  GLY A O   1 ? 
ATOM   726  N N   . MET A 1 97  ? -9.217  -3.159  5.780   1.000 27.531 0 97  MET A N   1 ? 
ATOM   727  C CA  . MET A 1 97  ? -9.303  -3.412  4.351   1.000 30.417 0 97  MET A CA  1 ? 
ATOM   728  C C   . MET A 1 97  ? -9.497  -2.092  3.608   1.000 31.606 0 97  MET A C   1 ? 
ATOM   729  O O   . MET A 1 97  ? -10.295 -1.236  4.005   1.000 28.229 0 97  MET A O   1 ? 
ATOM   730  C CB  . MET A 1 97  ? -10.486 -4.331  4.022   1.000 38.826 0 97  MET A CB  1 ? 
ATOM   731  C CG  . MET A 1 97  ? -10.306 -5.772  4.490   1.000 47.353 0 97  MET A CG  1 ? 
ATOM   732  S SD  . MET A 1 97  ? -8.967  -6.702  3.669   1.000 58.222 0 97  MET A SD  1 ? 
ATOM   733  C CE  . MET A 1 97  ? -8.908  -5.957  2.035   1.000 48.911 0 97  MET A CE  1 ? 
ATOM   734  N N   . VAL A 1 98  ? -8.764  -1.947  2.498   1.000 29.165 0 98  VAL A N   1 ? 
ATOM   735  C CA  . VAL A 1 98  ? -8.917  -0.808  1.615   1.000 30.386 0 98  VAL A CA  1 ? 
ATOM   736  C C   . VAL A 1 98  ? -10.043 -1.093  0.630   1.000 30.762 0 98  VAL A C   1 ? 
ATOM   737  O O   . VAL A 1 98  ? -10.012 -2.117  -0.054  1.000 32.620 0 98  VAL A O   1 ? 
ATOM   738  C CB  . VAL A 1 98  ? -7.599  -0.507  0.878   1.000 29.662 0 98  VAL A CB  1 ? 
ATOM   739  C CG1 . VAL A 1 98  ? -7.756  0.596   -0.164  1.000 30.237 0 98  VAL A CG1 1 ? 
ATOM   740  C CG2 . VAL A 1 98  ? -6.508  -0.173  1.874   1.000 28.982 0 98  VAL A CG2 1 ? 
ATOM   741  N N   . ASP A 1 99  ? -10.985 -0.142  0.550   1.000 31.636 0 99  ASP A N   1 ? 
ATOM   742  C CA  . ASP A 1 99  ? -12.090 -0.186  -0.399  1.000 33.718 0 99  ASP A CA  1 ? 
ATOM   743  C C   . ASP A 1 99  ? -11.627 0.327   -1.760  1.000 29.616 0 99  ASP A C   1 ? 
ATOM   744  O O   . ASP A 1 99  ? -11.486 1.525   -1.970  1.000 32.408 0 99  ASP A O   1 ? 
ATOM   745  C CB  . ASP A 1 99  ? -13.269 0.620   0.148   1.000 36.739 0 99  ASP A CB  1 ? 
ATOM   746  C CG  . ASP A 1 99  ? -14.551 0.500   -0.656  1.000 44.099 0 99  ASP A CG  1 ? 
ATOM   747  O OD1 . ASP A 1 99  ? -14.516 -0.152  -1.712  1.000 42.095 0 99  ASP A OD1 1 ? 
ATOM   748  O OD2 . ASP A 1 99  ? -15.572 1.062   -0.205  1.000 49.514 0 99  ASP A OD2 1 ? 
ATOM   749  N N   . ALA A 1 100 ? -11.440 -0.591  -2.708  1.000 32.347 0 100 ALA A N   1 ? 
ATOM   750  C CA  . ALA A 1 100 ? -10.961 -0.234  -4.031  1.000 35.341 0 100 ALA A CA  1 ? 
ATOM   751  C C   . ALA A 1 100 ? -11.754 0.931   -4.644  1.000 41.696 0 100 ALA A C   1 ? 
ATOM   752  O O   . ALA A 1 100 ? -11.169 1.754   -5.351  1.000 39.115 0 100 ALA A O   1 ? 
ATOM   753  C CB  . ALA A 1 100 ? -10.962 -1.456  -4.914  1.000 36.631 0 100 ALA A CB  1 ? 
ATOM   754  N N   . ARG A 1 101 ? -13.065 1.046   -4.379  1.000 43.019 0 101 ARG A N   1 ? 
ATOM   755  C CA  . ARG A 1 101 ? -13.850 2.043   -5.100  1.000 46.671 0 101 ARG A CA  1 ? 
ATOM   756  C C   . ARG A 1 101 ? -13.550 3.453   -4.589  1.000 44.756 0 101 ARG A C   1 ? 
ATOM   757  O O   . ARG A 1 101 ? -13.826 4.422   -5.291  1.000 46.596 0 101 ARG A O   1 ? 
ATOM   758  C CB  . ARG A 1 101 ? -15.347 1.714   -5.087  1.000 53.494 0 101 ARG A CB  1 ? 
ATOM   759  C CG  . ARG A 1 101 ? -16.002 1.714   -3.717  1.000 59.894 0 101 ARG A CG  1 ? 
ATOM   760  C CD  . ARG A 1 101 ? -17.507 1.513   -3.809  1.000 64.302 0 101 ARG A CD  1 ? 
ATOM   761  N NE  . ARG A 1 101 ? -18.042 1.016   -2.550  1.000 65.953 0 101 ARG A NE  1 ? 
ATOM   762  C CZ  . ARG A 1 101 ? -17.909 -0.235  -2.118  1.000 66.028 0 101 ARG A CZ  1 ? 
ATOM   763  N NH1 . ARG A 1 101 ? -17.472 -1.176  -2.936  1.000 64.836 0 101 ARG A NH1 1 ? 
ATOM   764  N NH2 . ARG A 1 101 ? -18.253 -0.549  -0.880  1.000 66.732 0 101 ARG A NH2 1 ? 
ATOM   765  N N   . SER A 1 102 ? -12.928 3.576   -3.409  1.000 44.479 0 102 SER A N   1 ? 
ATOM   766  C CA  . SER A 1 102 ? -12.637 4.879   -2.819  1.000 41.427 0 102 SER A CA  1 ? 
ATOM   767  C C   . SER A 1 102 ? -11.231 5.373   -3.156  1.000 39.978 0 102 SER A C   1 ? 
ATOM   768  O O   . SER A 1 102 ? -10.881 6.510   -2.827  1.000 38.874 0 102 SER A O   1 ? 
ATOM   769  C CB  . SER A 1 102 ? -12.825 4.827   -1.330  1.000 44.763 0 102 SER A CB  1 ? 
ATOM   770  O OG  . SER A 1 102 ? -14.158 4.474   -1.015  1.000 45.784 0 102 SER A OG  1 ? 
ATOM   771  N N   . ILE A 1 103 ? -10.420 4.495   -3.752  1.000 34.919 0 103 ILE A N   1 ? 
ATOM   772  C CA  . ILE A 1 103 ? -9.049  4.803   -4.123  1.000 33.827 0 103 ILE A CA  1 ? 
ATOM   773  C C   . ILE A 1 103 ? -8.973  4.787   -5.645  1.000 36.578 0 103 ILE A C   1 ? 
ATOM   774  O O   . ILE A 1 103 ? -9.082  3.728   -6.259  1.000 34.850 0 103 ILE A O   1 ? 
ATOM   775  C CB  . ILE A 1 103 ? -8.063  3.807   -3.480  1.000 31.433 0 103 ILE A CB  1 ? 
ATOM   776  C CG1 . ILE A 1 103 ? -8.363  3.567   -1.997  1.000 31.876 0 103 ILE A CG1 1 ? 
ATOM   777  C CG2 . ILE A 1 103 ? -6.626  4.251   -3.711  1.000 31.225 0 103 ILE A CG2 1 ? 
ATOM   778  C CD1 . ILE A 1 103 ? -8.286  4.798   -1.112  1.000 31.926 0 103 ILE A CD1 1 ? 
ATOM   779  N N   . PRO A 1 104 ? -8.831  5.964   -6.290  1.000 40.718 0 104 PRO A N   1 ? 
ATOM   780  C CA  . PRO A 1 104 ? -8.876  6.071   -7.751  1.000 40.776 0 104 PRO A CA  1 ? 
ATOM   781  C C   . PRO A 1 104 ? -7.974  5.098   -8.503  1.000 38.566 0 104 PRO A C   1 ? 
ATOM   782  O O   . PRO A 1 104 ? -8.400  4.511   -9.500  1.000 40.925 0 104 PRO A O   1 ? 
ATOM   783  C CB  . PRO A 1 104 ? -8.412  7.510   -8.006  1.000 42.105 0 104 PRO A CB  1 ? 
ATOM   784  C CG  . PRO A 1 104 ? -8.895  8.248   -6.783  1.000 44.337 0 104 PRO A CG  1 ? 
ATOM   785  C CD  . PRO A 1 104 ? -8.655  7.275   -5.647  1.000 42.262 0 104 PRO A CD  1 ? 
ATOM   786  N N   . VAL A 1 105 ? -6.732  4.905   -8.037  1.000 35.105 0 105 VAL A N   1 ? 
ATOM   787  C CA  . VAL A 1 105 ? -5.829  4.041   -8.785  1.000 34.836 0 105 VAL A CA  1 ? 
ATOM   788  C C   . VAL A 1 105 ? -6.249  2.576   -8.639  1.000 30.627 0 105 VAL A C   1 ? 
ATOM   789  O O   . VAL A 1 105 ? -5.872  1.785   -9.489  1.000 32.267 0 105 VAL A O   1 ? 
ATOM   790  C CB  . VAL A 1 105 ? -4.339  4.239   -8.441  1.000 36.658 0 105 VAL A CB  1 ? 
ATOM   791  C CG1 . VAL A 1 105 ? -3.881  5.680   -8.645  1.000 38.933 0 105 VAL A CG1 1 ? 
ATOM   792  C CG2 . VAL A 1 105 ? -4.020  3.749   -7.044  1.000 36.015 0 105 VAL A CG2 1 ? 
ATOM   793  N N   . LEU A 1 106 ? -6.996  2.192   -7.588  1.000 31.120 0 106 LEU A N   1 ? 
ATOM   794  C CA  . LEU A 1 106 ? -7.563  0.848   -7.518  1.000 29.535 0 106 LEU A CA  1 ? 
ATOM   795  C C   . LEU A 1 106 ? -8.878  0.787   -8.303  1.000 32.580 0 106 LEU A C   1 ? 
ATOM   796  O O   . LEU A 1 106 ? -9.064  -0.130  -9.096  1.000 34.967 0 106 LEU A O   1 ? 
ATOM   797  C CB  . LEU A 1 106 ? -7.762  0.427   -6.063  1.000 29.526 0 106 LEU A CB  1 ? 
ATOM   798  C CG  . LEU A 1 106 ? -6.468  0.244   -5.270  1.000 28.277 0 106 LEU A CG  1 ? 
ATOM   799  C CD1 . LEU A 1 106 ? -6.775  -0.090  -3.830  1.000 30.352 0 106 LEU A CD1 1 ? 
ATOM   800  C CD2 . LEU A 1 106 ? -5.596  -0.841  -5.894  1.000 28.976 0 106 LEU A CD2 1 ? 
ATOM   801  N N   . ALA A 1 107 ? -9.768  1.759   -8.088  1.000 36.231 0 107 ALA A N   1 ? 
ATOM   802  C CA  . ALA A 1 107 ? -11.041 1.817   -8.801  1.000 38.159 0 107 ALA A CA  1 ? 
ATOM   803  C C   . ALA A 1 107 ? -10.828 1.864   -10.317 1.000 37.064 0 107 ALA A C   1 ? 
ATOM   804  O O   . ALA A 1 107 ? -11.566 1.209   -11.058 1.000 40.121 0 107 ALA A O   1 ? 
ATOM   805  C CB  . ALA A 1 107 ? -11.843 3.010   -8.337  1.000 40.988 0 107 ALA A CB  1 ? 
ATOM   806  N N   . LYS A 1 108 ? -9.846  2.653   -10.776 1.000 36.855 0 108 LYS A N   1 ? 
ATOM   807  C CA  . LYS A 1 108 ? -9.545  2.793   -12.196 1.000 37.279 0 108 LYS A CA  1 ? 
ATOM   808  C C   . LYS A 1 108 ? -8.162  2.216   -12.505 1.000 32.125 0 108 LYS A C   1 ? 
ATOM   809  O O   . LYS A 1 108 ? -7.309  2.889   -13.068 1.000 37.309 0 108 LYS A O   1 ? 
ATOM   810  C CB  . LYS A 1 108 ? -9.626  4.267   -12.607 1.000 41.143 0 108 LYS A CB  1 ? 
ATOM   811  C CG  . LYS A 1 108 ? -10.972 4.938   -12.362 1.000 46.315 0 108 LYS A CG  1 ? 
ATOM   812  C CD  . LYS A 1 108 ? -11.049 6.356   -12.898 1.000 50.972 0 108 LYS A CD  1 ? 
ATOM   813  C CE  . LYS A 1 108 ? -12.434 6.957   -12.776 1.000 55.929 0 108 LYS A CE  1 ? 
ATOM   814  N NZ  . LYS A 1 108 ? -12.437 8.414   -13.051 1.000 58.153 0 108 LYS A NZ  1 ? 
ATOM   815  N N   . TRP A 1 109 ? -7.961  0.953   -12.142 1.000 35.465 0 109 TRP A N   1 ? 
ATOM   816  C CA  . TRP A 1 109 ? -6.665  0.305   -12.248 1.000 36.027 0 109 TRP A CA  1 ? 
ATOM   817  C C   . TRP A 1 109 ? -6.254  0.183   -13.707 1.000 40.014 0 109 TRP A C   1 ? 
ATOM   818  O O   . TRP A 1 109 ? -7.075  -0.205  -14.536 1.000 42.455 0 109 TRP A O   1 ? 
ATOM   819  C CB  . TRP A 1 109 ? -6.725  -1.085  -11.616 1.000 34.671 0 109 TRP A CB  1 ? 
ATOM   820  C CG  . TRP A 1 109 ? -5.456  -1.875  -11.777 1.000 33.796 0 109 TRP A CG  1 ? 
ATOM   821  C CD1 . TRP A 1 109 ? -5.192  -2.825  -12.716 1.000 33.730 0 109 TRP A CD1 1 ? 
ATOM   822  C CD2 . TRP A 1 109 ? -4.272  -1.775  -10.958 1.000 31.511 0 109 TRP A CD2 1 ? 
ATOM   823  N NE1 . TRP A 1 109 ? -3.931  -3.327  -12.540 1.000 34.573 0 109 TRP A NE1 1 ? 
ATOM   824  C CE2 . TRP A 1 109 ? -3.345  -2.710  -11.463 1.000 31.077 0 109 TRP A CE2 1 ? 
ATOM   825  C CE3 . TRP A 1 109 ? -3.911  -0.999  -9.850  1.000 29.203 0 109 TRP A CE3 1 ? 
ATOM   826  C CZ2 . TRP A 1 109 ? -2.077  -2.875  -10.912 1.000 30.591 0 109 TRP A CZ2 1 ? 
ATOM   827  C CZ3 . TRP A 1 109 ? -2.658  -1.170  -9.309  1.000 28.291 0 109 TRP A CZ3 1 ? 
ATOM   828  C CH2 . TRP A 1 109 ? -1.757  -2.087  -9.829  1.000 28.848 0 109 TRP A CH2 1 ? 
ATOM   829  N N   . GLN A 1 110 ? -4.981  0.497   -13.971 1.000 38.297 0 110 GLN A N   1 ? 
ATOM   830  C CA  . GLN A 1 110 ? -4.319  0.274   -15.245 1.000 41.647 0 110 GLN A CA  1 ? 
ATOM   831  C C   . GLN A 1 110 ? -3.147  -0.686  -15.048 1.000 44.082 0 110 GLN A C   1 ? 
ATOM   832  O O   . GLN A 1 110 ? -2.463  -0.651  -14.025 1.000 35.081 0 110 GLN A O   1 ? 
ATOM   833  C CB  . GLN A 1 110 ? -3.764  1.579   -15.818 1.000 44.997 0 110 GLN A CB  1 ? 
ATOM   834  C CG  . GLN A 1 110 ? -4.785  2.700   -15.954 1.000 51.584 0 110 GLN A CG  1 ? 
ATOM   835  C CD  . GLN A 1 110 ? -5.941  2.313   -16.843 1.000 57.323 0 110 GLN A CD  1 ? 
ATOM   836  O OE1 . GLN A 1 110 ? -5.762  1.729   -17.911 1.000 61.609 0 110 GLN A OE1 1 ? 
ATOM   837  N NE2 . GLN A 1 110 ? -7.149  2.615   -16.393 1.000 60.616 0 110 GLN A NE2 1 ? 
ATOM   838  N N   . ASN A 1 111 ? -2.862  -1.494  -16.075 1.000 38.890 0 111 ASN A N   1 ? 
ATOM   839  C CA  . ASN A 1 111 ? -1.887  -2.562  -15.945 1.000 38.866 0 111 ASN A CA  1 ? 
ATOM   840  C C   . ASN A 1 111 ? -0.459  -2.017  -15.969 1.000 38.441 0 111 ASN A C   1 ? 
ATOM   841  O O   . ASN A 1 111 ? 0.483   -2.800  -15.851 1.000 43.663 0 111 ASN A O   1 ? 
ATOM   842  C CB  . ASN A 1 111 ? -2.122  -3.657  -16.995 1.000 40.464 0 111 ASN A CB  1 ? 
ATOM   843  C CG  . ASN A 1 111 ? -1.710  -3.260  -18.398 1.000 44.088 0 111 ASN A CG  1 ? 
ATOM   844  O OD1 . ASN A 1 111 ? -1.140  -2.195  -18.619 1.000 45.507 0 111 ASN A OD1 1 ? 
ATOM   845  N ND2 . ASN A 1 111 ? -1.985  -4.126  -19.359 1.000 48.073 0 111 ASN A ND2 1 ? 
ATOM   846  N N   . SER A 1 112 ? -0.304  -0.693  -16.113 1.000 37.449 0 112 SER A N   1 ? 
ATOM   847  C CA  . SER A 1 112 ? 0.974   -0.020  -15.954 1.000 35.023 0 112 SER A CA  1 ? 
ATOM   848  C C   . SER A 1 112 ? 1.206   0.396   -14.500 1.000 34.463 0 112 SER A C   1 ? 
ATOM   849  O O   . SER A 1 112 ? 2.284   0.886   -14.175 1.000 32.341 0 112 SER A O   1 ? 
ATOM   850  C CB  . SER A 1 112 ? 1.058   1.181   -16.844 1.000 36.228 0 112 SER A CB  1 ? 
ATOM   851  O OG  . SER A 1 112 ? -0.009  2.075   -16.567 1.000 37.501 0 112 SER A OG  1 ? 
ATOM   852  N N   . TYR A 1 113 ? 0.196   0.206   -13.647 1.000 32.392 0 113 TYR A N   1 ? 
ATOM   853  C CA  . TYR A 1 113 ? 0.320   0.540   -12.236 1.000 32.673 0 113 TYR A CA  1 ? 
ATOM   854  C C   . TYR A 1 113 ? 1.111   -0.559  -11.536 1.000 28.692 0 113 TYR A C   1 ? 
ATOM   855  O O   . TYR A 1 113 ? 1.437   -1.585  -12.126 1.000 30.208 0 113 TYR A O   1 ? 
ATOM   856  C CB  . TYR A 1 113 ? -1.060  0.784   -11.616 1.000 31.274 0 113 TYR A CB  1 ? 
ATOM   857  C CG  . TYR A 1 113 ? -1.781  2.045   -12.079 1.000 31.200 0 113 TYR A CG  1 ? 
ATOM   858  C CD1 . TYR A 1 113 ? -1.148  3.023   -12.841 1.000 32.364 0 113 TYR A CD1 1 ? 
ATOM   859  C CD2 . TYR A 1 113 ? -3.106  2.261   -11.724 1.000 34.424 0 113 TYR A CD2 1 ? 
ATOM   860  C CE1 . TYR A 1 113 ? -1.827  4.157   -13.265 1.000 34.595 0 113 TYR A CE1 1 ? 
ATOM   861  C CE2 . TYR A 1 113 ? -3.790  3.396   -12.125 1.000 33.031 0 113 TYR A CE2 1 ? 
ATOM   862  C CZ  . TYR A 1 113 ? -3.146  4.344   -12.897 1.000 35.951 0 113 TYR A CZ  1 ? 
ATOM   863  O OH  . TYR A 1 113 ? -3.846  5.446   -13.277 1.000 42.835 0 113 TYR A OH  1 ? 
ATOM   864  N N   . SER A 1 114 ? 1.390   -0.332  -10.247 1.000 26.636 0 114 SER A N   1 ? 
ATOM   865  C CA  . SER A 1 114 ? 2.316   -1.147  -9.481  1.000 23.490 0 114 SER A CA  1 ? 
ATOM   866  C C   . SER A 1 114 ? 2.002   -0.995  -7.996  1.000 22.135 0 114 SER A C   1 ? 
ATOM   867  O O   . SER A 1 114 ? 1.216   -0.121  -7.616  1.000 22.759 0 114 SER A O   1 ? 
ATOM   868  C CB  . SER A 1 114 ? 3.743   -0.738  -9.742  1.000 24.424 0 114 SER A CB  1 ? 
ATOM   869  O OG  . SER A 1 114 ? 3.951   0.647   -9.438  1.000 24.024 0 114 SER A OG  1 ? 
ATOM   870  N N   . ILE A 1 115 ? 2.691   -1.789  -7.166  1.000 21.070 0 115 ILE A N   1 ? 
ATOM   871  C CA  . ILE A 1 115 ? 2.547   -1.699  -5.720  1.000 21.042 0 115 ILE A CA  1 ? 
ATOM   872  C C   . ILE A 1 115 ? 2.988   -0.305  -5.300  1.000 18.881 0 115 ILE A C   1 ? 
ATOM   873  O O   . ILE A 1 115 ? 2.341   0.339   -4.468  1.000 20.257 0 115 ILE A O   1 ? 
ATOM   874  C CB  . ILE A 1 115 ? 3.355   -2.784  -4.984  1.000 22.100 0 115 ILE A CB  1 ? 
ATOM   875  C CG1 . ILE A 1 115 ? 2.825   -4.190  -5.282  1.000 26.048 0 115 ILE A CG1 1 ? 
ATOM   876  C CG2 . ILE A 1 115 ? 3.375   -2.494  -3.486  1.000 22.681 0 115 ILE A CG2 1 ? 
ATOM   877  C CD1 . ILE A 1 115 ? 3.810   -5.301  -4.953  1.000 29.348 0 115 ILE A CD1 1 ? 
ATOM   878  N N   . LYS A 1 116 ? 4.068   0.168   -5.912  1.000 20.653 0 116 LYS A N   1 ? 
ATOM   879  C CA  . LYS A 1 116 ? 4.574   1.498   -5.614  1.000 21.017 0 116 LYS A CA  1 ? 
ATOM   880  C C   . LYS A 1 116 ? 3.480   2.544   -5.822  1.000 19.305 0 116 LYS A C   1 ? 
ATOM   881  O O   . LYS A 1 116 ? 3.289   3.422   -4.983  1.000 20.479 0 116 LYS A O   1 ? 
ATOM   882  C CB  . LYS A 1 116 ? 5.781   1.803   -6.502  1.000 24.194 0 116 LYS A CB  1 ? 
ATOM   883  C CG  . LYS A 1 116 ? 6.306   3.222   -6.370  1.000 26.468 0 116 LYS A CG  1 ? 
ATOM   884  C CD  . LYS A 1 116 ? 7.290   3.576   -7.453  1.000 30.712 0 116 LYS A CD  1 ? 
ATOM   885  C CE  . LYS A 1 116 ? 6.696   3.611   -8.841  1.000 33.880 0 116 LYS A CE  1 ? 
ATOM   886  N NZ  . LYS A 1 116 ? 7.767   3.678   -9.864  1.000 36.680 0 116 LYS A NZ  1 ? 
ATOM   887  N N   . VAL A 1 117 ? 2.836   2.528   -6.994  1.000 19.792 0 117 VAL A N   1 ? 
ATOM   888  C CA  . VAL A 1 117 ? 1.822   3.511   -7.325  1.000 20.498 0 117 VAL A CA  1 ? 
ATOM   889  C C   . VAL A 1 117 ? 0.681   3.504   -6.297  1.000 20.394 0 117 VAL A C   1 ? 
ATOM   890  O O   . VAL A 1 117 ? 0.210   4.569   -5.884  1.000 22.292 0 117 VAL A O   1 ? 
ATOM   891  C CB  . VAL A 1 117 ? 1.315   3.322   -8.767  1.000 22.457 0 117 VAL A CB  1 ? 
ATOM   892  C CG1 . VAL A 1 117 ? 0.118   4.207   -9.034  1.000 22.342 0 117 VAL A CG1 1 ? 
ATOM   893  C CG2 . VAL A 1 117 ? 2.416   3.618   -9.765  1.000 23.360 0 117 VAL A CG2 1 ? 
ATOM   894  N N   . VAL A 1 118 ? 0.260   2.318   -5.867  1.000 21.269 0 118 VAL A N   1 ? 
ATOM   895  C CA  . VAL A 1 118 ? -0.812  2.183   -4.885  1.000 20.441 0 118 VAL A CA  1 ? 
ATOM   896  C C   . VAL A 1 118 ? -0.420  2.872   -3.568  1.000 18.579 0 118 VAL A C   1 ? 
ATOM   897  O O   . VAL A 1 118 ? -1.205  3.647   -3.014  1.000 20.031 0 118 VAL A O   1 ? 
ATOM   898  C CB  . VAL A 1 118 ? -1.193  0.717   -4.653  1.000 22.182 0 118 VAL A CB  1 ? 
ATOM   899  C CG1 . VAL A 1 118 ? -2.221  0.598   -3.547  1.000 23.965 0 118 VAL A CG1 1 ? 
ATOM   900  C CG2 . VAL A 1 118 ? -1.730  0.052   -5.917  1.000 22.838 0 118 VAL A CG2 1 ? 
ATOM   901  N N   . LEU A 1 119 ? 0.792   2.593   -3.085  1.000 18.511 0 119 LEU A N   1 ? 
ATOM   902  C CA  . LEU A 1 119 ? 1.250   3.157   -1.819  1.000 17.937 0 119 LEU A CA  1 ? 
ATOM   903  C C   . LEU A 1 119 ? 1.410   4.668   -1.927  1.000 17.164 0 119 LEU A C   1 ? 
ATOM   904  O O   . LEU A 1 119 ? 1.083   5.399   -0.974  1.000 18.498 0 119 LEU A O   1 ? 
ATOM   905  C CB  . LEU A 1 119 ? 2.552   2.460   -1.401  1.000 18.465 0 119 LEU A CB  1 ? 
ATOM   906  C CG  . LEU A 1 119 ? 2.441   0.967   -1.075  1.000 18.751 0 119 LEU A CG  1 ? 
ATOM   907  C CD1 . LEU A 1 119 ? 3.796   0.401   -0.717  1.000 20.485 0 119 LEU A CD1 1 ? 
ATOM   908  C CD2 . LEU A 1 119 ? 1.433   0.686   0.042   1.000 22.175 0 119 LEU A CD2 1 ? 
ATOM   909  N N   . GLN A 1 120 ? 1.923   5.138   -3.065  1.000 18.165 0 120 GLN A N   1 ? 
ATOM   910  C CA  . GLN A 1 120 ? 2.099   6.560   -3.290  1.000 18.262 0 120 GLN A CA  1 ? 
ATOM   911  C C   . GLN A 1 120 ? 0.735   7.265   -3.287  1.000 18.658 0 120 GLN A C   1 ? 
ATOM   912  O O   . GLN A 1 120 ? 0.583   8.349   -2.726  1.000 19.307 0 120 GLN A O   1 ? 
ATOM   913  C CB  . GLN A 1 120 ? 2.854   6.783   -4.598  1.000 17.565 0 120 GLN A CB  1 ? 
ATOM   914  C CG  . GLN A 1 120 ? 4.337   6.419   -4.557  1.000 17.670 0 120 GLN A CG  1 ? 
ATOM   915  C CD  . GLN A 1 120 ? 5.045   6.597   -5.880  1.000 19.272 0 120 GLN A CD  1 ? 
ATOM   916  O OE1 . GLN A 1 120 ? 6.260   6.830   -5.939  1.000 22.764 0 120 GLN A OE1 1 ? 
ATOM   917  N NE2 . GLN A 1 120 ? 4.301   6.516   -6.959  1.000 17.638 0 120 GLN A NE2 1 ? 
ATOM   918  N N   . GLU A 1 121 ? -0.271  6.638   -3.909  1.000 19.390 0 121 GLU A N   1 ? 
ATOM   919  C CA  . GLU A 1 121 ? -1.620  7.175   -3.955  1.000 19.415 0 121 GLU A CA  1 ? 
ATOM   920  C C   . GLU A 1 121 ? -2.224  7.237   -2.557  1.000 19.234 0 121 GLU A C   1 ? 
ATOM   921  O O   . GLU A 1 121 ? -2.822  8.254   -2.202  1.000 20.855 0 121 GLU A O   1 ? 
ATOM   922  C CB  . GLU A 1 121 ? -2.508  6.307   -4.851  1.000 24.577 0 121 GLU A CB  1 ? 
ATOM   923  C CG  . GLU A 1 121 ? -3.897  6.881   -5.059  1.000 30.836 0 121 GLU A CG  1 ? 
ATOM   924  C CD  . GLU A 1 121 ? -3.968  8.031   -6.051  1.000 37.707 0 121 GLU A CD  1 ? 
ATOM   925  O OE1 . GLU A 1 121 ? -3.040  8.879   -6.059  1.000 40.284 0 121 GLU A OE1 1 ? 
ATOM   926  O OE2 . GLU A 1 121 ? -4.961  8.085   -6.806  1.000 44.366 0 121 GLU A OE2 1 ? 
ATOM   927  N N   . LEU A 1 122 ? -2.079  6.157   -1.776  1.000 18.621 0 122 LEU A N   1 ? 
ATOM   928  C CA  . LEU A 1 122 ? -2.590  6.181   -0.411  1.000 18.654 0 122 LEU A CA  1 ? 
ATOM   929  C C   . LEU A 1 122 ? -1.930  7.327   0.356   1.000 18.079 0 122 LEU A C   1 ? 
ATOM   930  O O   . LEU A 1 122 ? -2.599  8.009   1.133   1.000 18.813 0 122 LEU A O   1 ? 
ATOM   931  C CB  . LEU A 1 122 ? -2.367  4.823   0.265   1.000 19.078 0 122 LEU A CB  1 ? 
ATOM   932  C CG  . LEU A 1 122 ? -3.263  3.697   -0.258  1.000 20.509 0 122 LEU A CG  1 ? 
ATOM   933  C CD1 . LEU A 1 122 ? -2.841  2.348   0.294   1.000 22.541 0 122 LEU A CD1 1 ? 
ATOM   934  C CD2 . LEU A 1 122 ? -4.725  3.974   0.078   1.000 21.463 0 122 LEU A CD2 1 ? 
ATOM   935  N N   . ARG A 1 123 ? -0.609  7.502   0.220   1.000 17.371 0 123 ARG A N   1 ? 
ATOM   936  C CA  . ARG A 1 123 ? 0.062   8.585   0.951   1.000 17.651 0 123 ARG A CA  1 ? 
ATOM   937  C C   . ARG A 1 123 ? -0.480  9.953   0.525   1.000 19.090 0 123 ARG A C   1 ? 
ATOM   938  O O   . ARG A 1 123 ? -0.690  10.833  1.371   1.000 19.866 0 123 ARG A O   1 ? 
ATOM   939  C CB  . ARG A 1 123 ? 1.583   8.511   0.799   1.000 18.981 0 123 ARG A CB  1 ? 
ATOM   940  C CG  . ARG A 1 123 ? 2.334   9.456   1.730   1.000 17.863 0 123 ARG A CG  1 ? 
ATOM   941  C CD  . ARG A 1 123 ? 3.838   9.267   1.676   1.000 18.010 0 123 ARG A CD  1 ? 
ATOM   942  N NE  . ARG A 1 123 ? 4.492   9.763   2.881   1.000 18.820 0 123 ARG A NE  1 ? 
ATOM   943  C CZ  . ARG A 1 123 ? 5.022   10.968  3.023   1.000 19.841 0 123 ARG A CZ  1 ? 
ATOM   944  N NH1 . ARG A 1 123 ? 5.062   11.814  2.013   1.000 19.925 0 123 ARG A NH1 1 ? 
ATOM   945  N NH2 . ARG A 1 123 ? 5.471   11.344  4.206   1.000 18.939 0 123 ARG A NH2 1 ? 
ATOM   946  N N   . ARG A 1 124 ? -0.657  10.173  -0.788  1.000 19.830 0 124 ARG A N   1 ? 
ATOM   947  C CA  . ARG A 1 124 ? -1.254  11.415  -1.269  1.000 20.631 0 124 ARG A CA  1 ? 
ATOM   948  C C   . ARG A 1 124 ? -2.626  11.656  -0.622  1.000 19.863 0 124 ARG A C   1 ? 
ATOM   949  O O   . ARG A 1 124 ? -2.898  12.743  -0.131  1.000 22.690 0 124 ARG A O   1 ? 
ATOM   950  C CB  . ARG A 1 124 ? -1.359  11.433  -2.802  1.000 22.575 0 124 ARG A CB  1 ? 
ATOM   951  C CG  . ARG A 1 124 ? -2.042  12.697  -3.309  1.000 26.307 0 124 ARG A CG  1 ? 
ATOM   952  C CD  . ARG A 1 124 ? -2.150  12.760  -4.804  1.000 27.179 0 124 ARG A CD  1 ? 
ATOM   953  N NE  . ARG A 1 124 ? -3.075  11.781  -5.322  1.000 29.449 0 124 ARG A NE  1 ? 
ATOM   954  C CZ  . ARG A 1 124 ? -4.405  11.877  -5.275  1.000 30.811 0 124 ARG A CZ  1 ? 
ATOM   955  N NH1 . ARG A 1 124 ? -4.993  12.931  -4.740  1.000 32.915 0 124 ARG A NH1 1 ? 
ATOM   956  N NH2 . ARG A 1 124 ? -5.145  10.903  -5.772  1.000 34.503 0 124 ARG A NH2 1 ? 
ATOM   957  N N   . LEU A 1 125 ? -3.468  10.622  -0.539  1.000 19.795 0 125 LEU A N   1 ? 
ATOM   958  C CA  . LEU A 1 125 ? -4.810  10.747  0.026   1.000 21.485 0 125 LEU A CA  1 ? 
ATOM   959  C C   . LEU A 1 125 ? -4.752  11.021  1.528   1.000 20.838 0 125 LEU A C   1 ? 
ATOM   960  O O   . LEU A 1 125 ? -5.646  11.650  2.076   1.000 21.014 0 125 LEU A O   1 ? 
ATOM   961  C CB  . LEU A 1 125 ? -5.601  9.474   -0.279  1.000 22.460 0 125 LEU A CB  1 ? 
ATOM   962  C CG  . LEU A 1 125 ? -5.918  9.283   -1.767  1.000 23.886 0 125 LEU A CG  1 ? 
ATOM   963  C CD1 . LEU A 1 125 ? -6.456  7.891   -2.055  1.000 25.270 0 125 LEU A CD1 1 ? 
ATOM   964  C CD2 . LEU A 1 125 ? -6.904  10.331  -2.258  1.000 26.763 0 125 LEU A CD2 1 ? 
ATOM   965  N N   . MET A 1 126 ? -3.675  10.595  2.194   1.000 20.478 0 126 MET A N   1 ? 
ATOM   966  C CA  . MET A 1 126 ? -3.492  10.936  3.603   1.000 19.891 0 126 MET A CA  1 ? 
ATOM   967  C C   . MET A 1 126 ? -3.366  12.447  3.797   1.000 22.451 0 126 MET A C   1 ? 
ATOM   968  O O   . MET A 1 126 ? -3.722  12.976  4.851   1.000 22.319 0 126 MET A O   1 ? 
ATOM   969  C CB  . MET A 1 126 ? -2.236  10.261  4.165   1.000 20.385 0 126 MET A CB  1 ? 
ATOM   970  C CG  . MET A 1 126 ? -2.453  8.868   4.594   1.000 21.770 0 126 MET A CG  1 ? 
ATOM   971  S SD  . MET A 1 126 ? -0.881  8.108   5.001   1.000 26.695 0 126 MET A SD  1 ? 
ATOM   972  C CE  . MET A 1 126 ? -1.412  6.409   5.018   1.000 26.249 0 126 MET A CE  1 ? 
ATOM   973  N N   . MET A 1 127 ? -2.875  13.174  2.792   1.000 22.436 0 127 MET A N   1 ? 
ATOM   974  C CA  . MET A 1 127 ? -2.734  14.622  2.931   1.000 25.479 0 127 MET A CA  1 ? 
ATOM   975  C C   . MET A 1 127 ? -3.957  15.395  2.425   1.000 27.572 0 127 MET A C   1 ? 
ATOM   976  O O   . MET A 1 127 ? -3.963  16.626  2.458   1.000 33.119 0 127 MET A O   1 ? 
ATOM   977  C CB  . MET A 1 127 ? -1.500  15.104  2.166   1.000 26.688 0 127 MET A CB  1 ? 
ATOM   978  C CG  . MET A 1 127 ? -0.262  14.848  2.928   1.000 28.472 0 127 MET A CG  1 ? 
ATOM   979  S SD  . MET A 1 127 ? 1.184   15.309  1.955   1.000 29.882 0 127 MET A SD  1 ? 
ATOM   980  C CE  . MET A 1 127 ? 1.704   13.660  1.488   1.000 32.283 0 127 MET A CE  1 ? 
ATOM   981  N N   . SER A 1 128 ? -4.974  14.701  1.917   1.000 26.252 0 128 SER A N   1 ? 
ATOM   982  C CA  . SER A 1 128 ? -6.178  15.358  1.444   1.000 26.931 0 128 SER A CA  1 ? 
ATOM   983  C C   . SER A 1 128 ? -6.895  16.010  2.621   1.000 25.251 0 128 SER A C   1 ? 
ATOM   984  O O   . SER A 1 128 ? -6.834  15.513  3.738   1.000 23.276 0 128 SER A O   1 ? 
ATOM   985  C CB  . SER A 1 128 ? -7.112  14.414  0.770   1.000 30.685 0 128 SER A CB  1 ? 
ATOM   986  O OG  . SER A 1 128 ? -6.489  13.772  -0.325  1.000 34.923 0 128 SER A OG  1 ? 
ATOM   987  N N   . LYS A 1 129 ? -7.629  17.078  2.334   1.000 25.369 0 129 LYS A N   1 ? 
ATOM   988  C CA  . LYS A 1 129 ? -8.350  17.827  3.351   1.000 26.436 0 129 LYS A CA  1 ? 
ATOM   989  C C   . LYS A 1 129 ? -9.339  16.925  4.105   1.000 25.637 0 129 LYS A C   1 ? 
ATOM   990  O O   . LYS A 1 129 ? -9.550  17.122  5.300   1.000 26.889 0 129 LYS A O   1 ? 
ATOM   991  C CB  . LYS A 1 129 ? -9.092  18.980  2.673   1.000 30.744 0 129 LYS A CB  1 ? 
ATOM   992  C CG  . LYS A 1 129 ? -9.929  19.863  3.588   1.000 35.980 0 129 LYS A CG  1 ? 
ATOM   993  C CD  . LYS A 1 129 ? -9.169  20.959  4.302   1.000 43.806 0 129 LYS A CD  1 ? 
ATOM   994  C CE  . LYS A 1 129 ? -10.113 22.023  4.826   1.000 49.232 0 129 LYS A CE  1 ? 
ATOM   995  N NZ  . LYS A 1 129 ? -9.398  23.123  5.513   1.000 54.666 0 129 LYS A NZ  1 ? 
ATOM   996  N N   . GLU A 1 130 ? -9.927  15.935  3.422   1.000 25.832 0 130 GLU A N   1 ? 
ATOM   997  C CA  . GLU A 1 130 ? -10.948 15.106  4.066   1.000 27.972 0 130 GLU A CA  1 ? 
ATOM   998  C C   . GLU A 1 130 ? -10.343 14.103  5.052   1.000 27.598 0 130 GLU A C   1 ? 
ATOM   999  O O   . GLU A 1 130 ? -11.089 13.546  5.859   1.000 25.497 0 130 GLU A O   1 ? 
ATOM   1000 C CB  . GLU A 1 130 ? -11.829 14.354  3.067   1.000 31.287 0 130 GLU A CB  1 ? 
ATOM   1001 C CG  . GLU A 1 130 ? -11.141 13.248  2.315   1.000 36.055 0 130 GLU A CG  1 ? 
ATOM   1002 C CD  . GLU A 1 130 ? -10.498 13.702  1.022   1.000 40.857 0 130 GLU A CD  1 ? 
ATOM   1003 O OE1 . GLU A 1 130 ? -10.184 14.917  0.925   1.000 44.059 0 130 GLU A OE1 1 ? 
ATOM   1004 O OE2 . GLU A 1 130 ? -10.344 12.850  0.117   1.000 41.902 0 130 GLU A OE2 1 ? 
ATOM   1005 N N   . ASN A 1 131 ? -9.017  13.888  5.024   1.000 22.117 0 131 ASN A N   1 ? 
ATOM   1006 C CA  . ASN A 1 131 ? -8.373  12.922  5.912   1.000 23.178 0 131 ASN A CA  1 ? 
ATOM   1007 C C   . ASN A 1 131 ? -7.394  13.544  6.909   1.000 23.392 0 131 ASN A C   1 ? 
ATOM   1008 O O   . ASN A 1 131 ? -7.194  13.016  7.997   1.000 26.712 0 131 ASN A O   1 ? 
ATOM   1009 C CB  . ASN A 1 131 ? -7.612  11.869  5.118   1.000 24.004 0 131 ASN A CB  1 ? 
ATOM   1010 C CG  . ASN A 1 131 ? -8.527  10.965  4.325   1.000 23.522 0 131 ASN A CG  1 ? 
ATOM   1011 O OD1 . ASN A 1 131 ? -9.563  10.534  4.827   1.000 23.726 0 131 ASN A OD1 1 ? 
ATOM   1012 N ND2 . ASN A 1 131 ? -8.168  10.662  3.087   1.000 22.384 0 131 ASN A ND2 1 ? 
ATOM   1013 N N   . MET A 1 132 ? -6.733  14.637  6.524   1.000 22.321 0 132 MET A N   1 ? 
ATOM   1014 C CA  . MET A 1 132 ? -5.504  15.048  7.168   1.000 21.770 0 132 MET A CA  1 ? 
ATOM   1015 C C   . MET A 1 132 ? -5.720  15.503  8.614   1.000 23.002 0 132 MET A C   1 ? 
ATOM   1016 O O   . MET A 1 132 ? -4.767  15.529  9.371   1.000 23.446 0 132 MET A O   1 ? 
ATOM   1017 C CB  . MET A 1 132 ? -4.861  16.194  6.377   1.000 22.151 0 132 MET A CB  1 ? 
ATOM   1018 C CG  . MET A 1 132 ? -5.720  17.415  6.312   1.000 24.233 0 132 MET A CG  1 ? 
ATOM   1019 S SD  . MET A 1 132 ? -4.830  18.764  5.484   1.000 30.390 0 132 MET A SD  1 ? 
ATOM   1020 C CE  . MET A 1 132 ? -3.746  19.302  6.805   1.000 32.044 0 132 MET A CE  1 ? 
ATOM   1021 N N   . LYS A 1 133 ? -6.955  15.851  9.017   1.000 24.477 0 133 LYS A N   1 ? 
ATOM   1022 C CA  . LYS A 1 133 ? -7.167  16.263  10.400  1.000 24.277 0 133 LYS A CA  1 ? 
ATOM   1023 C C   . LYS A 1 133 ? -8.106  15.294  11.124  1.000 22.844 0 133 LYS A C   1 ? 
ATOM   1024 O O   . LYS A 1 133 ? -8.611  15.595  12.199  1.000 23.469 0 133 LYS A O   1 ? 
ATOM   1025 C CB  . LYS A 1 133 ? -7.656  17.708  10.478  1.000 28.119 0 133 LYS A CB  1 ? 
ATOM   1026 C CG  . LYS A 1 133 ? -6.586  18.753  10.179  1.000 31.990 0 133 LYS A CG  1 ? 
ATOM   1027 C CD  . LYS A 1 133 ? -5.459  18.733  11.175  1.000 36.701 0 133 LYS A CD  1 ? 
ATOM   1028 C CE  . LYS A 1 133 ? -4.553  19.941  11.087  1.000 39.780 0 133 LYS A CE  1 ? 
ATOM   1029 N NZ  . LYS A 1 133 ? -3.569  19.933  12.193  1.000 41.835 0 133 LYS A NZ  1 ? 
ATOM   1030 N N   . LEU A 1 134 ? -8.324  14.114  10.563  1.000 20.858 0 134 LEU A N   1 ? 
ATOM   1031 C CA  . LEU A 1 134 ? -9.016  13.070  11.314  1.000 22.376 0 134 LEU A CA  1 ? 
ATOM   1032 C C   . LEU A 1 134 ? -8.226  12.670  12.554  1.000 24.006 0 134 LEU A C   1 ? 
ATOM   1033 O O   . LEU A 1 134 ? -7.051  12.301  12.487  1.000 24.868 0 134 LEU A O   1 ? 
ATOM   1034 C CB  . LEU A 1 134 ? -9.264  11.848  10.432  1.000 21.803 0 134 LEU A CB  1 ? 
ATOM   1035 C CG  . LEU A 1 134 ? -10.318 12.018  9.340   1.000 21.926 0 134 LEU A CG  1 ? 
ATOM   1036 C CD1 . LEU A 1 134 ? -10.289 10.810  8.414   1.000 21.958 0 134 LEU A CD1 1 ? 
ATOM   1037 C CD2 . LEU A 1 134 ? -11.725 12.216  9.907   1.000 22.732 0 134 LEU A CD2 1 ? 
ATOM   1038 N N   . PRO A 1 135 ? -8.884  12.630  13.733  1.000 22.250 0 135 PRO A N   1 ? 
ATOM   1039 C CA  . PRO A 1 135 ? -8.254  12.087  14.938  1.000 24.489 0 135 PRO A CA  1 ? 
ATOM   1040 C C   . PRO A 1 135 ? -7.893  10.619  14.735  1.000 23.447 0 135 PRO A C   1 ? 
ATOM   1041 O O   . PRO A 1 135 ? -8.587  9.905   14.027  1.000 26.002 0 135 PRO A O   1 ? 
ATOM   1042 C CB  . PRO A 1 135 ? -9.305  12.243  16.049  1.000 23.819 0 135 PRO A CB  1 ? 
ATOM   1043 C CG  . PRO A 1 135 ? -10.572 12.680  15.374  1.000 25.283 0 135 PRO A CG  1 ? 
ATOM   1044 C CD  . PRO A 1 135 ? -10.253 13.101  13.953  1.000 22.470 0 135 PRO A CD  1 ? 
ATOM   1045 N N   . GLN A 1 136 ? -6.752  10.189  15.280  1.000 25.654 0 136 GLN A N   1 ? 
ATOM   1046 C CA  . GLN A 1 136 ? -6.226  8.869   14.962  1.000 26.547 0 136 GLN A CA  1 ? 
ATOM   1047 C C   . GLN A 1 136 ? -6.196  8.018   16.224  1.000 33.154 0 136 GLN A C   1 ? 
ATOM   1048 O O   . GLN A 1 136 ? -6.017  8.562   17.313  1.000 33.094 0 136 GLN A O   1 ? 
ATOM   1049 C CB  . GLN A 1 136 ? -4.808  8.975   14.403  1.000 27.109 0 136 GLN A CB  1 ? 
ATOM   1050 C CG  . GLN A 1 136 ? -4.761  9.653   13.043  1.000 24.743 0 136 GLN A CG  1 ? 
ATOM   1051 C CD  . GLN A 1 136 ? -5.580  8.907   12.015  1.000 24.538 0 136 GLN A CD  1 ? 
ATOM   1052 O OE1 . GLN A 1 136 ? -5.470  7.698   11.853  1.000 26.604 0 136 GLN A OE1 1 ? 
ATOM   1053 N NE2 . GLN A 1 136 ? -6.456  9.617   11.326  1.000 26.373 0 136 GLN A NE2 1 ? 
ATOM   1054 N N   . PRO A 1 137 ? -6.266  6.674   16.090  1.000 33.357 0 137 PRO A N   1 ? 
ATOM   1055 C CA  . PRO A 1 137 ? -6.171  5.780   17.242  1.000 35.929 0 137 PRO A CA  1 ? 
ATOM   1056 C C   . PRO A 1 137 ? -4.794  5.922   17.871  1.000 41.433 0 137 PRO A C   1 ? 
ATOM   1057 O O   . PRO A 1 137 ? -3.876  6.469   17.256  1.000 43.239 0 137 PRO A O   1 ? 
ATOM   1058 C CB  . PRO A 1 137 ? -6.388  4.365   16.691  1.000 37.218 0 137 PRO A CB  1 ? 
ATOM   1059 C CG  . PRO A 1 137 ? -6.355  4.480   15.178  1.000 37.541 0 137 PRO A CG  1 ? 
ATOM   1060 C CD  . PRO A 1 137 ? -6.334  5.948   14.816  1.000 33.883 0 137 PRO A CD  1 ? 
ATOM   1061 N N   . PRO A 1 138 ? -4.604  5.438   19.120  1.000 47.010 0 138 PRO A N   1 ? 
ATOM   1062 C CA  . PRO A 1 138 ? -3.311  5.557   19.791  1.000 46.605 0 138 PRO A CA  1 ? 
ATOM   1063 C C   . PRO A 1 138 ? -2.230  4.827   18.998  1.000 42.717 0 138 PRO A C   1 ? 
ATOM   1064 O O   . PRO A 1 138 ? -2.510  3.821   18.346  1.000 45.492 0 138 PRO A O   1 ? 
ATOM   1065 C CB  . PRO A 1 138 ? -3.534  4.900   21.163  1.000 49.603 0 138 PRO A CB  1 ? 
ATOM   1066 C CG  . PRO A 1 138 ? -5.046  4.859   21.335  1.000 50.560 0 138 PRO A CG  1 ? 
ATOM   1067 C CD  . PRO A 1 138 ? -5.611  4.743   19.937  1.000 51.301 0 138 PRO A CD  1 ? 
ATOM   1068 N N   . GLU A 1 139 ? -1.000  5.340   19.051  1.000 42.421 0 139 GLU A N   1 ? 
ATOM   1069 C CA  . GLU A 1 139 ? 0.091   4.753   18.293  1.000 50.400 0 139 GLU A CA  1 ? 
ATOM   1070 C C   . GLU A 1 139 ? 0.259   3.288   18.691  1.000 48.347 0 139 GLU A C   1 ? 
ATOM   1071 O O   . GLU A 1 139 ? 0.152   2.941   19.867  1.000 41.321 0 139 GLU A O   1 ? 
ATOM   1072 C CB  . GLU A 1 139 ? 1.389   5.527   18.517  1.000 54.815 0 139 GLU A CB  1 ? 
ATOM   1073 C CG  . GLU A 1 139 ? 2.507   5.096   17.591  1.000 64.632 0 139 GLU A CG  1 ? 
ATOM   1074 C CD  . GLU A 1 139 ? 3.899   5.512   18.031  1.000 71.248 0 139 GLU A CD  1 ? 
ATOM   1075 O OE1 . GLU A 1 139 ? 4.013   6.204   19.068  1.000 74.169 0 139 GLU A OE1 1 ? 
ATOM   1076 O OE2 . GLU A 1 139 ? 4.867   5.134   17.339  1.000 78.410 0 139 GLU A OE2 1 ? 
ATOM   1077 N N   . GLY A 1 140 ? 0.478   2.429   17.689  1.000 47.481 0 140 GLY A N   1 ? 
ATOM   1078 C CA  . GLY A 1 140 ? 0.837   1.047   17.937  1.000 46.142 0 140 GLY A CA  1 ? 
ATOM   1079 C C   . GLY A 1 140 ? -0.318  0.074   17.709  1.000 46.185 0 140 GLY A C   1 ? 
ATOM   1080 O O   . GLY A 1 140 ? -0.080  -1.117  17.546  1.000 50.575 0 140 GLY A O   1 ? 
ATOM   1081 N N   . GLN A 1 141 ? -1.562  0.567   17.697  1.000 39.059 0 141 GLN A N   1 ? 
ATOM   1082 C CA  . GLN A 1 141 ? -2.697  -0.314  17.499  1.000 39.593 0 141 GLN A CA  1 ? 
ATOM   1083 C C   . GLN A 1 141 ? -2.652  -0.879  16.082  1.000 36.986 0 141 GLN A C   1 ? 
ATOM   1084 O O   . GLN A 1 141 ? -2.233  -0.181  15.144  1.000 31.869 0 141 GLN A O   1 ? 
ATOM   1085 C CB  . GLN A 1 141 ? -4.018  0.416   17.746  1.000 42.676 0 141 GLN A CB  1 ? 
ATOM   1086 C CG  . GLN A 1 141 ? -4.275  0.746   19.211  1.000 47.868 0 141 GLN A CG  1 ? 
ATOM   1087 C CD  . GLN A 1 141 ? -5.744  0.850   19.552  1.000 55.723 0 141 GLN A CD  1 ? 
ATOM   1088 O OE1 . GLN A 1 141 ? -6.613  0.875   18.684  1.000 55.707 0 141 GLN A OE1 1 ? 
ATOM   1089 N NE2 . GLN A 1 141 ? -6.036  0.909   20.843  1.000 61.209 0 141 GLN A NE2 1 ? 
ATOM   1090 N N   . THR A 1 142 ? -3.124  -2.128  15.956  1.000 34.330 0 142 THR A N   1 ? 
ATOM   1091 C CA  . THR A 1 142 ? -3.196  -2.845  14.693  1.000 33.762 0 142 THR A CA  1 ? 
ATOM   1092 C C   . THR A 1 142 ? -4.530  -3.580  14.581  1.000 36.821 0 142 THR A C   1 ? 
ATOM   1093 O O   . THR A 1 142 ? -5.245  -3.717  15.570  1.000 43.367 0 142 THR A O   1 ? 
ATOM   1094 C CB  . THR A 1 142 ? -2.014  -3.813  14.549  1.000 35.110 0 142 THR A CB  1 ? 
ATOM   1095 O OG1 . THR A 1 142 ? -2.069  -4.754  15.624  1.000 36.152 0 142 THR A OG1 1 ? 
ATOM   1096 C CG2 . THR A 1 142 ? -0.673  -3.111  14.545  1.000 32.696 0 142 THR A CG2 1 ? 
ATOM   1097 N N   . TYR A 1 143 ? -4.836  -4.065  13.371  1.000 40.860 0 143 TYR A N   1 ? 
ATOM   1098 C CA  . TYR A 1 143 ? -6.024  -4.864  13.103  1.000 42.670 0 143 TYR A CA  1 ? 
ATOM   1099 C C   . TYR A 1 143 ? -5.691  -6.349  13.328  1.000 47.596 0 143 TYR A C   1 ? 
ATOM   1100 O O   . TYR A 1 143 ? -4.903  -6.578  14.274  1.000 55.823 0 143 TYR A O   1 ? 
ATOM   1101 C CB  . TYR A 1 143 ? -6.522  -4.611  11.674  1.000 40.335 0 143 TYR A CB  1 ? 
ATOM   1102 C CG  . TYR A 1 143 ? -6.910  -3.164  11.401  1.000 38.518 0 143 TYR A CG  1 ? 
ATOM   1103 C CD1 . TYR A 1 143 ? -8.125  -2.634  11.843  1.000 35.181 0 143 TYR A CD1 1 ? 
ATOM   1104 C CD2 . TYR A 1 143 ? -6.033  -2.304  10.753  1.000 33.515 0 143 TYR A CD2 1 ? 
ATOM   1105 C CE1 . TYR A 1 143 ? -8.457  -1.307  11.620  1.000 34.857 0 143 TYR A CE1 1 ? 
ATOM   1106 C CE2 . TYR A 1 143 ? -6.362  -0.980  10.519  1.000 32.360 0 143 TYR A CE2 1 ? 
ATOM   1107 C CZ  . TYR A 1 143 ? -7.576  -0.476  10.949  1.000 33.917 0 143 TYR A CZ  1 ? 
ATOM   1108 O OH  . TYR A 1 143 ? -7.886  0.834   10.718  1.000 29.496 0 143 TYR A OH  1 ? 
HETATM 1109 S S   . SO4 B 2 .   ? 10.823  6.280   -9.715  1.000 45.295 0 201 SO4 A S   1 ? 
HETATM 1110 O O1  . SO4 B 2 .   ? 10.559  7.488   -10.454 1.000 49.162 0 201 SO4 A O1  1 ? 
HETATM 1111 O O2  . SO4 B 2 .   ? 11.151  5.213   -10.632 1.000 43.982 0 201 SO4 A O2  1 ? 
HETATM 1112 O O3  . SO4 B 2 .   ? 11.914  6.490   -8.806  1.000 40.442 0 201 SO4 A O3  1 ? 
HETATM 1113 O O4  . SO4 B 2 .   ? 9.643   5.913   -8.961  1.000 48.069 0 201 SO4 A O4  1 ? 
HETATM 1114 C C1  . EDO C 3 .   ? -14.377 3.609   5.818   1.000 46.929 0 202 EDO A C1  1 ? 
HETATM 1115 O O1  . EDO C 3 .   ? -14.447 4.731   4.948   1.000 45.553 0 202 EDO A O1  1 ? 
HETATM 1116 C C2  . EDO C 3 .   ? -15.561 3.426   6.694   1.000 52.086 0 202 EDO A C2  1 ? 
HETATM 1117 O O2  . EDO C 3 .   ? -15.269 2.698   7.884   1.000 54.325 0 202 EDO A O2  1 ? 
HETATM 1118 C C1  . EDO D 3 .   ? -10.790 9.317   -0.425  1.000 41.024 0 203 EDO A C1  1 ? 
HETATM 1119 O O1  . EDO D 3 .   ? -10.976 10.478  0.378   1.000 43.843 0 203 EDO A O1  1 ? 
HETATM 1120 C C2  . EDO D 3 .   ? -9.735  8.376   0.053   1.000 40.189 0 203 EDO A C2  1 ? 
HETATM 1121 O O2  . EDO D 3 .   ? -9.127  8.666   1.320   1.000 30.432 0 203 EDO A O2  1 ? 
HETATM 1122 O O   . HOH E 4 .   ? 11.269  0.176   -1.184  1.000 34.841 0 301 HOH A O   1 ? 
HETATM 1123 O O   . HOH E 4 .   ? 7.630   -0.663  -9.148  1.000 42.527 0 302 HOH A O   1 ? 
HETATM 1124 O O   . HOH E 4 .   ? -2.014  8.641   -8.231  1.000 39.529 0 303 HOH A O   1 ? 
HETATM 1125 O O   . HOH E 4 .   ? -3.811  18.946  1.743   1.000 35.225 0 304 HOH A O   1 ? 
HETATM 1126 O O   . HOH E 4 .   ? 2.905   0.595   12.154  1.000 31.148 0 305 HOH A O   1 ? 
HETATM 1127 O O   . HOH E 4 .   ? 4.828   7.101   -9.348  1.000 37.817 0 306 HOH A O   1 ? 
HETATM 1128 O O   . HOH E 4 .   ? 6.185   -1.584  -7.105  1.000 24.022 0 307 HOH A O   1 ? 
HETATM 1129 O O   . HOH E 4 .   ? -6.392  5.242   -12.990 1.000 49.293 0 308 HOH A O   1 ? 
HETATM 1130 O O   . HOH E 4 .   ? 0.777   -9.870  2.383   1.000 30.394 0 309 HOH A O   1 ? 
HETATM 1131 O O   . HOH E 4 .   ? 7.710   7.460   -8.319  1.000 34.711 0 310 HOH A O   1 ? 
HETATM 1132 O O   . HOH E 4 .   ? -2.162  17.802  11.791  1.000 53.030 0 311 HOH A O   1 ? 
HETATM 1133 O O   . HOH E 4 .   ? -1.436  -4.288  18.102  1.000 47.154 0 312 HOH A O   1 ? 
HETATM 1134 O O   . HOH E 4 .   ? -11.298 23.572  7.236   1.000 52.904 0 313 HOH A O   1 ? 
HETATM 1135 O O   . HOH E 4 .   ? 8.472   -7.210  3.610   1.000 39.029 0 314 HOH A O   1 ? 
HETATM 1136 O O   . HOH E 4 .   ? -9.350  2.195   12.417  1.000 36.843 0 315 HOH A O   1 ? 
HETATM 1137 O O   . HOH E 4 .   ? -8.154  -3.691  -4.442  1.000 37.493 0 316 HOH A O   1 ? 
HETATM 1138 O O   . HOH E 4 .   ? -12.290 6.259   -6.413  1.000 46.506 0 317 HOH A O   1 ? 
HETATM 1139 O O   . HOH E 4 .   ? -9.512  16.091  7.785   1.000 29.494 0 318 HOH A O   1 ? 
HETATM 1140 O O   . HOH E 4 .   ? 5.138   11.698  -0.853  1.000 23.433 0 319 HOH A O   1 ? 
HETATM 1141 O O   . HOH E 4 .   ? -2.291  3.086   14.756  1.000 34.433 0 320 HOH A O   1 ? 
HETATM 1142 O O   . HOH E 4 .   ? 3.339   16.143  4.206   1.000 36.925 0 321 HOH A O   1 ? 
HETATM 1143 O O   . HOH E 4 .   ? -3.265  6.230   12.636  1.000 26.181 0 322 HOH A O   1 ? 
HETATM 1144 O O   . HOH E 4 .   ? 6.212   11.804  9.732   1.000 38.927 0 323 HOH A O   1 ? 
HETATM 1145 O O   . HOH E 4 .   ? 3.906   1.605   -12.002 1.000 38.208 0 324 HOH A O   1 ? 
HETATM 1146 O O   . HOH E 4 .   ? 5.861   -8.459  -17.636 1.000 50.934 0 325 HOH A O   1 ? 
HETATM 1147 O O   . HOH E 4 .   ? 9.495   5.525   -2.271  1.000 23.533 0 326 HOH A O   1 ? 
HETATM 1148 O O   . HOH E 4 .   ? -10.374 4.122   8.690   1.000 24.930 0 327 HOH A O   1 ? 
HETATM 1149 O O   . HOH E 4 .   ? 5.355   -13.546 0.731   1.000 35.359 0 328 HOH A O   1 ? 
HETATM 1150 O O   . HOH E 4 .   ? -12.422 -12.521 -15.344 1.000 47.177 0 329 HOH A O   1 ? 
HETATM 1151 O O   . HOH E 4 .   ? -8.075  -3.786  -1.324  1.000 33.722 0 330 HOH A O   1 ? 
HETATM 1152 O O   . HOH E 4 .   ? -3.506  15.375  -0.908  1.000 29.124 0 331 HOH A O   1 ? 
HETATM 1153 O O   . HOH E 4 .   ? -5.237  -11.307 -9.656  1.000 41.247 0 332 HOH A O   1 ? 
HETATM 1154 O O   . HOH E 4 .   ? -12.217 -3.317  -2.718  1.000 41.778 0 333 HOH A O   1 ? 
HETATM 1155 O O   . HOH E 4 .   ? 12.481  10.433  2.005   0.500 28.651 0 334 HOH A O   1 ? 
HETATM 1156 O O   . HOH E 4 .   ? -17.937 1.563   7.779   1.000 42.739 0 335 HOH A O   1 ? 
HETATM 1157 O O   . HOH E 4 .   ? 0.040   4.314   14.783  1.000 44.766 0 336 HOH A O   1 ? 
HETATM 1158 O O   . HOH E 4 .   ? 3.085   9.808   -2.421  1.000 26.046 0 337 HOH A O   1 ? 
HETATM 1159 O O   . HOH E 4 .   ? -4.794  12.131  16.219  1.000 35.833 0 338 HOH A O   1 ? 
HETATM 1160 O O   . HOH E 4 .   ? -1.350  -15.705 -6.754  1.000 37.657 0 339 HOH A O   1 ? 
HETATM 1161 O O   . HOH E 4 .   ? 5.537   8.409   -1.890  1.000 22.930 0 340 HOH A O   1 ? 
HETATM 1162 O O   . HOH E 4 .   ? 11.518  -8.539  -0.001  1.000 39.424 0 341 HOH A O   1 ? 
HETATM 1163 O O   . HOH E 4 .   ? -10.413 6.104   16.642  1.000 38.172 0 342 HOH A O   1 ? 
HETATM 1164 O O   . HOH E 4 .   ? -5.077  -10.022 -5.669  1.000 60.634 0 343 HOH A O   1 ? 
HETATM 1165 O O   . HOH E 4 .   ? 7.623   7.352   -3.326  1.000 21.520 0 344 HOH A O   1 ? 
HETATM 1166 O O   . HOH E 4 .   ? -3.708  -7.703  1.423   1.000 40.827 0 345 HOH A O   1 ? 
HETATM 1167 O O   . HOH E 4 .   ? -14.362 -4.267  5.477   1.000 45.506 0 346 HOH A O   1 ? 
HETATM 1168 O O   . HOH E 4 .   ? -4.124  -9.006  -8.617  1.000 39.000 0 347 HOH A O   1 ? 
HETATM 1169 O O   . HOH E 4 .   ? 1.025   19.161  12.346  1.000 52.518 0 348 HOH A O   1 ? 
HETATM 1170 O O   . HOH E 4 .   ? -8.205  12.001  -5.513  1.000 49.836 0 349 HOH A O   1 ? 
HETATM 1171 O O   . HOH E 4 .   ? -16.249 -5.887  14.384  1.000 56.170 0 350 HOH A O   1 ? 
HETATM 1172 O O   . HOH E 4 .   ? -15.120 11.944  2.821   1.000 42.696 0 351 HOH A O   1 ? 
HETATM 1173 O O   . HOH E 4 .   ? 11.560  2.442   -2.007  1.000 44.816 0 352 HOH A O   1 ? 
HETATM 1174 O O   . HOH E 4 .   ? 2.571   -17.246 -19.483 1.000 56.677 0 353 HOH A O   1 ? 
HETATM 1175 O O   . HOH E 4 .   ? 0.997   -16.740 -0.607  1.000 51.440 0 354 HOH A O   1 ? 
HETATM 1176 O O   . HOH E 4 .   ? -0.021  -16.689 -11.263 1.000 43.724 0 355 HOH A O   1 ? 
HETATM 1177 O O   . HOH E 4 .   ? 6.720   -1.741  -12.369 1.000 39.975 0 356 HOH A O   1 ? 
HETATM 1178 O O   . HOH E 4 .   ? -5.998  14.093  17.270  1.000 39.774 0 357 HOH A O   1 ? 
HETATM 1179 O O   . HOH E 4 .   ? -8.396  -9.724  -15.033 1.000 54.973 0 358 HOH A O   1 ? 
HETATM 1180 O O   . HOH E 4 .   ? -0.491  -17.323 -8.526  1.000 53.503 0 359 HOH A O   1 ? 
HETATM 1181 O O   . HOH E 4 .   ? -7.100  -11.020 -16.881 1.000 51.346 0 360 HOH A O   1 ? 
HETATM 1182 O O   . HOH E 4 .   ? 15.349  -6.289  -15.477 1.000 51.526 0 361 HOH A O   1 ? 
# 
loop_
_pdbx_poly_seq_scheme.asym_id 
_pdbx_poly_seq_scheme.entity_id 
_pdbx_poly_seq_scheme.seq_id 
_pdbx_poly_seq_scheme.mon_id 
_pdbx_poly_seq_scheme.ndb_seq_num 
_pdbx_poly_seq_scheme.pdb_seq_num 
_pdbx_poly_seq_scheme.auth_seq_num 
_pdbx_poly_seq_scheme.pdb_mon_id 
_pdbx_poly_seq_scheme.auth_mon_id 
_pdbx_poly_seq_scheme.pdb_strand_id 
_pdbx_poly_seq_scheme.pdb_ins_code 
_pdbx_poly_seq_scheme.hetero 
A 1 1   MET 1   1   ?   ?   ?   A . n 
A 1 2   ALA 2   2   ?   ?   ?   A . n 
A 1 3   VAL 3   3   ?   ?   ?   A . n 
A 1 4   SER 4   4   ?   ?   ?   A . n 
A 1 5   THR 5   5   ?   ?   ?   A . n 
A 1 6   GLY 6   6   ?   ?   ?   A . n 
A 1 7   VAL 7   7   7   VAL VAL A . n 
A 1 8   LYS 8   8   8   LYS LYS A . n 
A 1 9   VAL 9   9   9   VAL VAL A . n 
A 1 10  PRO 10  10  10  PRO PRO A . n 
A 1 11  ARG 11  11  11  ARG ARG A . n 
A 1 12  ASN 12  12  12  ASN ASN A . n 
A 1 13  PHE 13  13  13  PHE PHE A . n 
A 1 14  ARG 14  14  14  ARG ARG A . n 
A 1 15  LEU 15  15  15  LEU LEU A . n 
A 1 16  LEU 16  16  16  LEU LEU A . n 
A 1 17  GLU 17  17  17  GLU GLU A . n 
A 1 18  GLU 18  18  18  GLU GLU A . n 
A 1 19  LEU 19  19  19  LEU LEU A . n 
A 1 20  GLU 20  20  20  GLU GLU A . n 
A 1 21  GLU 21  21  21  GLU GLU A . n 
A 1 22  GLY 22  22  22  GLY GLY A . n 
A 1 23  GLN 23  23  23  GLN GLN A . n 
A 1 24  LYS 24  24  24  LYS LYS A . n 
A 1 25  GLY 25  25  25  GLY GLY A . n 
A 1 26  VAL 26  26  26  VAL VAL A . n 
A 1 27  GLY 27  27  27  GLY GLY A . n 
A 1 28  ASP 28  28  28  ASP ASP A . n 
A 1 29  GLY 29  29  29  GLY GLY A . n 
A 1 30  THR 30  30  30  THR THR A . n 
A 1 31  VAL 31  31  31  VAL VAL A . n 
A 1 32  SER 32  32  32  SER SER A . n 
A 1 33  TRP 33  33  33  TRP TRP A . n 
A 1 34  GLY 34  34  34  GLY GLY A . n 
A 1 35  LEU 35  35  35  LEU LEU A . n 
A 1 36  GLU 36  36  36  GLU GLU A . n 
A 1 37  ASP 37  37  37  ASP ASP A . n 
A 1 38  ASP 38  38  38  ASP ASP A . n 
A 1 39  GLU 39  39  39  GLU GLU A . n 
A 1 40  ASP 40  40  40  ASP ASP A . n 
A 1 41  MET 41  41  41  MET MET A . n 
A 1 42  THR 42  42  42  THR THR A . n 
A 1 43  LEU 43  43  43  LEU LEU A . n 
A 1 44  THR 44  44  44  THR THR A . n 
A 1 45  ARG 45  45  45  ARG ARG A . n 
A 1 46  TRP 46  46  46  TRP TRP A . n 
A 1 47  THR 47  47  47  THR THR A . n 
A 1 48  GLY 48  48  48  GLY GLY A . n 
A 1 49  MET 49  49  49  MET MET A . n 
A 1 50  ILE 50  50  50  ILE ILE A . n 
A 1 51  ILE 51  51  51  ILE ILE A . n 
A 1 52  GLY 52  52  52  GLY GLY A . n 
A 1 53  PRO 53  53  53  PRO PRO A . n 
A 1 54  PRO 54  54  54  PRO PRO A . n 
A 1 55  ARG 55  55  55  ARG ARG A . n 
A 1 56  THR 56  56  56  THR THR A . n 
A 1 57  ASN 57  57  57  ASN ASN A . n 
A 1 58  TYR 58  58  58  TYR TYR A . n 
A 1 59  GLU 59  59  59  GLU GLU A . n 
A 1 60  ASN 60  60  60  ASN ASN A . n 
A 1 61  ARG 61  61  61  ARG ARG A . n 
A 1 62  ILE 62  62  62  ILE ILE A . n 
A 1 63  TYR 63  63  63  TYR TYR A . n 
A 1 64  SER 64  64  64  SER SER A . n 
A 1 65  LEU 65  65  65  LEU LEU A . n 
A 1 66  LYS 66  66  66  LYS LYS A . n 
A 1 67  VAL 67  67  67  VAL VAL A . n 
A 1 68  GLU 68  68  68  GLU GLU A . n 
A 1 69  CYS 69  69  69  CYS CYS A . n 
A 1 70  GLY 70  70  70  GLY GLY A . n 
A 1 71  PRO 71  71  71  PRO PRO A . n 
A 1 72  LYS 72  72  72  LYS LYS A . n 
A 1 73  TYR 73  73  73  TYR TYR A . n 
A 1 74  PRO 74  74  74  PRO PRO A . n 
A 1 75  GLU 75  75  75  GLU GLU A . n 
A 1 76  ALA 76  76  76  ALA ALA A . n 
A 1 77  PRO 77  77  77  PRO PRO A . n 
A 1 78  PRO 78  78  78  PRO PRO A . n 
A 1 79  SER 79  79  79  SER SER A . n 
A 1 80  VAL 80  80  80  VAL VAL A . n 
A 1 81  ARG 81  81  81  ARG ARG A . n 
A 1 82  PHE 82  82  82  PHE PHE A . n 
A 1 83  VAL 83  83  83  VAL VAL A . n 
A 1 84  THR 84  84  84  THR THR A . n 
A 1 85  LYS 85  85  85  LYS LYS A . n 
A 1 86  ILE 86  86  86  ILE ILE A . n 
A 1 87  ASN 87  87  87  ASN ASN A . n 
A 1 88  MET 88  88  88  MET MET A . n 
A 1 89  ASN 89  89  89  ASN ASN A . n 
A 1 90  GLY 90  90  90  GLY GLY A . n 
A 1 91  ILE 91  91  91  ILE ILE A . n 
A 1 92  ASN 92  92  92  ASN ASN A . n 
A 1 93  ASN 93  93  93  ASN ASN A . n 
A 1 94  SER 94  94  94  SER SER A . n 
A 1 95  SER 95  95  95  SER SER A . n 
A 1 96  GLY 96  96  96  GLY GLY A . n 
A 1 97  MET 97  97  97  MET MET A . n 
A 1 98  VAL 98  98  98  VAL VAL A . n 
A 1 99  ASP 99  99  99  ASP ASP A . n 
A 1 100 ALA 100 100 100 ALA ALA A . n 
A 1 101 ARG 101 101 101 ARG ARG A . n 
A 1 102 SER 102 102 102 SER SER A . n 
A 1 103 ILE 103 103 103 ILE ILE A . n 
A 1 104 PRO 104 104 104 PRO PRO A . n 
A 1 105 VAL 105 105 105 VAL VAL A . n 
A 1 106 LEU 106 106 106 LEU LEU A . n 
A 1 107 ALA 107 107 107 ALA ALA A . n 
A 1 108 LYS 108 108 108 LYS LYS A . n 
A 1 109 TRP 109 109 109 TRP TRP A . n 
A 1 110 GLN 110 110 110 GLN GLN A . n 
A 1 111 ASN 111 111 111 ASN ASN A . n 
A 1 112 SER 112 112 112 SER SER A . n 
A 1 113 TYR 113 113 113 TYR TYR A . n 
A 1 114 SER 114 114 114 SER SER A . n 
A 1 115 ILE 115 115 115 ILE ILE A . n 
A 1 116 LYS 116 116 116 LYS LYS A . n 
A 1 117 VAL 117 117 117 VAL VAL A . n 
A 1 118 VAL 118 118 118 VAL VAL A . n 
A 1 119 LEU 119 119 119 LEU LEU A . n 
A 1 120 GLN 120 120 120 GLN GLN A . n 
A 1 121 GLU 121 121 121 GLU GLU A . n 
A 1 122 LEU 122 122 122 LEU LEU A . n 
A 1 123 ARG 123 123 123 ARG ARG A . n 
A 1 124 ARG 124 124 124 ARG ARG A . n 
A 1 125 LEU 125 125 125 LEU LEU A . n 
A 1 126 MET 126 126 126 MET MET A . n 
A 1 127 MET 127 127 127 MET MET A . n 
A 1 128 SER 128 128 128 SER SER A . n 
A 1 129 LYS 129 129 129 LYS LYS A . n 
A 1 130 GLU 130 130 130 GLU GLU A . n 
A 1 131 ASN 131 131 131 ASN ASN A . n 
A 1 132 MET 132 132 132 MET MET A . n 
A 1 133 LYS 133 133 133 LYS LYS A . n 
A 1 134 LEU 134 134 134 LEU LEU A . n 
A 1 135 PRO 135 135 135 PRO PRO A . n 
A 1 136 GLN 136 136 136 GLN GLN A . n 
A 1 137 PRO 137 137 137 PRO PRO A . n 
A 1 138 PRO 138 138 138 PRO PRO A . n 
A 1 139 GLU 139 139 139 GLU GLU A . n 
A 1 140 GLY 140 140 140 GLY GLY A . n 
A 1 141 GLN 141 141 141 GLN GLN A . n 
A 1 142 THR 142 142 142 THR THR A . n 
A 1 143 TYR 143 143 143 TYR TYR A . n 
A 1 144 ASN 144 144 ?   ?   ?   A . n 
A 1 145 ASN 145 145 ?   ?   ?   A . n 
# 
_pdbx_contact_author.id                 2 
_pdbx_contact_author.email              fwang@wuxibiortus.com 
_pdbx_contact_author.name_first         Feng 
_pdbx_contact_author.name_last          Wang 
_pdbx_contact_author.name_mi            ? 
_pdbx_contact_author.role               'principal investigator/group leader' 
_pdbx_contact_author.identifier_ORCID   0000-0002-4384-5834 
# 
loop_
_pdbx_nonpoly_scheme.asym_id 
_pdbx_nonpoly_scheme.entity_id 
_pdbx_nonpoly_scheme.mon_id 
_pdbx_nonpoly_scheme.ndb_seq_num 
_pdbx_nonpoly_scheme.pdb_seq_num 
_pdbx_nonpoly_scheme.auth_seq_num 
_pdbx_nonpoly_scheme.pdb_mon_id 
_pdbx_nonpoly_scheme.auth_mon_id 
_pdbx_nonpoly_scheme.pdb_strand_id 
_pdbx_nonpoly_scheme.pdb_ins_code 
B 2 SO4 1  201 1  SO4 SO4 A . 
C 3 EDO 1  202 2  EDO EDO A . 
D 3 EDO 1  203 3  EDO EDO A . 
E 4 HOH 1  301 23 HOH HOH A . 
E 4 HOH 2  302 37 HOH HOH A . 
E 4 HOH 3  303 11 HOH HOH A . 
E 4 HOH 4  304 19 HOH HOH A . 
E 4 HOH 5  305 28 HOH HOH A . 
E 4 HOH 6  306 18 HOH HOH A . 
E 4 HOH 7  307 4  HOH HOH A . 
E 4 HOH 8  308 58 HOH HOH A . 
E 4 HOH 9  309 14 HOH HOH A . 
E 4 HOH 10 310 22 HOH HOH A . 
E 4 HOH 11 311 52 HOH HOH A . 
E 4 HOH 12 312 59 HOH HOH A . 
E 4 HOH 13 313 46 HOH HOH A . 
E 4 HOH 14 314 43 HOH HOH A . 
E 4 HOH 15 315 29 HOH HOH A . 
E 4 HOH 16 316 13 HOH HOH A . 
E 4 HOH 17 317 57 HOH HOH A . 
E 4 HOH 18 318 12 HOH HOH A . 
E 4 HOH 19 319 2  HOH HOH A . 
E 4 HOH 20 320 30 HOH HOH A . 
E 4 HOH 21 321 44 HOH HOH A . 
E 4 HOH 22 322 9  HOH HOH A . 
E 4 HOH 23 323 17 HOH HOH A . 
E 4 HOH 24 324 31 HOH HOH A . 
E 4 HOH 25 325 24 HOH HOH A . 
E 4 HOH 26 326 5  HOH HOH A . 
E 4 HOH 27 327 6  HOH HOH A . 
E 4 HOH 28 328 27 HOH HOH A . 
E 4 HOH 29 329 47 HOH HOH A . 
E 4 HOH 30 330 15 HOH HOH A . 
E 4 HOH 31 331 16 HOH HOH A . 
E 4 HOH 32 332 26 HOH HOH A . 
E 4 HOH 33 333 56 HOH HOH A . 
E 4 HOH 34 334 21 HOH HOH A . 
E 4 HOH 35 335 36 HOH HOH A . 
E 4 HOH 36 336 20 HOH HOH A . 
E 4 HOH 37 337 7  HOH HOH A . 
E 4 HOH 38 338 3  HOH HOH A . 
E 4 HOH 39 339 51 HOH HOH A . 
E 4 HOH 40 340 8  HOH HOH A . 
E 4 HOH 41 341 32 HOH HOH A . 
E 4 HOH 42 342 35 HOH HOH A . 
E 4 HOH 43 343 38 HOH HOH A . 
E 4 HOH 44 344 1  HOH HOH A . 
E 4 HOH 45 345 33 HOH HOH A . 
E 4 HOH 46 346 40 HOH HOH A . 
E 4 HOH 47 347 54 HOH HOH A . 
E 4 HOH 48 348 45 HOH HOH A . 
E 4 HOH 49 349 48 HOH HOH A . 
E 4 HOH 50 350 41 HOH HOH A . 
E 4 HOH 51 351 55 HOH HOH A . 
E 4 HOH 52 352 10 HOH HOH A . 
E 4 HOH 53 353 25 HOH HOH A . 
E 4 HOH 54 354 61 HOH HOH A . 
E 4 HOH 55 355 34 HOH HOH A . 
E 4 HOH 56 356 39 HOH HOH A . 
E 4 HOH 57 357 42 HOH HOH A . 
E 4 HOH 58 358 60 HOH HOH A . 
E 4 HOH 59 359 50 HOH HOH A . 
E 4 HOH 60 360 53 HOH HOH A . 
E 4 HOH 61 361 49 HOH HOH A . 
# 
loop_
_pdbx_struct_assembly.id 
_pdbx_struct_assembly.details 
_pdbx_struct_assembly.method_details 
_pdbx_struct_assembly.oligomeric_details 
_pdbx_struct_assembly.oligomeric_count 
1 author_and_software_defined_assembly PISA monomeric 1 
2 software_defined_assembly            PISA dimeric   2 
# 
loop_
_pdbx_struct_assembly_gen.assembly_id 
_pdbx_struct_assembly_gen.oper_expression 
_pdbx_struct_assembly_gen.asym_id_list 
1 1   A,B,C,D,E 
2 1,2 A,B,C,D,E 
# 
loop_
_pdbx_struct_assembly_prop.biol_id 
_pdbx_struct_assembly_prop.type 
_pdbx_struct_assembly_prop.value 
_pdbx_struct_assembly_prop.details 
1 'ABSA (A^2)' 140   ? 
1 MORE         -10   ? 
1 'SSA (A^2)'  7770  ? 
2 'ABSA (A^2)' 1510  ? 
2 MORE         -24   ? 
2 'SSA (A^2)'  14320 ? 
# 
loop_
_pdbx_struct_oper_list.id 
_pdbx_struct_oper_list.type 
_pdbx_struct_oper_list.name 
_pdbx_struct_oper_list.symmetry_operation 
_pdbx_struct_oper_list.matrix[1][1] 
_pdbx_struct_oper_list.matrix[1][2] 
_pdbx_struct_oper_list.matrix[1][3] 
_pdbx_struct_oper_list.vector[1] 
_pdbx_struct_oper_list.matrix[2][1] 
_pdbx_struct_oper_list.matrix[2][2] 
_pdbx_struct_oper_list.matrix[2][3] 
_pdbx_struct_oper_list.vector[2] 
_pdbx_struct_oper_list.matrix[3][1] 
_pdbx_struct_oper_list.matrix[3][2] 
_pdbx_struct_oper_list.matrix[3][3] 
_pdbx_struct_oper_list.vector[3] 
1 'identity operation'         1_555 x,y,z       1.0000000000  0.0000000000 0.0000000000  0.0000000000  0.0000000000 1.0000000000  0.0000000000  0.0000000000   0.0000000000  0.0000000000  1.0000000000  0.0000000000   
2 'crystal symmetry operation' 3_555 -x,y,-z+1/2 -0.7248934319 0.4838938899 -0.4902817718 19.5185298658 0.4838938899 -0.1488632996 -0.8623725537 -32.1159266583 -0.4902817718 -0.8623725537 -0.1262432685 -20.7452642475 
# 
_pdbx_struct_special_symmetry.id              1 
_pdbx_struct_special_symmetry.PDB_model_num   1 
_pdbx_struct_special_symmetry.auth_asym_id    A 
_pdbx_struct_special_symmetry.auth_comp_id    HOH 
_pdbx_struct_special_symmetry.auth_seq_id     334 
_pdbx_struct_special_symmetry.PDB_ins_code    ? 
_pdbx_struct_special_symmetry.label_asym_id   E 
_pdbx_struct_special_symmetry.label_comp_id   HOH 
_pdbx_struct_special_symmetry.label_seq_id    . 
# 
_pdbx_audit_revision_history.ordinal             1 
_pdbx_audit_revision_history.data_content_type   'Structure model' 
_pdbx_audit_revision_history.major_revision      1 
_pdbx_audit_revision_history.minor_revision      0 
_pdbx_audit_revision_history.revision_date       2023-11-15 
# 
_pdbx_audit_revision_details.ordinal             1 
_pdbx_audit_revision_details.revision_ordinal    1 
_pdbx_audit_revision_details.data_content_type   'Structure model' 
_pdbx_audit_revision_details.provider            repository 
_pdbx_audit_revision_details.type                'Initial release' 
_pdbx_audit_revision_details.description         ? 
_pdbx_audit_revision_details.details             ? 
# 
loop_
_software.citation_id 
_software.classification 
_software.compiler_name 
_software.compiler_version 
_software.contact_author 
_software.contact_author_email 
_software.date 
_software.description 
_software.dependencies 
_software.hardware 
_software.language 
_software.location 
_software.mods 
_software.name 
_software.os 
_software.os_version 
_software.type 
_software.version 
_software.pdbx_ordinal 
? refinement       ? ? ? ? ? ? ? ? ? ? ? REFMAC  ? ? ? 5.8.0419 1 
? 'data reduction' ? ? ? ? ? ? ? ? ? ? ? XDS     ? ? ? .        2 
? 'data scaling'   ? ? ? ? ? ? ? ? ? ? ? Aimless ? ? ? .        3 
? phasing          ? ? ? ? ? ? ? ? ? ? ? PHASER  ? ? ? .        4 
# 
_pdbx_entry_details.entry_id                 8WR5 
_pdbx_entry_details.has_ligand_of_interest   N 
_pdbx_entry_details.compound_details         ? 
_pdbx_entry_details.source_details           ? 
_pdbx_entry_details.nonpolymer_details       ? 
_pdbx_entry_details.sequence_details         ? 
# 
_pdbx_validate_close_contact.id               1 
_pdbx_validate_close_contact.PDB_model_num    1 
_pdbx_validate_close_contact.auth_atom_id_1   OG 
_pdbx_validate_close_contact.auth_asym_id_1   A 
_pdbx_validate_close_contact.auth_comp_id_1   SER 
_pdbx_validate_close_contact.auth_seq_id_1    32 
_pdbx_validate_close_contact.PDB_ins_code_1   ? 
_pdbx_validate_close_contact.label_alt_id_1   B 
_pdbx_validate_close_contact.auth_atom_id_2   O 
_pdbx_validate_close_contact.auth_asym_id_2   A 
_pdbx_validate_close_contact.auth_comp_id_2   HOH 
_pdbx_validate_close_contact.auth_seq_id_2    301 
_pdbx_validate_close_contact.PDB_ins_code_2   ? 
_pdbx_validate_close_contact.label_alt_id_2   ? 
_pdbx_validate_close_contact.dist             2.17 
# 
_pdbx_validate_torsion.id              1 
_pdbx_validate_torsion.PDB_model_num   1 
_pdbx_validate_torsion.auth_comp_id    LYS 
_pdbx_validate_torsion.auth_asym_id    A 
_pdbx_validate_torsion.auth_seq_id     108 
_pdbx_validate_torsion.PDB_ins_code    ? 
_pdbx_validate_torsion.label_alt_id    ? 
_pdbx_validate_torsion.phi             -114.08 
_pdbx_validate_torsion.psi             55.43 
# 
loop_
_pdbx_unobs_or_zero_occ_residues.id 
_pdbx_unobs_or_zero_occ_residues.PDB_model_num 
_pdbx_unobs_or_zero_occ_residues.polymer_flag 
_pdbx_unobs_or_zero_occ_residues.occupancy_flag 
_pdbx_unobs_or_zero_occ_residues.auth_asym_id 
_pdbx_unobs_or_zero_occ_residues.auth_comp_id 
_pdbx_unobs_or_zero_occ_residues.auth_seq_id 
_pdbx_unobs_or_zero_occ_residues.PDB_ins_code 
_pdbx_unobs_or_zero_occ_residues.label_asym_id 
_pdbx_unobs_or_zero_occ_residues.label_comp_id 
_pdbx_unobs_or_zero_occ_residues.label_seq_id 
1 1 Y 1 A MET 1   ? A MET 1   
2 1 Y 1 A ALA 2   ? A ALA 2   
3 1 Y 1 A VAL 3   ? A VAL 3   
4 1 Y 1 A SER 4   ? A SER 4   
5 1 Y 1 A THR 5   ? A THR 5   
6 1 Y 1 A GLY 6   ? A GLY 6   
7 1 Y 1 A ASN 144 ? A ASN 144 
8 1 Y 1 A ASN 145 ? A ASN 145 
# 
loop_
_chem_comp_atom.comp_id 
_chem_comp_atom.atom_id 
_chem_comp_atom.type_symbol 
_chem_comp_atom.pdbx_aromatic_flag 
_chem_comp_atom.pdbx_stereo_config 
_chem_comp_atom.pdbx_ordinal 
ALA N    N N N 1   
ALA CA   C N S 2   
ALA C    C N N 3   
ALA O    O N N 4   
ALA CB   C N N 5   
ALA OXT  O N N 6   
ALA H    H N N 7   
ALA H2   H N N 8   
ALA HA   H N N 9   
ALA HB1  H N N 10  
ALA HB2  H N N 11  
ALA HB3  H N N 12  
ALA HXT  H N N 13  
ARG N    N N N 14  
ARG CA   C N S 15  
ARG C    C N N 16  
ARG O    O N N 17  
ARG CB   C N N 18  
ARG CG   C N N 19  
ARG CD   C N N 20  
ARG NE   N N N 21  
ARG CZ   C N N 22  
ARG NH1  N N N 23  
ARG NH2  N N N 24  
ARG OXT  O N N 25  
ARG H    H N N 26  
ARG H2   H N N 27  
ARG HA   H N N 28  
ARG HB2  H N N 29  
ARG HB3  H N N 30  
ARG HG2  H N N 31  
ARG HG3  H N N 32  
ARG HD2  H N N 33  
ARG HD3  H N N 34  
ARG HE   H N N 35  
ARG HH11 H N N 36  
ARG HH12 H N N 37  
ARG HH21 H N N 38  
ARG HH22 H N N 39  
ARG HXT  H N N 40  
ASN N    N N N 41  
ASN CA   C N S 42  
ASN C    C N N 43  
ASN O    O N N 44  
ASN CB   C N N 45  
ASN CG   C N N 46  
ASN OD1  O N N 47  
ASN ND2  N N N 48  
ASN OXT  O N N 49  
ASN H    H N N 50  
ASN H2   H N N 51  
ASN HA   H N N 52  
ASN HB2  H N N 53  
ASN HB3  H N N 54  
ASN HD21 H N N 55  
ASN HD22 H N N 56  
ASN HXT  H N N 57  
ASP N    N N N 58  
ASP CA   C N S 59  
ASP C    C N N 60  
ASP O    O N N 61  
ASP CB   C N N 62  
ASP CG   C N N 63  
ASP OD1  O N N 64  
ASP OD2  O N N 65  
ASP OXT  O N N 66  
ASP H    H N N 67  
ASP H2   H N N 68  
ASP HA   H N N 69  
ASP HB2  H N N 70  
ASP HB3  H N N 71  
ASP HD2  H N N 72  
ASP HXT  H N N 73  
CYS N    N N N 74  
CYS CA   C N R 75  
CYS C    C N N 76  
CYS O    O N N 77  
CYS CB   C N N 78  
CYS SG   S N N 79  
CYS OXT  O N N 80  
CYS H    H N N 81  
CYS H2   H N N 82  
CYS HA   H N N 83  
CYS HB2  H N N 84  
CYS HB3  H N N 85  
CYS HG   H N N 86  
CYS HXT  H N N 87  
EDO C1   C N N 88  
EDO O1   O N N 89  
EDO C2   C N N 90  
EDO O2   O N N 91  
EDO H11  H N N 92  
EDO H12  H N N 93  
EDO HO1  H N N 94  
EDO H21  H N N 95  
EDO H22  H N N 96  
EDO HO2  H N N 97  
GLN N    N N N 98  
GLN CA   C N S 99  
GLN C    C N N 100 
GLN O    O N N 101 
GLN CB   C N N 102 
GLN CG   C N N 103 
GLN CD   C N N 104 
GLN OE1  O N N 105 
GLN NE2  N N N 106 
GLN OXT  O N N 107 
GLN H    H N N 108 
GLN H2   H N N 109 
GLN HA   H N N 110 
GLN HB2  H N N 111 
GLN HB3  H N N 112 
GLN HG2  H N N 113 
GLN HG3  H N N 114 
GLN HE21 H N N 115 
GLN HE22 H N N 116 
GLN HXT  H N N 117 
GLU N    N N N 118 
GLU CA   C N S 119 
GLU C    C N N 120 
GLU O    O N N 121 
GLU CB   C N N 122 
GLU CG   C N N 123 
GLU CD   C N N 124 
GLU OE1  O N N 125 
GLU OE2  O N N 126 
GLU OXT  O N N 127 
GLU H    H N N 128 
GLU H2   H N N 129 
GLU HA   H N N 130 
GLU HB2  H N N 131 
GLU HB3  H N N 132 
GLU HG2  H N N 133 
GLU HG3  H N N 134 
GLU HE2  H N N 135 
GLU HXT  H N N 136 
GLY N    N N N 137 
GLY CA   C N N 138 
GLY C    C N N 139 
GLY O    O N N 140 
GLY OXT  O N N 141 
GLY H    H N N 142 
GLY H2   H N N 143 
GLY HA2  H N N 144 
GLY HA3  H N N 145 
GLY HXT  H N N 146 
HOH O    O N N 147 
HOH H1   H N N 148 
HOH H2   H N N 149 
ILE N    N N N 150 
ILE CA   C N S 151 
ILE C    C N N 152 
ILE O    O N N 153 
ILE CB   C N S 154 
ILE CG1  C N N 155 
ILE CG2  C N N 156 
ILE CD1  C N N 157 
ILE OXT  O N N 158 
ILE H    H N N 159 
ILE H2   H N N 160 
ILE HA   H N N 161 
ILE HB   H N N 162 
ILE HG12 H N N 163 
ILE HG13 H N N 164 
ILE HG21 H N N 165 
ILE HG22 H N N 166 
ILE HG23 H N N 167 
ILE HD11 H N N 168 
ILE HD12 H N N 169 
ILE HD13 H N N 170 
ILE HXT  H N N 171 
LEU N    N N N 172 
LEU CA   C N S 173 
LEU C    C N N 174 
LEU O    O N N 175 
LEU CB   C N N 176 
LEU CG   C N N 177 
LEU CD1  C N N 178 
LEU CD2  C N N 179 
LEU OXT  O N N 180 
LEU H    H N N 181 
LEU H2   H N N 182 
LEU HA   H N N 183 
LEU HB2  H N N 184 
LEU HB3  H N N 185 
LEU HG   H N N 186 
LEU HD11 H N N 187 
LEU HD12 H N N 188 
LEU HD13 H N N 189 
LEU HD21 H N N 190 
LEU HD22 H N N 191 
LEU HD23 H N N 192 
LEU HXT  H N N 193 
LYS N    N N N 194 
LYS CA   C N S 195 
LYS C    C N N 196 
LYS O    O N N 197 
LYS CB   C N N 198 
LYS CG   C N N 199 
LYS CD   C N N 200 
LYS CE   C N N 201 
LYS NZ   N N N 202 
LYS OXT  O N N 203 
LYS H    H N N 204 
LYS H2   H N N 205 
LYS HA   H N N 206 
LYS HB2  H N N 207 
LYS HB3  H N N 208 
LYS HG2  H N N 209 
LYS HG3  H N N 210 
LYS HD2  H N N 211 
LYS HD3  H N N 212 
LYS HE2  H N N 213 
LYS HE3  H N N 214 
LYS HZ1  H N N 215 
LYS HZ2  H N N 216 
LYS HZ3  H N N 217 
LYS HXT  H N N 218 
MET N    N N N 219 
MET CA   C N S 220 
MET C    C N N 221 
MET O    O N N 222 
MET CB   C N N 223 
MET CG   C N N 224 
MET SD   S N N 225 
MET CE   C N N 226 
MET OXT  O N N 227 
MET H    H N N 228 
MET H2   H N N 229 
MET HA   H N N 230 
MET HB2  H N N 231 
MET HB3  H N N 232 
MET HG2  H N N 233 
MET HG3  H N N 234 
MET HE1  H N N 235 
MET HE2  H N N 236 
MET HE3  H N N 237 
MET HXT  H N N 238 
PHE N    N N N 239 
PHE CA   C N S 240 
PHE C    C N N 241 
PHE O    O N N 242 
PHE CB   C N N 243 
PHE CG   C Y N 244 
PHE CD1  C Y N 245 
PHE CD2  C Y N 246 
PHE CE1  C Y N 247 
PHE CE2  C Y N 248 
PHE CZ   C Y N 249 
PHE OXT  O N N 250 
PHE H    H N N 251 
PHE H2   H N N 252 
PHE HA   H N N 253 
PHE HB2  H N N 254 
PHE HB3  H N N 255 
PHE HD1  H N N 256 
PHE HD2  H N N 257 
PHE HE1  H N N 258 
PHE HE2  H N N 259 
PHE HZ   H N N 260 
PHE HXT  H N N 261 
PRO N    N N N 262 
PRO CA   C N S 263 
PRO C    C N N 264 
PRO O    O N N 265 
PRO CB   C N N 266 
PRO CG   C N N 267 
PRO CD   C N N 268 
PRO OXT  O N N 269 
PRO H    H N N 270 
PRO HA   H N N 271 
PRO HB2  H N N 272 
PRO HB3  H N N 273 
PRO HG2  H N N 274 
PRO HG3  H N N 275 
PRO HD2  H N N 276 
PRO HD3  H N N 277 
PRO HXT  H N N 278 
SER N    N N N 279 
SER CA   C N S 280 
SER C    C N N 281 
SER O    O N N 282 
SER CB   C N N 283 
SER OG   O N N 284 
SER OXT  O N N 285 
SER H    H N N 286 
SER H2   H N N 287 
SER HA   H N N 288 
SER HB2  H N N 289 
SER HB3  H N N 290 
SER HG   H N N 291 
SER HXT  H N N 292 
SO4 S    S N N 293 
SO4 O1   O N N 294 
SO4 O2   O N N 295 
SO4 O3   O N N 296 
SO4 O4   O N N 297 
THR N    N N N 298 
THR CA   C N S 299 
THR C    C N N 300 
THR O    O N N 301 
THR CB   C N R 302 
THR OG1  O N N 303 
THR CG2  C N N 304 
THR OXT  O N N 305 
THR H    H N N 306 
THR H2   H N N 307 
THR HA   H N N 308 
THR HB   H N N 309 
THR HG1  H N N 310 
THR HG21 H N N 311 
THR HG22 H N N 312 
THR HG23 H N N 313 
THR HXT  H N N 314 
TRP N    N N N 315 
TRP CA   C N S 316 
TRP C    C N N 317 
TRP O    O N N 318 
TRP CB   C N N 319 
TRP CG   C Y N 320 
TRP CD1  C Y N 321 
TRP CD2  C Y N 322 
TRP NE1  N Y N 323 
TRP CE2  C Y N 324 
TRP CE3  C Y N 325 
TRP CZ2  C Y N 326 
TRP CZ3  C Y N 327 
TRP CH2  C Y N 328 
TRP OXT  O N N 329 
TRP H    H N N 330 
TRP H2   H N N 331 
TRP HA   H N N 332 
TRP HB2  H N N 333 
TRP HB3  H N N 334 
TRP HD1  H N N 335 
TRP HE1  H N N 336 
TRP HE3  H N N 337 
TRP HZ2  H N N 338 
TRP HZ3  H N N 339 
TRP HH2  H N N 340 
TRP HXT  H N N 341 
TYR N    N N N 342 
TYR CA   C N S 343 
TYR C    C N N 344 
TYR O    O N N 345 
TYR CB   C N N 346 
TYR CG   C Y N 347 
TYR CD1  C Y N 348 
TYR CD2  C Y N 349 
TYR CE1  C Y N 350 
TYR CE2  C Y N 351 
TYR CZ   C Y N 352 
TYR OH   O N N 353 
TYR OXT  O N N 354 
TYR H    H N N 355 
TYR H2   H N N 356 
TYR HA   H N N 357 
TYR HB2  H N N 358 
TYR HB3  H N N 359 
TYR HD1  H N N 360 
TYR HD2  H N N 361 
TYR HE1  H N N 362 
TYR HE2  H N N 363 
TYR HH   H N N 364 
TYR HXT  H N N 365 
VAL N    N N N 366 
VAL CA   C N S 367 
VAL C    C N N 368 
VAL O    O N N 369 
VAL CB   C N N 370 
VAL CG1  C N N 371 
VAL CG2  C N N 372 
VAL OXT  O N N 373 
VAL H    H N N 374 
VAL H2   H N N 375 
VAL HA   H N N 376 
VAL HB   H N N 377 
VAL HG11 H N N 378 
VAL HG12 H N N 379 
VAL HG13 H N N 380 
VAL HG21 H N N 381 
VAL HG22 H N N 382 
VAL HG23 H N N 383 
VAL HXT  H N N 384 
# 
loop_
_chem_comp_bond.comp_id 
_chem_comp_bond.atom_id_1 
_chem_comp_bond.atom_id_2 
_chem_comp_bond.value_order 
_chem_comp_bond.pdbx_aromatic_flag 
_chem_comp_bond.pdbx_stereo_config 
_chem_comp_bond.pdbx_ordinal 
ALA N   CA   sing N N 1   
ALA N   H    sing N N 2   
ALA N   H2   sing N N 3   
ALA CA  C    sing N N 4   
ALA CA  CB   sing N N 5   
ALA CA  HA   sing N N 6   
ALA C   O    doub N N 7   
ALA C   OXT  sing N N 8   
ALA CB  HB1  sing N N 9   
ALA CB  HB2  sing N N 10  
ALA CB  HB3  sing N N 11  
ALA OXT HXT  sing N N 12  
ARG N   CA   sing N N 13  
ARG N   H    sing N N 14  
ARG N   H2   sing N N 15  
ARG CA  C    sing N N 16  
ARG CA  CB   sing N N 17  
ARG CA  HA   sing N N 18  
ARG C   O    doub N N 19  
ARG C   OXT  sing N N 20  
ARG CB  CG   sing N N 21  
ARG CB  HB2  sing N N 22  
ARG CB  HB3  sing N N 23  
ARG CG  CD   sing N N 24  
ARG CG  HG2  sing N N 25  
ARG CG  HG3  sing N N 26  
ARG CD  NE   sing N N 27  
ARG CD  HD2  sing N N 28  
ARG CD  HD3  sing N N 29  
ARG NE  CZ   sing N N 30  
ARG NE  HE   sing N N 31  
ARG CZ  NH1  sing N N 32  
ARG CZ  NH2  doub N N 33  
ARG NH1 HH11 sing N N 34  
ARG NH1 HH12 sing N N 35  
ARG NH2 HH21 sing N N 36  
ARG NH2 HH22 sing N N 37  
ARG OXT HXT  sing N N 38  
ASN N   CA   sing N N 39  
ASN N   H    sing N N 40  
ASN N   H2   sing N N 41  
ASN CA  C    sing N N 42  
ASN CA  CB   sing N N 43  
ASN CA  HA   sing N N 44  
ASN C   O    doub N N 45  
ASN C   OXT  sing N N 46  
ASN CB  CG   sing N N 47  
ASN CB  HB2  sing N N 48  
ASN CB  HB3  sing N N 49  
ASN CG  OD1  doub N N 50  
ASN CG  ND2  sing N N 51  
ASN ND2 HD21 sing N N 52  
ASN ND2 HD22 sing N N 53  
ASN OXT HXT  sing N N 54  
ASP N   CA   sing N N 55  
ASP N   H    sing N N 56  
ASP N   H2   sing N N 57  
ASP CA  C    sing N N 58  
ASP CA  CB   sing N N 59  
ASP CA  HA   sing N N 60  
ASP C   O    doub N N 61  
ASP C   OXT  sing N N 62  
ASP CB  CG   sing N N 63  
ASP CB  HB2  sing N N 64  
ASP CB  HB3  sing N N 65  
ASP CG  OD1  doub N N 66  
ASP CG  OD2  sing N N 67  
ASP OD2 HD2  sing N N 68  
ASP OXT HXT  sing N N 69  
CYS N   CA   sing N N 70  
CYS N   H    sing N N 71  
CYS N   H2   sing N N 72  
CYS CA  C    sing N N 73  
CYS CA  CB   sing N N 74  
CYS CA  HA   sing N N 75  
CYS C   O    doub N N 76  
CYS C   OXT  sing N N 77  
CYS CB  SG   sing N N 78  
CYS CB  HB2  sing N N 79  
CYS CB  HB3  sing N N 80  
CYS SG  HG   sing N N 81  
CYS OXT HXT  sing N N 82  
EDO C1  O1   sing N N 83  
EDO C1  C2   sing N N 84  
EDO C1  H11  sing N N 85  
EDO C1  H12  sing N N 86  
EDO O1  HO1  sing N N 87  
EDO C2  O2   sing N N 88  
EDO C2  H21  sing N N 89  
EDO C2  H22  sing N N 90  
EDO O2  HO2  sing N N 91  
GLN N   CA   sing N N 92  
GLN N   H    sing N N 93  
GLN N   H2   sing N N 94  
GLN CA  C    sing N N 95  
GLN CA  CB   sing N N 96  
GLN CA  HA   sing N N 97  
GLN C   O    doub N N 98  
GLN C   OXT  sing N N 99  
GLN CB  CG   sing N N 100 
GLN CB  HB2  sing N N 101 
GLN CB  HB3  sing N N 102 
GLN CG  CD   sing N N 103 
GLN CG  HG2  sing N N 104 
GLN CG  HG3  sing N N 105 
GLN CD  OE1  doub N N 106 
GLN CD  NE2  sing N N 107 
GLN NE2 HE21 sing N N 108 
GLN NE2 HE22 sing N N 109 
GLN OXT HXT  sing N N 110 
GLU N   CA   sing N N 111 
GLU N   H    sing N N 112 
GLU N   H2   sing N N 113 
GLU CA  C    sing N N 114 
GLU CA  CB   sing N N 115 
GLU CA  HA   sing N N 116 
GLU C   O    doub N N 117 
GLU C   OXT  sing N N 118 
GLU CB  CG   sing N N 119 
GLU CB  HB2  sing N N 120 
GLU CB  HB3  sing N N 121 
GLU CG  CD   sing N N 122 
GLU CG  HG2  sing N N 123 
GLU CG  HG3  sing N N 124 
GLU CD  OE1  doub N N 125 
GLU CD  OE2  sing N N 126 
GLU OE2 HE2  sing N N 127 
GLU OXT HXT  sing N N 128 
GLY N   CA   sing N N 129 
GLY N   H    sing N N 130 
GLY N   H2   sing N N 131 
GLY CA  C    sing N N 132 
GLY CA  HA2  sing N N 133 
GLY CA  HA3  sing N N 134 
GLY C   O    doub N N 135 
GLY C   OXT  sing N N 136 
GLY OXT HXT  sing N N 137 
HOH O   H1   sing N N 138 
HOH O   H2   sing N N 139 
ILE N   CA   sing N N 140 
ILE N   H    sing N N 141 
ILE N   H2   sing N N 142 
ILE CA  C    sing N N 143 
ILE CA  CB   sing N N 144 
ILE CA  HA   sing N N 145 
ILE C   O    doub N N 146 
ILE C   OXT  sing N N 147 
ILE CB  CG1  sing N N 148 
ILE CB  CG2  sing N N 149 
ILE CB  HB   sing N N 150 
ILE CG1 CD1  sing N N 151 
ILE CG1 HG12 sing N N 152 
ILE CG1 HG13 sing N N 153 
ILE CG2 HG21 sing N N 154 
ILE CG2 HG22 sing N N 155 
ILE CG2 HG23 sing N N 156 
ILE CD1 HD11 sing N N 157 
ILE CD1 HD12 sing N N 158 
ILE CD1 HD13 sing N N 159 
ILE OXT HXT  sing N N 160 
LEU N   CA   sing N N 161 
LEU N   H    sing N N 162 
LEU N   H2   sing N N 163 
LEU CA  C    sing N N 164 
LEU CA  CB   sing N N 165 
LEU CA  HA   sing N N 166 
LEU C   O    doub N N 167 
LEU C   OXT  sing N N 168 
LEU CB  CG   sing N N 169 
LEU CB  HB2  sing N N 170 
LEU CB  HB3  sing N N 171 
LEU CG  CD1  sing N N 172 
LEU CG  CD2  sing N N 173 
LEU CG  HG   sing N N 174 
LEU CD1 HD11 sing N N 175 
LEU CD1 HD12 sing N N 176 
LEU CD1 HD13 sing N N 177 
LEU CD2 HD21 sing N N 178 
LEU CD2 HD22 sing N N 179 
LEU CD2 HD23 sing N N 180 
LEU OXT HXT  sing N N 181 
LYS N   CA   sing N N 182 
LYS N   H    sing N N 183 
LYS N   H2   sing N N 184 
LYS CA  C    sing N N 185 
LYS CA  CB   sing N N 186 
LYS CA  HA   sing N N 187 
LYS C   O    doub N N 188 
LYS C   OXT  sing N N 189 
LYS CB  CG   sing N N 190 
LYS CB  HB2  sing N N 191 
LYS CB  HB3  sing N N 192 
LYS CG  CD   sing N N 193 
LYS CG  HG2  sing N N 194 
LYS CG  HG3  sing N N 195 
LYS CD  CE   sing N N 196 
LYS CD  HD2  sing N N 197 
LYS CD  HD3  sing N N 198 
LYS CE  NZ   sing N N 199 
LYS CE  HE2  sing N N 200 
LYS CE  HE3  sing N N 201 
LYS NZ  HZ1  sing N N 202 
LYS NZ  HZ2  sing N N 203 
LYS NZ  HZ3  sing N N 204 
LYS OXT HXT  sing N N 205 
MET N   CA   sing N N 206 
MET N   H    sing N N 207 
MET N   H2   sing N N 208 
MET CA  C    sing N N 209 
MET CA  CB   sing N N 210 
MET CA  HA   sing N N 211 
MET C   O    doub N N 212 
MET C   OXT  sing N N 213 
MET CB  CG   sing N N 214 
MET CB  HB2  sing N N 215 
MET CB  HB3  sing N N 216 
MET CG  SD   sing N N 217 
MET CG  HG2  sing N N 218 
MET CG  HG3  sing N N 219 
MET SD  CE   sing N N 220 
MET CE  HE1  sing N N 221 
MET CE  HE2  sing N N 222 
MET CE  HE3  sing N N 223 
MET OXT HXT  sing N N 224 
PHE N   CA   sing N N 225 
PHE N   H    sing N N 226 
PHE N   H2   sing N N 227 
PHE CA  C    sing N N 228 
PHE CA  CB   sing N N 229 
PHE CA  HA   sing N N 230 
PHE C   O    doub N N 231 
PHE C   OXT  sing N N 232 
PHE CB  CG   sing N N 233 
PHE CB  HB2  sing N N 234 
PHE CB  HB3  sing N N 235 
PHE CG  CD1  doub Y N 236 
PHE CG  CD2  sing Y N 237 
PHE CD1 CE1  sing Y N 238 
PHE CD1 HD1  sing N N 239 
PHE CD2 CE2  doub Y N 240 
PHE CD2 HD2  sing N N 241 
PHE CE1 CZ   doub Y N 242 
PHE CE1 HE1  sing N N 243 
PHE CE2 CZ   sing Y N 244 
PHE CE2 HE2  sing N N 245 
PHE CZ  HZ   sing N N 246 
PHE OXT HXT  sing N N 247 
PRO N   CA   sing N N 248 
PRO N   CD   sing N N 249 
PRO N   H    sing N N 250 
PRO CA  C    sing N N 251 
PRO CA  CB   sing N N 252 
PRO CA  HA   sing N N 253 
PRO C   O    doub N N 254 
PRO C   OXT  sing N N 255 
PRO CB  CG   sing N N 256 
PRO CB  HB2  sing N N 257 
PRO CB  HB3  sing N N 258 
PRO CG  CD   sing N N 259 
PRO CG  HG2  sing N N 260 
PRO CG  HG3  sing N N 261 
PRO CD  HD2  sing N N 262 
PRO CD  HD3  sing N N 263 
PRO OXT HXT  sing N N 264 
SER N   CA   sing N N 265 
SER N   H    sing N N 266 
SER N   H2   sing N N 267 
SER CA  C    sing N N 268 
SER CA  CB   sing N N 269 
SER CA  HA   sing N N 270 
SER C   O    doub N N 271 
SER C   OXT  sing N N 272 
SER CB  OG   sing N N 273 
SER CB  HB2  sing N N 274 
SER CB  HB3  sing N N 275 
SER OG  HG   sing N N 276 
SER OXT HXT  sing N N 277 
SO4 S   O1   doub N N 278 
SO4 S   O2   doub N N 279 
SO4 S   O3   sing N N 280 
SO4 S   O4   sing N N 281 
THR N   CA   sing N N 282 
THR N   H    sing N N 283 
THR N   H2   sing N N 284 
THR CA  C    sing N N 285 
THR CA  CB   sing N N 286 
THR CA  HA   sing N N 287 
THR C   O    doub N N 288 
THR C   OXT  sing N N 289 
THR CB  OG1  sing N N 290 
THR CB  CG2  sing N N 291 
THR CB  HB   sing N N 292 
THR OG1 HG1  sing N N 293 
THR CG2 HG21 sing N N 294 
THR CG2 HG22 sing N N 295 
THR CG2 HG23 sing N N 296 
THR OXT HXT  sing N N 297 
TRP N   CA   sing N N 298 
TRP N   H    sing N N 299 
TRP N   H2   sing N N 300 
TRP CA  C    sing N N 301 
TRP CA  CB   sing N N 302 
TRP CA  HA   sing N N 303 
TRP C   O    doub N N 304 
TRP C   OXT  sing N N 305 
TRP CB  CG   sing N N 306 
TRP CB  HB2  sing N N 307 
TRP CB  HB3  sing N N 308 
TRP CG  CD1  doub Y N 309 
TRP CG  CD2  sing Y N 310 
TRP CD1 NE1  sing Y N 311 
TRP CD1 HD1  sing N N 312 
TRP CD2 CE2  doub Y N 313 
TRP CD2 CE3  sing Y N 314 
TRP NE1 CE2  sing Y N 315 
TRP NE1 HE1  sing N N 316 
TRP CE2 CZ2  sing Y N 317 
TRP CE3 CZ3  doub Y N 318 
TRP CE3 HE3  sing N N 319 
TRP CZ2 CH2  doub Y N 320 
TRP CZ2 HZ2  sing N N 321 
TRP CZ3 CH2  sing Y N 322 
TRP CZ3 HZ3  sing N N 323 
TRP CH2 HH2  sing N N 324 
TRP OXT HXT  sing N N 325 
TYR N   CA   sing N N 326 
TYR N   H    sing N N 327 
TYR N   H2   sing N N 328 
TYR CA  C    sing N N 329 
TYR CA  CB   sing N N 330 
TYR CA  HA   sing N N 331 
TYR C   O    doub N N 332 
TYR C   OXT  sing N N 333 
TYR CB  CG   sing N N 334 
TYR CB  HB2  sing N N 335 
TYR CB  HB3  sing N N 336 
TYR CG  CD1  doub Y N 337 
TYR CG  CD2  sing Y N 338 
TYR CD1 CE1  sing Y N 339 
TYR CD1 HD1  sing N N 340 
TYR CD2 CE2  doub Y N 341 
TYR CD2 HD2  sing N N 342 
TYR CE1 CZ   doub Y N 343 
TYR CE1 HE1  sing N N 344 
TYR CE2 CZ   sing Y N 345 
TYR CE2 HE2  sing N N 346 
TYR CZ  OH   sing N N 347 
TYR OH  HH   sing N N 348 
TYR OXT HXT  sing N N 349 
VAL N   CA   sing N N 350 
VAL N   H    sing N N 351 
VAL N   H2   sing N N 352 
VAL CA  C    sing N N 353 
VAL CA  CB   sing N N 354 
VAL CA  HA   sing N N 355 
VAL C   O    doub N N 356 
VAL C   OXT  sing N N 357 
VAL CB  CG1  sing N N 358 
VAL CB  CG2  sing N N 359 
VAL CB  HB   sing N N 360 
VAL CG1 HG11 sing N N 361 
VAL CG1 HG12 sing N N 362 
VAL CG1 HG13 sing N N 363 
VAL CG2 HG21 sing N N 364 
VAL CG2 HG22 sing N N 365 
VAL CG2 HG23 sing N N 366 
VAL OXT HXT  sing N N 367 
# 
_pdbx_audit_support.funding_organization   'Not funded' 
_pdbx_audit_support.country                ? 
_pdbx_audit_support.grant_number           ? 
_pdbx_audit_support.ordinal                1 
# 
loop_
_pdbx_entity_nonpoly.entity_id 
_pdbx_entity_nonpoly.name 
_pdbx_entity_nonpoly.comp_id 
2 'SULFATE ION'  SO4 
3 1,2-ETHANEDIOL EDO 
4 water          HOH 
# 
_pdbx_initial_refinement_model.id               1 
_pdbx_initial_refinement_model.entity_id_list   ? 
_pdbx_initial_refinement_model.type             'experimental model' 
_pdbx_initial_refinement_model.source_name      PDB 
_pdbx_initial_refinement_model.accession_code   1J74 
_pdbx_initial_refinement_model.details          ? 
# 
_pdbx_struct_assembly_auth_evidence.id                     1 
_pdbx_struct_assembly_auth_evidence.assembly_id            1 
_pdbx_struct_assembly_auth_evidence.experimental_support   'gel filtration' 
_pdbx_struct_assembly_auth_evidence.details                ? 
# 
